data_8QKO
#
_entry.id   8QKO
#
_entity_poly.entity_id   1
_entity_poly.type   'polypeptide(L)'
_entity_poly.pdbx_seq_one_letter_code
;MGDWSALGKLLDKVQAYSTAGGKVWLSVLFIFRILLLGTAVESAWGDEQSAFRCNTQQPGCENVCYDKSFPISHVRFWVL
QIIFVSVPTLLYLAHVFYVMRKEEKLNKKEEELKVAQTDGVNVDMHLKQIEIKKFKYGIEEHGKVKMRGGLLRTYIISIL
FKSIFEVAFLLIQWYIYGFSLSAVYTCKRDPCPHQVDCFLSRPTEKTIFIIFMLVVSLVSLALNIIELFYVFFKGVKDRV
KGKSDPYHATSGALSPAKDCGSQKYAYFNGCSSPTAPLSPMSPPGYKLVTGDRNNSSCRNYNKQASEQNWANYSAEQNRM
GQAGSTISNSHAQPFDFPDDNQNSKKLAAGHELQPLAIVDQRPSSRASSRASSRPRPDDLEI
;
_entity_poly.pdbx_strand_id   A,B,C,D,E,F,G,H,I,J,K,L
#
# COMPACT_ATOMS: atom_id res chain seq x y z
N GLY A 2 11.66 6.87 -66.39
CA GLY A 2 12.52 7.38 -65.35
C GLY A 2 13.07 8.77 -65.63
N ASP A 3 13.20 9.56 -64.57
CA ASP A 3 13.80 10.89 -64.64
C ASP A 3 15.03 10.98 -63.75
N TRP A 4 15.82 9.90 -63.72
CA TRP A 4 17.02 9.88 -62.90
C TRP A 4 18.05 10.87 -63.42
N SER A 5 18.18 11.00 -64.74
CA SER A 5 19.10 11.98 -65.31
C SER A 5 18.67 13.40 -64.95
N ALA A 6 17.36 13.67 -64.98
CA ALA A 6 16.87 14.98 -64.57
C ALA A 6 17.18 15.25 -63.11
N LEU A 7 16.99 14.25 -62.25
CA LEU A 7 17.34 14.41 -60.84
C LEU A 7 18.83 14.65 -60.65
N GLY A 8 19.66 13.92 -61.40
CA GLY A 8 21.10 14.10 -61.27
C GLY A 8 21.56 15.48 -61.68
N LYS A 9 21.08 15.96 -62.83
CA LYS A 9 21.47 17.29 -63.28
C LYS A 9 20.92 18.38 -62.35
N LEU A 10 19.73 18.17 -61.80
CA LEU A 10 19.19 19.11 -60.83
C LEU A 10 20.08 19.19 -59.60
N LEU A 11 20.54 18.05 -59.11
CA LEU A 11 21.46 18.04 -57.98
C LEU A 11 22.75 18.76 -58.32
N ASP A 12 23.26 18.55 -59.53
CA ASP A 12 24.54 19.16 -59.93
C ASP A 12 24.44 20.68 -59.94
N LYS A 13 23.40 21.23 -60.58
CA LYS A 13 23.27 22.68 -60.64
C LYS A 13 22.90 23.28 -59.29
N VAL A 14 22.26 22.52 -58.41
CA VAL A 14 22.03 22.99 -57.06
C VAL A 14 23.35 23.10 -56.29
N GLN A 15 24.19 22.06 -56.40
CA GLN A 15 25.44 22.03 -55.65
C GLN A 15 26.55 22.79 -56.34
N ALA A 16 26.33 23.31 -57.54
CA ALA A 16 27.39 23.99 -58.28
C ALA A 16 27.85 25.27 -57.59
N TYR A 17 27.04 25.82 -56.68
CA TYR A 17 27.38 27.07 -56.00
C TYR A 17 27.99 26.82 -54.62
N SER A 18 28.71 25.71 -54.44
CA SER A 18 29.27 25.35 -53.15
C SER A 18 30.71 24.89 -53.31
N THR A 19 31.42 24.89 -52.18
CA THR A 19 32.83 24.48 -52.15
C THR A 19 32.96 23.00 -52.48
N ALA A 20 34.18 22.63 -52.91
CA ALA A 20 34.43 21.25 -53.34
C ALA A 20 34.11 20.25 -52.24
N GLY A 21 34.57 20.51 -51.02
CA GLY A 21 34.31 19.62 -49.90
C GLY A 21 33.19 20.10 -49.00
N GLY A 22 32.77 21.36 -49.18
CA GLY A 22 31.78 21.93 -48.28
C GLY A 22 30.43 21.24 -48.35
N LYS A 23 29.93 20.99 -49.56
CA LYS A 23 28.59 20.46 -49.71
C LYS A 23 28.49 19.03 -49.18
N VAL A 24 29.50 18.21 -49.46
CA VAL A 24 29.50 16.83 -48.96
C VAL A 24 29.58 16.83 -47.44
N TRP A 25 30.44 17.68 -46.86
CA TRP A 25 30.55 17.74 -45.41
C TRP A 25 29.23 18.16 -44.77
N LEU A 26 28.54 19.15 -45.35
CA LEU A 26 27.25 19.54 -44.83
C LEU A 26 26.23 18.41 -44.93
N SER A 27 26.21 17.72 -46.06
CA SER A 27 25.22 16.66 -46.25
C SER A 27 25.45 15.51 -45.28
N VAL A 28 26.71 15.09 -45.11
CA VAL A 28 26.99 13.99 -44.20
C VAL A 28 26.72 14.42 -42.75
N LEU A 29 27.01 15.67 -42.43
CA LEU A 29 26.70 16.18 -41.09
C LEU A 29 25.21 16.14 -40.84
N PHE A 30 24.41 16.57 -41.82
CA PHE A 30 22.97 16.60 -41.64
C PHE A 30 22.41 15.20 -41.44
N ILE A 31 22.81 14.25 -42.29
CA ILE A 31 22.28 12.90 -42.17
C ILE A 31 22.78 12.24 -40.89
N PHE A 32 24.03 12.53 -40.52
CA PHE A 32 24.56 12.03 -39.25
C PHE A 32 23.71 12.51 -38.08
N ARG A 33 23.42 13.80 -38.04
CA ARG A 33 22.66 14.36 -36.92
C ARG A 33 21.26 13.80 -36.87
N ILE A 34 20.57 13.74 -38.01
CA ILE A 34 19.15 13.38 -37.99
C ILE A 34 18.96 11.91 -37.63
N LEU A 35 19.80 11.03 -38.16
CA LEU A 35 19.66 9.62 -37.82
C LEU A 35 20.06 9.36 -36.37
N LEU A 36 21.05 10.11 -35.87
CA LEU A 36 21.38 10.03 -34.45
C LEU A 36 20.18 10.43 -33.59
N LEU A 37 19.53 11.53 -33.96
CA LEU A 37 18.37 11.98 -33.19
C LEU A 37 17.22 10.97 -33.29
N GLY A 38 17.03 10.39 -34.47
CA GLY A 38 15.93 9.45 -34.64
C GLY A 38 16.12 8.17 -33.84
N THR A 39 17.36 7.71 -33.71
CA THR A 39 17.64 6.41 -33.10
C THR A 39 18.06 6.50 -31.64
N ALA A 40 19.02 7.37 -31.33
CA ALA A 40 19.65 7.34 -30.00
C ALA A 40 18.80 8.06 -28.96
N VAL A 41 18.59 9.37 -29.15
CA VAL A 41 18.00 10.17 -28.08
C VAL A 41 16.52 9.90 -27.89
N GLU A 42 15.85 9.29 -28.88
CA GLU A 42 14.42 9.05 -28.74
C GLU A 42 14.12 8.17 -27.54
N SER A 43 14.86 7.07 -27.40
CA SER A 43 14.68 6.19 -26.25
C SER A 43 15.14 6.88 -24.97
N ALA A 44 16.18 7.70 -25.06
CA ALA A 44 16.71 8.35 -23.86
C ALA A 44 15.68 9.26 -23.22
N TRP A 45 14.92 9.98 -24.03
CA TRP A 45 13.83 10.81 -23.52
C TRP A 45 12.49 10.09 -23.48
N GLY A 46 12.50 8.77 -23.62
CA GLY A 46 11.23 8.03 -23.62
C GLY A 46 10.50 8.10 -22.29
N ASP A 47 11.26 8.14 -21.20
CA ASP A 47 10.69 8.07 -19.86
C ASP A 47 11.03 9.31 -19.04
N GLU A 48 10.97 10.48 -19.67
CA GLU A 48 11.30 11.72 -18.98
C GLU A 48 10.29 12.04 -17.89
N GLN A 49 9.05 11.58 -18.04
CA GLN A 49 8.00 11.85 -17.07
C GLN A 49 7.81 10.70 -16.08
N SER A 50 7.73 9.47 -16.59
CA SER A 50 7.46 8.33 -15.72
C SER A 50 8.55 8.16 -14.68
N ALA A 51 9.81 8.37 -15.08
CA ALA A 51 10.92 8.25 -14.16
C ALA A 51 11.14 9.49 -13.32
N PHE A 52 10.33 10.53 -13.50
CA PHE A 52 10.46 11.74 -12.69
C PHE A 52 9.85 11.52 -11.31
N ARG A 53 10.67 11.59 -10.27
CA ARG A 53 10.26 11.31 -8.90
C ARG A 53 10.75 12.43 -7.98
N CYS A 54 9.81 13.13 -7.36
CA CYS A 54 10.12 14.18 -6.40
C CYS A 54 9.92 13.65 -4.98
N ASN A 55 10.62 14.25 -4.03
CA ASN A 55 10.53 13.85 -2.63
C ASN A 55 9.53 14.74 -1.89
N THR A 56 8.26 14.48 -2.14
CA THR A 56 7.21 15.06 -1.33
C THR A 56 5.95 14.22 -1.41
N GLN A 57 5.19 14.23 -0.32
CA GLN A 57 3.90 13.56 -0.25
C GLN A 57 2.78 14.43 -0.80
N GLN A 58 3.08 15.64 -1.21
CA GLN A 58 2.09 16.52 -1.78
C GLN A 58 1.70 16.01 -3.16
N PRO A 59 0.46 15.61 -3.38
CA PRO A 59 0.01 15.29 -4.73
C PRO A 59 -0.03 16.56 -5.56
N GLY A 60 0.29 16.43 -6.84
CA GLY A 60 0.36 17.59 -7.68
C GLY A 60 1.67 18.33 -7.64
N CYS A 61 2.67 17.82 -6.91
CA CYS A 61 3.97 18.50 -6.90
C CYS A 61 4.90 18.00 -8.00
N GLU A 62 4.76 16.74 -8.42
CA GLU A 62 5.68 16.16 -9.40
C GLU A 62 5.72 17.00 -10.68
N ASN A 63 4.62 16.99 -11.42
CA ASN A 63 4.62 17.56 -12.76
C ASN A 63 4.84 19.07 -12.74
N VAL A 64 4.31 19.78 -11.73
CA VAL A 64 4.55 21.22 -11.70
C VAL A 64 6.03 21.51 -11.46
N CYS A 65 6.70 20.70 -10.64
CA CYS A 65 8.14 20.80 -10.51
C CYS A 65 8.82 20.33 -11.79
N TYR A 66 8.33 19.25 -12.39
CA TYR A 66 8.86 18.80 -13.67
C TYR A 66 8.68 19.88 -14.73
N ASP A 67 7.49 20.47 -14.79
CA ASP A 67 7.22 21.50 -15.77
C ASP A 67 8.12 22.71 -15.56
N LYS A 68 8.30 23.12 -14.30
CA LYS A 68 9.22 24.21 -14.01
C LYS A 68 10.65 23.80 -14.37
N SER A 69 10.98 22.53 -14.16
CA SER A 69 12.31 22.05 -14.53
C SER A 69 12.51 22.04 -16.04
N PHE A 70 11.49 21.64 -16.79
CA PHE A 70 11.61 21.40 -18.23
C PHE A 70 10.58 22.21 -19.00
N PRO A 71 10.85 23.49 -19.28
CA PRO A 71 9.93 24.25 -20.13
C PRO A 71 9.71 23.59 -21.48
N ILE A 72 10.76 23.02 -22.06
CA ILE A 72 10.67 22.36 -23.36
C ILE A 72 11.55 21.13 -23.33
N SER A 73 11.03 20.02 -23.84
CA SER A 73 11.84 18.80 -23.86
C SER A 73 12.95 18.91 -24.90
N HIS A 74 14.11 18.33 -24.57
CA HIS A 74 15.28 18.49 -25.41
C HIS A 74 15.08 17.87 -26.78
N VAL A 75 14.45 16.70 -26.83
CA VAL A 75 14.25 16.04 -28.11
C VAL A 75 13.35 16.88 -29.01
N ARG A 76 12.25 17.40 -28.46
CA ARG A 76 11.36 18.25 -29.24
C ARG A 76 12.07 19.55 -29.64
N PHE A 77 12.87 20.10 -28.73
CA PHE A 77 13.61 21.32 -29.04
C PHE A 77 14.60 21.09 -30.17
N TRP A 78 15.31 19.96 -30.15
CA TRP A 78 16.24 19.65 -31.24
C TRP A 78 15.48 19.38 -32.54
N VAL A 79 14.31 18.75 -32.46
CA VAL A 79 13.49 18.57 -33.66
C VAL A 79 13.12 19.92 -34.24
N LEU A 80 12.73 20.87 -33.37
CA LEU A 80 12.46 22.23 -33.83
C LEU A 80 13.71 22.86 -34.43
N GLN A 81 14.87 22.63 -33.80
CA GLN A 81 16.11 23.20 -34.32
C GLN A 81 16.43 22.66 -35.71
N ILE A 82 16.38 21.34 -35.88
CA ILE A 82 16.78 20.75 -37.15
C ILE A 82 15.78 21.10 -38.24
N ILE A 83 14.48 21.13 -37.91
CA ILE A 83 13.49 21.46 -38.93
C ILE A 83 13.63 22.92 -39.36
N PHE A 84 13.94 23.81 -38.42
CA PHE A 84 14.14 25.22 -38.78
C PHE A 84 15.40 25.39 -39.62
N VAL A 85 16.45 24.62 -39.33
CA VAL A 85 17.66 24.69 -40.13
C VAL A 85 17.41 24.14 -41.52
N SER A 86 16.61 23.09 -41.64
CA SER A 86 16.39 22.45 -42.92
C SER A 86 15.51 23.28 -43.86
N VAL A 87 14.65 24.13 -43.30
CA VAL A 87 13.71 24.89 -44.13
C VAL A 87 14.42 25.72 -45.21
N PRO A 88 15.46 26.50 -44.90
CA PRO A 88 16.10 27.29 -45.98
C PRO A 88 16.61 26.43 -47.13
N THR A 89 17.15 25.25 -46.85
CA THR A 89 17.61 24.39 -47.94
C THR A 89 16.46 23.96 -48.83
N LEU A 90 15.34 23.57 -48.23
CA LEU A 90 14.18 23.17 -49.03
C LEU A 90 13.65 24.34 -49.83
N LEU A 91 13.64 25.54 -49.24
CA LEU A 91 13.21 26.73 -49.97
C LEU A 91 14.13 26.98 -51.17
N TYR A 92 15.43 26.87 -50.97
CA TYR A 92 16.37 27.10 -52.07
C TYR A 92 16.19 26.06 -53.17
N LEU A 93 16.02 24.79 -52.78
CA LEU A 93 15.88 23.72 -53.77
C LEU A 93 14.63 23.93 -54.62
N ALA A 94 13.49 24.20 -53.98
CA ALA A 94 12.27 24.42 -54.74
C ALA A 94 12.40 25.66 -55.62
N HIS A 95 13.00 26.73 -55.09
CA HIS A 95 13.11 27.97 -55.85
C HIS A 95 13.97 27.79 -57.10
N VAL A 96 15.12 27.12 -56.97
CA VAL A 96 15.96 26.90 -58.14
C VAL A 96 15.30 25.92 -59.11
N PHE A 97 14.53 24.95 -58.57
CA PHE A 97 13.79 24.05 -59.44
C PHE A 97 12.76 24.80 -60.26
N TYR A 98 12.03 25.72 -59.64
CA TYR A 98 11.06 26.53 -60.38
C TYR A 98 11.75 27.44 -61.38
N VAL A 99 12.91 27.97 -61.02
CA VAL A 99 13.68 28.80 -61.95
C VAL A 99 14.08 27.99 -63.18
N MET A 100 14.56 26.76 -62.95
CA MET A 100 14.95 25.92 -64.07
C MET A 100 13.75 25.56 -64.95
N ARG A 101 12.61 25.24 -64.34
CA ARG A 101 11.42 24.90 -65.11
C ARG A 101 10.96 26.08 -65.95
N LYS A 102 10.93 27.28 -65.37
CA LYS A 102 10.54 28.46 -66.13
C LYS A 102 11.56 28.77 -67.22
N GLU A 103 12.85 28.59 -66.93
CA GLU A 103 13.87 28.79 -67.96
C GLU A 103 13.73 27.78 -69.08
N GLU A 104 13.26 26.57 -68.78
CA GLU A 104 13.13 25.55 -69.80
C GLU A 104 12.14 25.95 -70.88
N LYS A 105 11.02 26.55 -70.50
CA LYS A 105 10.02 26.98 -71.46
C LYS A 105 10.40 28.33 -72.08
N LEU A 151 20.23 34.05 -58.47
CA LEU A 151 20.03 32.98 -57.49
C LEU A 151 21.09 33.03 -56.39
N LEU A 152 22.23 33.65 -56.71
CA LEU A 152 23.30 33.76 -55.73
C LEU A 152 22.85 34.58 -54.52
N ARG A 153 22.09 35.64 -54.75
CA ARG A 153 21.56 36.43 -53.64
C ARG A 153 20.66 35.59 -52.76
N THR A 154 19.80 34.76 -53.37
CA THR A 154 18.97 33.86 -52.58
C THR A 154 19.82 32.83 -51.85
N TYR A 155 20.91 32.38 -52.47
CA TYR A 155 21.80 31.44 -51.81
C TYR A 155 22.42 32.04 -50.56
N ILE A 156 22.86 33.29 -50.64
CA ILE A 156 23.43 33.97 -49.48
C ILE A 156 22.37 34.14 -48.41
N ILE A 157 21.16 34.55 -48.81
CA ILE A 157 20.09 34.73 -47.84
C ILE A 157 19.77 33.43 -47.13
N SER A 158 19.73 32.32 -47.88
CA SER A 158 19.42 31.03 -47.28
C SER A 158 20.49 30.64 -46.26
N ILE A 159 21.76 30.80 -46.61
CA ILE A 159 22.83 30.47 -45.69
C ILE A 159 22.79 31.36 -44.46
N LEU A 160 22.58 32.66 -44.68
CA LEU A 160 22.55 33.60 -43.55
C LEU A 160 21.42 33.28 -42.60
N PHE A 161 20.22 33.03 -43.14
CA PHE A 161 19.11 32.68 -42.27
C PHE A 161 19.35 31.37 -41.54
N LYS A 162 19.97 30.40 -42.23
CA LYS A 162 20.28 29.12 -41.58
C LYS A 162 21.22 29.33 -40.40
N SER A 163 22.28 30.11 -40.60
CA SER A 163 23.21 30.38 -39.51
C SER A 163 22.54 31.15 -38.38
N ILE A 164 21.72 32.15 -38.72
CA ILE A 164 21.08 32.97 -37.70
C ILE A 164 20.11 32.12 -36.87
N PHE A 165 19.29 31.31 -37.55
CA PHE A 165 18.38 30.44 -36.82
C PHE A 165 19.15 29.45 -35.95
N GLU A 166 20.25 28.92 -36.48
CA GLU A 166 21.04 27.94 -35.73
C GLU A 166 21.64 28.53 -34.47
N VAL A 167 22.29 29.69 -34.60
CA VAL A 167 22.91 30.30 -33.42
C VAL A 167 21.86 30.75 -32.42
N ALA A 168 20.71 31.21 -32.91
CA ALA A 168 19.63 31.60 -32.00
C ALA A 168 19.13 30.40 -31.21
N PHE A 169 18.94 29.26 -31.88
CA PHE A 169 18.53 28.05 -31.16
C PHE A 169 19.57 27.63 -30.13
N LEU A 170 20.86 27.72 -30.48
CA LEU A 170 21.90 27.38 -29.53
C LEU A 170 21.89 28.32 -28.33
N LEU A 171 21.73 29.62 -28.59
CA LEU A 171 21.78 30.59 -27.50
C LEU A 171 20.59 30.42 -26.56
N ILE A 172 19.39 30.25 -27.11
CA ILE A 172 18.21 30.11 -26.26
C ILE A 172 18.27 28.81 -25.47
N GLN A 173 18.82 27.76 -26.08
CA GLN A 173 19.00 26.51 -25.35
C GLN A 173 19.95 26.69 -24.17
N TRP A 174 21.05 27.42 -24.39
CA TRP A 174 21.97 27.71 -23.30
C TRP A 174 21.30 28.53 -22.21
N TYR A 175 20.49 29.52 -22.61
CA TYR A 175 19.82 30.36 -21.64
C TYR A 175 18.84 29.57 -20.79
N ILE A 176 18.14 28.62 -21.39
CA ILE A 176 17.09 27.88 -20.67
C ILE A 176 17.71 26.77 -19.83
N TYR A 177 18.38 25.82 -20.48
CA TYR A 177 18.89 24.64 -19.78
C TYR A 177 20.38 24.65 -19.54
N GLY A 178 21.14 25.49 -20.24
CA GLY A 178 22.57 25.34 -20.11
C GLY A 178 23.03 24.06 -20.81
N PHE A 179 24.20 23.59 -20.41
CA PHE A 179 24.81 22.41 -21.03
C PHE A 179 25.05 21.32 -20.00
N SER A 180 24.25 21.28 -18.94
CA SER A 180 24.41 20.28 -17.90
C SER A 180 23.07 20.05 -17.20
N LEU A 181 22.89 18.85 -16.68
CA LEU A 181 21.68 18.47 -15.96
C LEU A 181 22.06 17.90 -14.62
N SER A 182 21.79 18.64 -13.55
CA SER A 182 22.05 18.14 -12.20
C SER A 182 21.10 17.00 -11.88
N ALA A 183 21.63 15.97 -11.22
CA ALA A 183 20.80 14.83 -10.85
C ALA A 183 19.73 15.22 -9.84
N VAL A 184 19.99 16.22 -9.01
CA VAL A 184 19.05 16.67 -7.99
C VAL A 184 18.64 18.09 -8.34
N TYR A 185 17.33 18.32 -8.44
CA TYR A 185 16.78 19.62 -8.81
C TYR A 185 15.89 20.12 -7.68
N THR A 186 16.20 21.30 -7.17
CA THR A 186 15.32 21.95 -6.20
C THR A 186 14.19 22.65 -6.95
N CYS A 187 13.03 22.71 -6.31
CA CYS A 187 11.83 23.20 -6.97
C CYS A 187 11.04 24.11 -6.04
N LYS A 188 10.66 25.27 -6.56
CA LYS A 188 9.77 26.20 -5.87
C LYS A 188 8.48 26.30 -6.66
N ARG A 189 7.36 25.95 -6.03
CA ARG A 189 6.07 26.07 -6.69
C ARG A 189 4.99 26.23 -5.63
N ASP A 190 3.86 26.77 -6.06
CA ASP A 190 2.76 26.99 -5.12
C ASP A 190 2.22 25.70 -4.51
N PRO A 191 1.90 24.65 -5.27
CA PRO A 191 1.38 23.43 -4.62
C PRO A 191 2.37 22.78 -3.69
N CYS A 192 3.66 22.80 -4.02
CA CYS A 192 4.66 22.18 -3.17
C CYS A 192 4.97 23.09 -2.01
N PRO A 193 4.96 22.60 -0.77
CA PRO A 193 5.26 23.47 0.37
C PRO A 193 6.71 23.93 0.32
N HIS A 194 6.91 25.22 0.10
CA HIS A 194 8.24 25.80 0.00
C HIS A 194 9.07 25.08 -1.06
N GLN A 195 10.34 24.81 -0.75
CA GLN A 195 11.22 24.12 -1.67
C GLN A 195 11.02 22.61 -1.54
N VAL A 196 11.19 21.90 -2.66
CA VAL A 196 11.18 20.45 -2.67
C VAL A 196 12.30 19.95 -3.58
N ASP A 197 12.70 18.70 -3.39
CA ASP A 197 13.72 18.06 -4.21
C ASP A 197 13.07 17.14 -5.24
N CYS A 198 13.65 17.11 -6.44
CA CYS A 198 13.25 16.18 -7.48
C CYS A 198 14.50 15.62 -8.13
N PHE A 199 14.34 14.50 -8.81
CA PHE A 199 15.47 13.77 -9.38
C PHE A 199 15.20 13.44 -10.84
N LEU A 200 16.17 13.74 -11.70
CA LEU A 200 16.00 13.57 -13.13
C LEU A 200 16.19 12.11 -13.53
N SER A 201 15.85 11.78 -14.76
CA SER A 201 15.82 10.38 -15.19
C SER A 201 17.21 9.86 -15.53
N ARG A 202 17.85 10.45 -16.54
CA ARG A 202 19.19 10.04 -16.98
C ARG A 202 20.04 11.27 -17.23
N PRO A 203 20.45 11.99 -16.18
CA PRO A 203 21.25 13.20 -16.40
C PRO A 203 22.55 12.98 -17.15
N THR A 204 23.30 11.91 -16.86
CA THR A 204 24.56 11.73 -17.57
C THR A 204 24.32 11.45 -19.05
N GLU A 205 23.41 10.53 -19.36
CA GLU A 205 23.12 10.23 -20.75
C GLU A 205 22.57 11.46 -21.47
N LYS A 206 21.71 12.22 -20.79
CA LYS A 206 21.19 13.44 -21.38
C LYS A 206 22.30 14.48 -21.57
N THR A 207 23.18 14.62 -20.58
CA THR A 207 24.29 15.56 -20.73
C THR A 207 25.20 15.15 -21.88
N ILE A 208 25.48 13.85 -21.98
CA ILE A 208 26.36 13.37 -23.05
C ILE A 208 25.75 13.70 -24.42
N PHE A 209 24.45 13.44 -24.58
CA PHE A 209 23.80 13.75 -25.84
C PHE A 209 23.66 15.26 -26.05
N ILE A 210 23.48 16.02 -24.97
CA ILE A 210 23.48 17.48 -25.08
C ILE A 210 24.83 17.95 -25.61
N ILE A 211 25.91 17.37 -25.11
CA ILE A 211 27.24 17.72 -25.59
C ILE A 211 27.37 17.38 -27.07
N PHE A 212 26.91 16.20 -27.47
CA PHE A 212 27.03 15.80 -28.87
C PHE A 212 26.21 16.72 -29.76
N MET A 213 24.99 17.07 -29.35
CA MET A 213 24.21 18.02 -30.12
C MET A 213 24.91 19.37 -30.18
N LEU A 214 25.58 19.76 -29.09
CA LEU A 214 26.30 21.02 -29.08
C LEU A 214 27.45 21.02 -30.09
N VAL A 215 28.27 19.97 -30.08
CA VAL A 215 29.43 19.95 -30.96
C VAL A 215 28.99 19.83 -32.42
N VAL A 216 27.91 19.08 -32.67
CA VAL A 216 27.34 19.04 -34.01
C VAL A 216 26.86 20.41 -34.43
N SER A 217 26.22 21.14 -33.50
CA SER A 217 25.78 22.49 -33.80
C SER A 217 26.96 23.40 -34.13
N LEU A 218 28.04 23.29 -33.35
CA LEU A 218 29.18 24.16 -33.55
C LEU A 218 29.84 23.92 -34.90
N VAL A 219 30.07 22.65 -35.25
CA VAL A 219 30.75 22.36 -36.51
C VAL A 219 29.87 22.73 -37.70
N SER A 220 28.55 22.55 -37.56
CA SER A 220 27.64 22.97 -38.62
C SER A 220 27.71 24.48 -38.83
N LEU A 221 27.75 25.24 -37.73
CA LEU A 221 27.89 26.69 -37.84
C LEU A 221 29.23 27.05 -38.46
N ALA A 222 30.29 26.34 -38.09
CA ALA A 222 31.61 26.60 -38.65
C ALA A 222 31.63 26.37 -40.15
N LEU A 223 30.99 25.30 -40.61
CA LEU A 223 30.94 25.04 -42.05
C LEU A 223 30.18 26.14 -42.78
N ASN A 224 29.06 26.60 -42.20
CA ASN A 224 28.31 27.69 -42.82
C ASN A 224 29.16 28.95 -42.93
N ILE A 225 29.91 29.27 -41.88
CA ILE A 225 30.77 30.45 -41.92
C ILE A 225 31.85 30.28 -42.98
N ILE A 226 32.40 29.07 -43.09
CA ILE A 226 33.44 28.82 -44.09
C ILE A 226 32.87 29.04 -45.49
N GLU A 227 31.67 28.55 -45.76
CA GLU A 227 31.06 28.74 -47.07
C GLU A 227 30.83 30.22 -47.35
N LEU A 228 30.39 30.98 -46.34
CA LEU A 228 30.18 32.41 -46.53
C LEU A 228 31.49 33.11 -46.90
N PHE A 229 32.58 32.77 -46.20
CA PHE A 229 33.87 33.36 -46.54
C PHE A 229 34.32 32.92 -47.93
N TYR A 230 34.06 31.66 -48.29
CA TYR A 230 34.42 31.19 -49.62
C TYR A 230 33.69 31.96 -50.70
N VAL A 231 32.41 32.22 -50.50
CA VAL A 231 31.64 32.99 -51.48
C VAL A 231 32.15 34.42 -51.54
N PHE A 232 32.43 35.03 -50.39
CA PHE A 232 32.90 36.40 -50.38
C PHE A 232 34.24 36.53 -51.10
N PHE A 233 35.14 35.57 -50.91
CA PHE A 233 36.37 35.55 -51.68
C PHE A 233 36.09 35.38 -53.17
N LYS A 234 35.15 34.50 -53.51
CA LYS A 234 34.76 34.34 -54.91
C LYS A 234 34.04 35.57 -55.45
N GLY A 235 33.44 36.38 -54.59
CA GLY A 235 32.75 37.58 -55.03
C GLY A 235 33.68 38.74 -55.31
N GLY B 2 -12.01 -6.46 65.33
CA GLY B 2 -10.80 -6.91 64.67
C GLY B 2 -10.31 -8.27 65.13
N ASP B 3 -9.77 -9.04 64.20
CA ASP B 3 -9.18 -10.34 64.48
C ASP B 3 -7.71 -10.36 64.09
N TRP B 4 -7.03 -9.24 64.33
CA TRP B 4 -5.61 -9.15 63.99
C TRP B 4 -4.77 -10.09 64.85
N SER B 5 -5.12 -10.22 66.13
CA SER B 5 -4.41 -11.16 66.99
C SER B 5 -4.60 -12.59 66.52
N ALA B 6 -5.82 -12.94 66.09
CA ALA B 6 -6.07 -14.27 65.55
C ALA B 6 -5.25 -14.51 64.29
N LEU B 7 -5.17 -13.50 63.41
CA LEU B 7 -4.34 -13.64 62.22
C LEU B 7 -2.88 -13.80 62.58
N GLY B 8 -2.40 -13.04 63.56
CA GLY B 8 -1.00 -13.14 63.94
C GLY B 8 -0.64 -14.50 64.51
N LYS B 9 -1.48 -15.01 65.42
CA LYS B 9 -1.20 -16.32 66.00
C LYS B 9 -1.32 -17.42 64.95
N LEU B 10 -2.26 -17.27 64.00
CA LEU B 10 -2.38 -18.23 62.91
C LEU B 10 -1.10 -18.26 62.08
N LEU B 11 -0.55 -17.09 61.77
CA LEU B 11 0.70 -17.03 61.03
C LEU B 11 1.83 -17.68 61.81
N ASP B 12 1.87 -17.45 63.14
CA ASP B 12 2.94 -18.00 63.95
C ASP B 12 2.92 -19.52 63.95
N LYS B 13 1.76 -20.12 64.18
CA LYS B 13 1.70 -21.59 64.21
C LYS B 13 1.85 -22.20 62.82
N VAL B 14 1.53 -21.44 61.76
CA VAL B 14 1.82 -21.92 60.41
C VAL B 14 3.32 -21.96 60.18
N GLN B 15 4.01 -20.89 60.55
CA GLN B 15 5.44 -20.77 60.29
C GLN B 15 6.29 -21.49 61.35
N ALA B 16 5.68 -22.02 62.41
CA ALA B 16 6.44 -22.66 63.47
C ALA B 16 7.17 -23.91 63.01
N TYR B 17 6.78 -24.50 61.87
CA TYR B 17 7.40 -25.71 61.35
C TYR B 17 8.44 -25.42 60.28
N SER B 18 9.12 -24.27 60.36
CA SER B 18 10.08 -23.87 59.35
C SER B 18 11.34 -23.34 60.00
N THR B 19 12.41 -23.29 59.20
CA THR B 19 13.72 -22.82 59.66
C THR B 19 13.65 -21.32 60.00
N ALA B 20 14.60 -20.89 60.82
CA ALA B 20 14.62 -19.51 61.30
C ALA B 20 14.66 -18.52 60.15
N GLY B 21 15.53 -18.75 59.18
CA GLY B 21 15.64 -17.86 58.03
C GLY B 21 14.94 -18.40 56.81
N GLY B 22 14.54 -19.67 56.84
CA GLY B 22 13.97 -20.28 55.66
C GLY B 22 12.65 -19.67 55.22
N LYS B 23 11.74 -19.46 56.18
CA LYS B 23 10.40 -18.99 55.84
C LYS B 23 10.44 -17.56 55.29
N VAL B 24 11.23 -16.69 55.91
CA VAL B 24 11.33 -15.32 55.42
C VAL B 24 11.95 -15.29 54.03
N TRP B 25 12.99 -16.10 53.81
CA TRP B 25 13.61 -16.14 52.48
C TRP B 25 12.63 -16.61 51.42
N LEU B 26 11.84 -17.64 51.73
CA LEU B 26 10.83 -18.10 50.79
C LEU B 26 9.78 -17.03 50.52
N SER B 27 9.33 -16.34 51.56
CA SER B 27 8.29 -15.34 51.39
C SER B 27 8.78 -14.17 50.54
N VAL B 28 10.00 -13.68 50.82
CA VAL B 28 10.52 -12.56 50.05
C VAL B 28 10.80 -12.99 48.62
N LEU B 29 11.26 -14.23 48.42
CA LEU B 29 11.47 -14.74 47.08
C LEU B 29 10.16 -14.77 46.30
N PHE B 30 9.09 -15.25 46.94
CA PHE B 30 7.80 -15.35 46.27
C PHE B 30 7.28 -13.98 45.86
N ILE B 31 7.31 -13.02 46.79
CA ILE B 31 6.79 -11.70 46.49
C ILE B 31 7.68 -11.01 45.46
N PHE B 32 8.99 -11.22 45.55
CA PHE B 32 9.91 -10.69 44.55
C PHE B 32 9.55 -11.19 43.16
N ARG B 33 9.36 -12.51 43.04
CA ARG B 33 9.08 -13.09 41.73
C ARG B 33 7.75 -12.61 41.17
N ILE B 34 6.71 -12.59 42.00
CA ILE B 34 5.37 -12.31 41.47
C ILE B 34 5.24 -10.86 41.05
N LEU B 35 5.79 -9.92 41.84
CA LEU B 35 5.71 -8.52 41.46
C LEU B 35 6.58 -8.24 40.25
N LEU B 36 7.72 -8.93 40.13
CA LEU B 36 8.52 -8.81 38.92
C LEU B 36 7.73 -9.26 37.70
N LEU B 37 7.05 -10.40 37.81
CA LEU B 37 6.25 -10.90 36.69
C LEU B 37 5.11 -9.95 36.37
N GLY B 38 4.46 -9.39 37.40
CA GLY B 38 3.34 -8.51 37.17
C GLY B 38 3.73 -7.22 36.47
N THR B 39 4.92 -6.70 36.78
CA THR B 39 5.32 -5.38 36.30
C THR B 39 6.23 -5.44 35.08
N ALA B 40 7.29 -6.25 35.14
CA ALA B 40 8.34 -6.17 34.12
C ALA B 40 7.94 -6.92 32.85
N VAL B 41 7.75 -8.24 32.96
CA VAL B 41 7.63 -9.07 31.78
C VAL B 41 6.30 -8.87 31.07
N GLU B 42 5.30 -8.31 31.74
CA GLU B 42 3.99 -8.15 31.10
C GLU B 42 4.10 -7.26 29.87
N SER B 43 4.77 -6.13 29.99
CA SER B 43 4.97 -5.26 28.84
C SER B 43 5.87 -5.90 27.81
N ALA B 44 6.88 -6.66 28.27
CA ALA B 44 7.83 -7.28 27.34
C ALA B 44 7.13 -8.24 26.39
N TRP B 45 6.16 -9.00 26.88
CA TRP B 45 5.39 -9.88 26.03
C TRP B 45 4.11 -9.23 25.52
N GLY B 46 3.99 -7.90 25.64
CA GLY B 46 2.77 -7.24 25.18
C GLY B 46 2.56 -7.34 23.69
N ASP B 47 3.65 -7.33 22.92
CA ASP B 47 3.60 -7.27 21.47
C ASP B 47 4.28 -8.49 20.85
N GLU B 48 4.06 -9.66 21.42
CA GLU B 48 4.67 -10.88 20.90
C GLU B 48 4.13 -11.23 19.52
N GLN B 49 2.89 -10.84 19.22
CA GLN B 49 2.26 -11.16 17.94
C GLN B 49 2.36 -10.02 16.94
N SER B 50 2.06 -8.80 17.39
CA SER B 50 2.05 -7.66 16.46
C SER B 50 3.43 -7.42 15.88
N ALA B 51 4.47 -7.57 16.69
CA ALA B 51 5.83 -7.39 16.22
C ALA B 51 6.40 -8.62 15.53
N PHE B 52 5.63 -9.70 15.42
CA PHE B 52 6.10 -10.88 14.72
C PHE B 52 6.00 -10.68 13.21
N ARG B 53 7.14 -10.70 12.53
CA ARG B 53 7.24 -10.43 11.10
C ARG B 53 8.07 -11.51 10.43
N CYS B 54 7.45 -12.26 9.51
CA CYS B 54 8.14 -13.28 8.73
C CYS B 54 8.42 -12.74 7.34
N ASN B 55 9.44 -13.30 6.69
CA ASN B 55 9.84 -12.89 5.35
C ASN B 55 9.22 -13.82 4.31
N THR B 56 7.92 -13.63 4.10
CA THR B 56 7.26 -14.27 2.97
C THR B 56 6.01 -13.50 2.60
N GLN B 57 5.68 -13.53 1.32
CA GLN B 57 4.47 -12.93 0.79
C GLN B 57 3.26 -13.85 0.91
N GLN B 58 3.48 -15.06 1.42
CA GLN B 58 2.38 -15.99 1.61
C GLN B 58 1.52 -15.51 2.75
N PRO B 59 0.25 -15.18 2.51
CA PRO B 59 -0.66 -14.89 3.62
C PRO B 59 -0.93 -16.17 4.39
N GLY B 60 -1.08 -16.04 5.70
CA GLY B 60 -1.26 -17.20 6.51
C GLY B 60 0.02 -17.87 6.96
N CYS B 61 1.18 -17.31 6.62
CA CYS B 61 2.43 -17.92 7.07
C CYS B 61 2.89 -17.38 8.43
N GLU B 62 2.55 -16.13 8.76
CA GLU B 62 3.03 -15.52 9.99
C GLU B 62 2.67 -16.36 11.21
N ASN B 63 1.37 -16.42 11.52
CA ASN B 63 0.93 -17.01 12.78
C ASN B 63 1.22 -18.50 12.85
N VAL B 64 1.12 -19.23 11.74
CA VAL B 64 1.43 -20.65 11.79
C VAL B 64 2.90 -20.85 12.11
N CYS B 65 3.77 -20.00 11.55
CA CYS B 65 5.17 -20.03 11.96
C CYS B 65 5.34 -19.54 13.38
N TYR B 66 4.60 -18.49 13.76
CA TYR B 66 4.62 -18.03 15.14
C TYR B 66 4.14 -19.12 16.08
N ASP B 67 3.04 -19.78 15.71
CA ASP B 67 2.49 -20.83 16.55
C ASP B 67 3.47 -21.99 16.68
N LYS B 68 4.10 -22.37 15.58
CA LYS B 68 5.13 -23.41 15.64
C LYS B 68 6.31 -22.93 16.47
N SER B 69 6.63 -21.64 16.39
CA SER B 69 7.72 -21.10 17.19
C SER B 69 7.37 -21.09 18.67
N PHE B 70 6.13 -20.75 19.02
CA PHE B 70 5.72 -20.52 20.40
C PHE B 70 4.52 -21.39 20.77
N PRO B 71 4.76 -22.66 21.14
CA PRO B 71 3.63 -23.47 21.61
C PRO B 71 2.91 -22.84 22.79
N ILE B 72 3.65 -22.22 23.70
CA ILE B 72 3.08 -21.58 24.87
C ILE B 72 3.85 -20.30 25.15
N SER B 73 3.13 -19.22 25.44
CA SER B 73 3.80 -17.97 25.73
C SER B 73 4.48 -18.03 27.09
N HIS B 74 5.65 -17.39 27.18
CA HIS B 74 6.46 -17.50 28.39
C HIS B 74 5.76 -16.89 29.60
N VAL B 75 5.08 -15.76 29.41
CA VAL B 75 4.42 -15.12 30.54
C VAL B 75 3.30 -16.02 31.06
N ARG B 76 2.49 -16.59 30.17
CA ARG B 76 1.44 -17.49 30.60
C ARG B 76 2.02 -18.75 31.22
N PHE B 77 3.12 -19.25 30.66
CA PHE B 77 3.77 -20.43 31.22
C PHE B 77 4.28 -20.16 32.63
N TRP B 78 4.89 -19.01 32.84
CA TRP B 78 5.35 -18.65 34.18
C TRP B 78 4.19 -18.43 35.13
N VAL B 79 3.08 -17.87 34.64
CA VAL B 79 1.89 -17.74 35.47
C VAL B 79 1.40 -19.12 35.89
N LEU B 80 1.39 -20.08 34.97
CA LEU B 80 1.05 -21.45 35.31
C LEU B 80 2.03 -22.02 36.32
N GLN B 81 3.33 -21.72 36.14
CA GLN B 81 4.33 -22.23 37.06
C GLN B 81 4.11 -21.70 38.47
N ILE B 82 3.94 -20.38 38.60
CA ILE B 82 3.82 -19.78 39.92
C ILE B 82 2.51 -20.19 40.59
N ILE B 83 1.44 -20.29 39.82
CA ILE B 83 0.17 -20.68 40.43
C ILE B 83 0.23 -22.13 40.89
N PHE B 84 0.89 -23.00 40.13
CA PHE B 84 1.01 -24.39 40.55
C PHE B 84 1.90 -24.51 41.78
N VAL B 85 2.95 -23.68 41.88
CA VAL B 85 3.80 -23.70 43.06
C VAL B 85 3.05 -23.17 44.28
N SER B 86 2.20 -22.16 44.08
CA SER B 86 1.51 -21.55 45.21
C SER B 86 0.41 -22.43 45.77
N VAL B 87 -0.16 -23.32 44.96
CA VAL B 87 -1.29 -24.13 45.41
C VAL B 87 -0.97 -24.94 46.68
N PRO B 88 0.15 -25.65 46.76
CA PRO B 88 0.41 -26.42 48.00
C PRO B 88 0.44 -25.56 49.25
N THR B 89 0.98 -24.34 49.17
CA THR B 89 0.99 -23.46 50.34
C THR B 89 -0.43 -23.11 50.77
N LEU B 90 -1.29 -22.77 49.81
CA LEU B 90 -2.67 -22.44 50.14
C LEU B 90 -3.39 -23.65 50.72
N LEU B 91 -3.13 -24.83 50.17
CA LEU B 91 -3.72 -26.05 50.72
C LEU B 91 -3.28 -26.27 52.16
N TYR B 92 -2.00 -26.09 52.44
CA TYR B 92 -1.51 -26.28 53.79
C TYR B 92 -2.11 -25.25 54.75
N LEU B 93 -2.19 -23.99 54.31
CA LEU B 93 -2.74 -22.95 55.17
C LEU B 93 -4.19 -23.23 55.53
N ALA B 94 -5.01 -23.55 54.54
CA ALA B 94 -6.41 -23.85 54.82
C ALA B 94 -6.53 -25.07 55.71
N HIS B 95 -5.73 -26.10 55.44
CA HIS B 95 -5.83 -27.34 56.20
C HIS B 95 -5.48 -27.14 57.67
N VAL B 96 -4.40 -26.41 57.94
CA VAL B 96 -4.03 -26.15 59.33
C VAL B 96 -5.05 -25.22 59.98
N PHE B 97 -5.63 -24.29 59.21
CA PHE B 97 -6.67 -23.43 59.75
C PHE B 97 -7.89 -24.24 60.16
N TYR B 98 -8.30 -25.20 59.33
CA TYR B 98 -9.42 -26.05 59.69
C TYR B 98 -9.08 -26.95 60.88
N VAL B 99 -7.84 -27.41 60.96
CA VAL B 99 -7.41 -28.20 62.10
C VAL B 99 -7.50 -27.39 63.38
N MET B 100 -7.05 -26.13 63.34
CA MET B 100 -7.13 -25.28 64.51
C MET B 100 -8.58 -25.00 64.90
N ARG B 101 -9.44 -24.73 63.92
CA ARG B 101 -10.84 -24.46 64.23
C ARG B 101 -11.51 -25.67 64.86
N LYS B 102 -11.27 -26.86 64.31
CA LYS B 102 -11.83 -28.07 64.91
C LYS B 102 -11.27 -28.34 66.29
N GLU B 103 -9.96 -28.09 66.47
CA GLU B 103 -9.36 -28.24 67.78
C GLU B 103 -9.95 -27.25 68.79
N GLU B 104 -10.34 -26.06 68.32
CA GLU B 104 -10.87 -25.05 69.22
C GLU B 104 -12.16 -25.53 69.89
N LYS B 105 -13.04 -26.18 69.14
CA LYS B 105 -14.29 -26.66 69.69
C LYS B 105 -14.08 -28.00 70.42
N LEU B 151 0.21 -33.07 61.21
CA LEU B 151 0.31 -32.01 60.22
C LEU B 151 1.69 -32.00 59.56
N LEU B 152 2.68 -32.56 60.27
CA LEU B 152 4.03 -32.61 59.73
C LEU B 152 4.08 -33.42 58.45
N ARG B 153 3.33 -34.54 58.41
CA ARG B 153 3.27 -35.34 57.19
C ARG B 153 2.70 -34.53 56.04
N THR B 154 1.64 -33.76 56.30
CA THR B 154 1.09 -32.90 55.26
C THR B 154 2.10 -31.83 54.85
N TYR B 155 2.88 -31.33 55.82
CA TYR B 155 3.89 -30.33 55.52
C TYR B 155 4.94 -30.89 54.57
N ILE B 156 5.40 -32.11 54.82
CA ILE B 156 6.37 -32.74 53.94
C ILE B 156 5.77 -32.97 52.56
N ILE B 157 4.52 -33.43 52.51
CA ILE B 157 3.87 -33.66 51.22
C ILE B 157 3.76 -32.37 50.44
N SER B 158 3.38 -31.28 51.11
CA SER B 158 3.25 -30.00 50.42
C SER B 158 4.58 -29.55 49.84
N ILE B 159 5.65 -29.65 50.64
CA ILE B 159 6.97 -29.25 50.14
C ILE B 159 7.41 -30.14 48.99
N LEU B 160 7.20 -31.45 49.13
CA LEU B 160 7.62 -32.37 48.08
C LEU B 160 6.89 -32.10 46.78
N PHE B 161 5.56 -31.91 46.85
CA PHE B 161 4.80 -31.61 45.65
C PHE B 161 5.23 -30.28 45.04
N LYS B 162 5.51 -29.30 45.89
CA LYS B 162 5.97 -28.01 45.39
C LYS B 162 7.28 -28.15 44.62
N SER B 163 8.24 -28.87 45.18
CA SER B 163 9.51 -29.08 44.50
C SER B 163 9.31 -29.88 43.21
N ILE B 164 8.48 -30.92 43.26
CA ILE B 164 8.28 -31.76 42.07
C ILE B 164 7.62 -30.96 40.95
N PHE B 165 6.58 -30.20 41.28
CA PHE B 165 5.94 -29.37 40.27
C PHE B 165 6.92 -28.33 39.73
N GLU B 166 7.74 -27.75 40.60
CA GLU B 166 8.67 -26.72 40.17
C GLU B 166 9.71 -27.28 39.20
N VAL B 167 10.34 -28.40 39.56
CA VAL B 167 11.37 -28.95 38.70
C VAL B 167 10.76 -29.46 37.39
N ALA B 168 9.54 -29.98 37.44
CA ALA B 168 8.87 -30.41 36.22
C ALA B 168 8.61 -29.23 35.28
N PHE B 169 8.16 -28.11 35.83
CA PHE B 169 7.96 -26.92 35.02
C PHE B 169 9.27 -26.45 34.41
N LEU B 170 10.35 -26.46 35.20
CA LEU B 170 11.65 -26.06 34.67
C LEU B 170 12.10 -26.99 33.55
N LEU B 171 11.95 -28.30 33.75
CA LEU B 171 12.41 -29.27 32.76
C LEU B 171 11.63 -29.14 31.46
N ILE B 172 10.31 -29.04 31.55
CA ILE B 172 9.49 -28.96 30.33
C ILE B 172 9.75 -27.65 29.61
N GLN B 173 10.01 -26.57 30.36
CA GLN B 173 10.37 -25.30 29.73
C GLN B 173 11.68 -25.43 28.97
N TRP B 174 12.67 -26.10 29.56
CA TRP B 174 13.93 -26.32 28.87
C TRP B 174 13.73 -27.18 27.62
N TYR B 175 12.89 -28.20 27.71
CA TYR B 175 12.65 -29.08 26.58
C TYR B 175 11.99 -28.33 25.42
N ILE B 176 11.06 -27.42 25.73
CA ILE B 176 10.31 -26.74 24.69
C ILE B 176 11.13 -25.58 24.11
N TYR B 177 11.48 -24.61 24.94
CA TYR B 177 12.13 -23.40 24.46
C TYR B 177 13.62 -23.33 24.77
N GLY B 178 14.11 -24.13 25.69
CA GLY B 178 15.49 -23.90 26.08
C GLY B 178 15.60 -22.61 26.88
N PHE B 179 16.82 -22.07 26.92
CA PHE B 179 17.12 -20.87 27.69
C PHE B 179 17.64 -19.75 26.80
N SER B 180 17.27 -19.76 25.53
CA SER B 180 17.73 -18.74 24.60
C SER B 180 16.72 -18.58 23.49
N LEU B 181 16.67 -17.37 22.91
CA LEU B 181 15.77 -17.06 21.81
C LEU B 181 16.59 -16.44 20.68
N SER B 182 16.74 -17.20 19.59
CA SER B 182 17.43 -16.67 18.43
C SER B 182 16.60 -15.58 17.77
N ALA B 183 17.28 -14.52 17.33
CA ALA B 183 16.57 -13.42 16.68
C ALA B 183 15.94 -13.85 15.37
N VAL B 184 16.54 -14.82 14.68
CA VAL B 184 16.05 -15.33 13.42
C VAL B 184 15.61 -16.77 13.60
N TYR B 185 14.36 -17.07 13.24
CA TYR B 185 13.79 -18.39 13.40
C TYR B 185 13.38 -18.93 12.04
N THR B 186 13.91 -20.08 11.67
CA THR B 186 13.46 -20.77 10.48
C THR B 186 12.17 -21.54 10.77
N CYS B 187 11.32 -21.65 9.76
CA CYS B 187 10.00 -22.20 9.97
C CYS B 187 9.64 -23.15 8.83
N LYS B 188 9.16 -24.33 9.18
CA LYS B 188 8.62 -25.30 8.24
C LYS B 188 7.14 -25.47 8.52
N ARG B 189 6.30 -25.18 7.53
CA ARG B 189 4.87 -25.37 7.70
C ARG B 189 4.24 -25.57 6.33
N ASP B 190 3.05 -26.17 6.32
CA ASP B 190 2.37 -26.44 5.06
C ASP B 190 2.02 -25.17 4.29
N PRO B 191 1.39 -24.15 4.87
CA PRO B 191 1.08 -22.96 4.08
C PRO B 191 2.31 -22.25 3.54
N CYS B 192 3.38 -22.21 4.32
CA CYS B 192 4.59 -21.51 3.87
C CYS B 192 5.35 -22.41 2.89
N PRO B 193 5.75 -21.89 1.73
CA PRO B 193 6.48 -22.75 0.77
C PRO B 193 7.83 -23.12 1.35
N HIS B 194 8.00 -24.42 1.64
CA HIS B 194 9.25 -24.92 2.20
C HIS B 194 9.60 -24.17 3.48
N GLN B 195 10.88 -23.84 3.64
CA GLN B 195 11.35 -23.10 4.81
C GLN B 195 11.13 -21.61 4.60
N VAL B 196 10.85 -20.90 5.70
CA VAL B 196 10.77 -19.44 5.69
C VAL B 196 11.46 -18.91 6.94
N ASP B 197 11.84 -17.63 6.88
CA ASP B 197 12.46 -16.95 8.00
C ASP B 197 11.46 -16.06 8.72
N CYS B 198 11.57 -16.03 10.05
CA CYS B 198 10.78 -15.13 10.88
C CYS B 198 11.69 -14.52 11.93
N PHE B 199 11.24 -13.40 12.50
CA PHE B 199 12.06 -12.62 13.42
C PHE B 199 11.27 -12.32 14.68
N LEU B 200 11.89 -12.57 15.83
CA LEU B 200 11.21 -12.43 17.11
C LEU B 200 11.19 -10.96 17.53
N SER B 201 10.42 -10.67 18.58
CA SER B 201 10.16 -9.28 18.93
C SER B 201 11.30 -8.68 19.75
N ARG B 202 11.58 -9.25 20.92
CA ARG B 202 12.65 -8.78 21.80
C ARG B 202 13.42 -9.96 22.35
N PRO B 203 14.21 -10.64 21.51
CA PRO B 203 14.95 -11.81 22.01
C PRO B 203 15.89 -11.54 23.17
N THR B 204 16.63 -10.43 23.16
CA THR B 204 17.55 -10.18 24.27
C THR B 204 16.79 -9.94 25.57
N GLU B 205 15.78 -9.06 25.52
CA GLU B 205 15.01 -8.79 26.72
C GLU B 205 14.30 -10.05 27.21
N LYS B 206 13.77 -10.84 26.28
CA LYS B 206 13.14 -12.10 26.67
C LYS B 206 14.16 -13.09 27.23
N THR B 207 15.35 -13.17 26.62
CA THR B 207 16.38 -14.06 27.17
C THR B 207 16.81 -13.61 28.56
N ILE B 208 16.96 -12.30 28.75
CA ILE B 208 17.37 -11.79 30.06
C ILE B 208 16.34 -12.16 31.11
N PHE B 209 15.06 -11.96 30.80
CA PHE B 209 14.02 -12.32 31.75
C PHE B 209 13.90 -13.84 31.91
N ILE B 210 14.15 -14.59 30.85
CA ILE B 210 14.19 -16.05 30.98
C ILE B 210 15.29 -16.46 31.94
N ILE B 211 16.44 -15.82 31.85
CA ILE B 211 17.53 -16.11 32.78
C ILE B 211 17.12 -15.78 34.21
N PHE B 212 16.49 -14.62 34.40
CA PHE B 212 16.07 -14.24 35.75
C PHE B 212 15.03 -15.20 36.31
N MET B 213 14.07 -15.60 35.49
CA MET B 213 13.12 -16.61 35.94
C MET B 213 13.81 -17.92 36.26
N LEU B 214 14.85 -18.26 35.48
CA LEU B 214 15.59 -19.49 35.75
C LEU B 214 16.31 -19.43 37.09
N VAL B 215 17.02 -18.34 37.35
CA VAL B 215 17.79 -18.26 38.60
C VAL B 215 16.85 -18.18 39.80
N VAL B 216 15.72 -17.50 39.65
CA VAL B 216 14.72 -17.48 40.71
C VAL B 216 14.20 -18.90 40.93
N SER B 217 13.95 -19.64 39.86
CA SER B 217 13.51 -21.02 39.98
C SER B 217 14.54 -21.86 40.72
N LEU B 218 15.82 -21.69 40.37
CA LEU B 218 16.86 -22.52 40.97
C LEU B 218 17.00 -22.24 42.46
N VAL B 219 17.01 -20.98 42.86
CA VAL B 219 17.19 -20.66 44.28
C VAL B 219 15.97 -21.09 45.07
N SER B 220 14.77 -20.98 44.48
CA SER B 220 13.57 -21.45 45.16
C SER B 220 13.64 -22.95 45.39
N LEU B 221 14.10 -23.70 44.39
CA LEU B 221 14.28 -25.14 44.55
C LEU B 221 15.32 -25.44 45.61
N ALA B 222 16.41 -24.66 45.63
CA ALA B 222 17.46 -24.87 46.62
C ALA B 222 16.93 -24.66 48.03
N LEU B 223 16.12 -23.62 48.23
CA LEU B 223 15.55 -23.38 49.56
C LEU B 223 14.63 -24.52 49.98
N ASN B 224 13.82 -25.03 49.05
CA ASN B 224 12.96 -26.16 49.37
C ASN B 224 13.77 -27.37 49.78
N ILE B 225 14.86 -27.65 49.06
CA ILE B 225 15.72 -28.78 49.42
C ILE B 225 16.34 -28.56 50.79
N ILE B 226 16.75 -27.33 51.08
CA ILE B 226 17.35 -27.03 52.38
C ILE B 226 16.35 -27.30 53.50
N GLU B 227 15.10 -26.87 53.31
CA GLU B 227 14.08 -27.11 54.33
C GLU B 227 13.83 -28.61 54.52
N LEU B 228 13.83 -29.37 53.43
CA LEU B 228 13.65 -30.82 53.55
C LEU B 228 14.76 -31.45 54.35
N PHE B 229 16.01 -31.06 54.09
CA PHE B 229 17.13 -31.57 54.87
C PHE B 229 17.03 -31.13 56.33
N TYR B 230 16.60 -29.89 56.56
CA TYR B 230 16.45 -29.40 57.92
C TYR B 230 15.42 -30.23 58.69
N VAL B 231 14.30 -30.54 58.05
CA VAL B 231 13.28 -31.36 58.70
C VAL B 231 13.80 -32.77 58.95
N PHE B 232 14.50 -33.35 57.97
CA PHE B 232 15.03 -34.70 58.14
C PHE B 232 16.02 -34.76 59.29
N PHE B 233 16.88 -33.74 59.43
CA PHE B 233 17.76 -33.68 60.59
C PHE B 233 16.96 -33.53 61.88
N LYS B 234 15.92 -32.71 61.86
CA LYS B 234 15.05 -32.59 63.02
C LYS B 234 14.25 -33.86 63.29
N GLY B 235 14.04 -34.68 62.28
CA GLY B 235 13.30 -35.92 62.45
C GLY B 235 14.13 -37.04 63.06
N GLY C 2 -7.71 -3.90 66.38
CA GLY C 2 -6.62 -3.19 65.74
C GLY C 2 -5.28 -3.40 66.40
N ASP C 3 -4.23 -3.45 65.59
CA ASP C 3 -2.85 -3.56 66.06
C ASP C 3 -2.02 -2.38 65.58
N TRP C 4 -2.64 -1.19 65.59
CA TRP C 4 -1.95 0.02 65.17
C TRP C 4 -0.81 0.37 66.13
N SER C 5 -1.03 0.18 67.42
CA SER C 5 0.03 0.43 68.40
C SER C 5 1.20 -0.52 68.19
N ALA C 6 0.90 -1.80 67.89
CA ALA C 6 1.96 -2.75 67.60
C ALA C 6 2.74 -2.36 66.35
N LEU C 7 2.04 -1.89 65.32
CA LEU C 7 2.72 -1.42 64.12
C LEU C 7 3.58 -0.20 64.41
N GLY C 8 3.07 0.72 65.22
CA GLY C 8 3.83 1.92 65.54
C GLY C 8 5.10 1.61 66.31
N LYS C 9 5.00 0.77 67.35
CA LYS C 9 6.19 0.41 68.11
C LYS C 9 7.17 -0.39 67.28
N LEU C 10 6.67 -1.23 66.38
CA LEU C 10 7.55 -1.96 65.48
C LEU C 10 8.34 -1.01 64.59
N LEU C 11 7.66 0.01 64.05
CA LEU C 11 8.34 1.01 63.24
C LEU C 11 9.39 1.74 64.07
N ASP C 12 9.07 2.07 65.32
CA ASP C 12 10.00 2.82 66.16
C ASP C 12 11.27 2.04 66.42
N LYS C 13 11.16 0.78 66.82
CA LYS C 13 12.35 -0.01 67.09
C LYS C 13 13.11 -0.37 65.82
N VAL C 14 12.44 -0.43 64.68
CA VAL C 14 13.14 -0.60 63.41
C VAL C 14 13.98 0.63 63.10
N GLN C 15 13.39 1.82 63.24
CA GLN C 15 14.08 3.05 62.90
C GLN C 15 14.99 3.56 64.01
N ALA C 16 15.01 2.91 65.17
CA ALA C 16 15.82 3.38 66.28
C ALA C 16 17.31 3.32 66.00
N TYR C 17 17.73 2.53 65.01
CA TYR C 17 19.14 2.37 64.67
C TYR C 17 19.57 3.26 63.50
N SER C 18 18.94 4.43 63.35
CA SER C 18 19.22 5.31 62.23
C SER C 18 19.35 6.76 62.71
N THR C 19 19.96 7.57 61.86
CA THR C 19 20.18 8.99 62.16
C THR C 19 18.85 9.73 62.24
N ALA C 20 18.88 10.88 62.92
CA ALA C 20 17.67 11.64 63.16
C ALA C 20 16.98 12.02 61.85
N GLY C 21 17.74 12.53 60.88
CA GLY C 21 17.18 12.91 59.60
C GLY C 21 17.41 11.87 58.52
N GLY C 22 18.28 10.90 58.80
CA GLY C 22 18.64 9.94 57.77
C GLY C 22 17.49 9.07 57.32
N LYS C 23 16.72 8.53 58.27
CA LYS C 23 15.66 7.57 57.93
C LYS C 23 14.54 8.25 57.14
N VAL C 24 14.15 9.46 57.56
CA VAL C 24 13.09 10.17 56.83
C VAL C 24 13.55 10.51 55.43
N TRP C 25 14.81 10.97 55.28
CA TRP C 25 15.33 11.29 53.96
C TRP C 25 15.34 10.07 53.05
N LEU C 26 15.75 8.92 53.58
CA LEU C 26 15.73 7.70 52.78
C LEU C 26 14.31 7.31 52.39
N SER C 27 13.37 7.41 53.33
CA SER C 27 11.99 7.01 53.04
C SER C 27 11.37 7.91 51.98
N VAL C 28 11.56 9.22 52.11
CA VAL C 28 10.97 10.14 51.13
C VAL C 28 11.65 9.96 49.77
N LEU C 29 12.96 9.70 49.77
CA LEU C 29 13.65 9.43 48.52
C LEU C 29 13.09 8.19 47.83
N PHE C 30 12.86 7.13 48.62
CA PHE C 30 12.36 5.89 48.04
C PHE C 30 10.98 6.08 47.44
N ILE C 31 10.07 6.72 48.19
CA ILE C 31 8.71 6.90 47.68
C ILE C 31 8.71 7.87 46.51
N PHE C 32 9.57 8.89 46.56
CA PHE C 32 9.71 9.80 45.43
C PHE C 32 10.11 9.06 44.17
N ARG C 33 11.14 8.21 44.29
CA ARG C 33 11.65 7.50 43.11
C ARG C 33 10.60 6.53 42.56
N ILE C 34 9.95 5.76 43.42
CA ILE C 34 9.08 4.69 42.95
C ILE C 34 7.84 5.27 42.28
N LEU C 35 7.25 6.32 42.87
CA LEU C 35 6.06 6.90 42.26
C LEU C 35 6.40 7.63 40.96
N LEU C 36 7.60 8.22 40.91
CA LEU C 36 8.06 8.81 39.65
C LEU C 36 8.18 7.74 38.57
N LEU C 37 8.78 6.60 38.91
CA LEU C 37 8.91 5.51 37.95
C LEU C 37 7.55 4.97 37.53
N GLY C 38 6.63 4.85 38.49
CA GLY C 38 5.32 4.30 38.17
C GLY C 38 4.52 5.19 37.24
N THR C 39 4.65 6.51 37.39
CA THR C 39 3.80 7.45 36.67
C THR C 39 4.47 8.04 35.43
N ALA C 40 5.71 8.53 35.56
CA ALA C 40 6.29 9.32 34.49
C ALA C 40 6.88 8.44 33.39
N VAL C 41 7.88 7.63 33.74
CA VAL C 41 8.66 6.94 32.72
C VAL C 41 7.88 5.81 32.05
N GLU C 42 6.80 5.33 32.68
CA GLU C 42 6.06 4.21 32.11
C GLU C 42 5.51 4.58 30.73
N SER C 43 4.89 5.75 30.62
CA SER C 43 4.39 6.20 29.32
C SER C 43 5.53 6.50 28.37
N ALA C 44 6.64 7.03 28.90
CA ALA C 44 7.76 7.40 28.04
C ALA C 44 8.32 6.20 27.30
N TRP C 45 8.41 5.05 27.98
CA TRP C 45 8.84 3.83 27.33
C TRP C 45 7.69 3.00 26.79
N GLY C 46 6.49 3.59 26.68
CA GLY C 46 5.35 2.83 26.20
C GLY C 46 5.50 2.40 24.75
N ASP C 47 6.15 3.23 23.93
CA ASP C 47 6.24 3.01 22.50
C ASP C 47 7.70 2.88 22.05
N GLU C 48 8.51 2.18 22.84
CA GLU C 48 9.92 2.02 22.50
C GLU C 48 10.10 1.19 21.23
N GLN C 49 9.16 0.29 20.94
CA GLN C 49 9.26 -0.58 19.77
C GLN C 49 8.45 -0.05 18.59
N SER C 50 7.21 0.36 18.83
CA SER C 50 6.36 0.80 17.73
C SER C 50 6.94 2.03 17.03
N ALA C 51 7.51 2.95 17.81
CA ALA C 51 8.12 4.14 17.23
C ALA C 51 9.54 3.90 16.73
N PHE C 52 10.06 2.69 16.84
CA PHE C 52 11.40 2.39 16.33
C PHE C 52 11.34 2.20 14.82
N ARG C 53 12.05 3.07 14.09
CA ARG C 53 12.02 3.10 12.63
C ARG C 53 13.45 3.17 12.11
N CYS C 54 13.87 2.14 11.38
CA CYS C 54 15.19 2.09 10.74
C CYS C 54 15.04 2.42 9.27
N ASN C 55 16.12 2.92 8.67
CA ASN C 55 16.14 3.28 7.26
C ASN C 55 16.72 2.15 6.44
N THR C 56 15.92 1.10 6.26
CA THR C 56 16.24 0.06 5.30
C THR C 56 14.97 -0.67 4.87
N GLN C 57 14.99 -1.13 3.62
CA GLN C 57 13.91 -1.93 3.07
C GLN C 57 14.06 -3.41 3.42
N GLN C 58 15.12 -3.77 4.11
CA GLN C 58 15.32 -5.15 4.53
C GLN C 58 14.33 -5.49 5.62
N PRO C 59 13.42 -6.43 5.39
CA PRO C 59 12.58 -6.91 6.48
C PRO C 59 13.42 -7.68 7.47
N GLY C 60 13.08 -7.56 8.74
CA GLY C 60 13.88 -8.20 9.76
C GLY C 60 15.06 -7.39 10.24
N CYS C 61 15.23 -6.15 9.74
CA CYS C 61 16.33 -5.33 10.23
C CYS C 61 15.96 -4.49 11.44
N GLU C 62 14.68 -4.10 11.57
CA GLU C 62 14.27 -3.21 12.65
C GLU C 62 14.65 -3.78 14.02
N ASN C 63 13.99 -4.88 14.40
CA ASN C 63 14.11 -5.38 15.77
C ASN C 63 15.52 -5.87 16.08
N VAL C 64 16.21 -6.48 15.10
CA VAL C 64 17.58 -6.93 15.39
C VAL C 64 18.47 -5.72 15.65
N CYS C 65 18.27 -4.63 14.91
CA CYS C 65 18.97 -3.39 15.23
C CYS C 65 18.48 -2.81 16.54
N TYR C 66 17.17 -2.86 16.77
CA TYR C 66 16.63 -2.41 18.06
C TYR C 66 17.18 -3.25 19.19
N ASP C 67 17.21 -4.57 19.00
CA ASP C 67 17.72 -5.46 20.04
C ASP C 67 19.19 -5.20 20.32
N LYS C 68 19.97 -5.00 19.25
CA LYS C 68 21.37 -4.64 19.43
C LYS C 68 21.49 -3.28 20.10
N SER C 69 20.57 -2.36 19.78
CA SER C 69 20.59 -1.05 20.42
C SER C 69 20.23 -1.15 21.90
N PHE C 70 19.25 -1.99 22.24
CA PHE C 70 18.68 -2.03 23.59
C PHE C 70 18.75 -3.44 24.17
N PRO C 71 19.90 -3.82 24.73
CA PRO C 71 19.95 -5.13 25.41
C PRO C 71 18.90 -5.26 26.50
N ILE C 72 18.67 -4.20 27.25
CA ILE C 72 17.68 -4.20 28.33
C ILE C 72 16.97 -2.85 28.33
N SER C 73 15.65 -2.89 28.47
CA SER C 73 14.90 -1.64 28.50
C SER C 73 15.14 -0.91 29.81
N HIS C 74 15.20 0.43 29.73
CA HIS C 74 15.58 1.23 30.89
C HIS C 74 14.56 1.09 32.01
N VAL C 75 13.27 1.07 31.67
CA VAL C 75 12.25 0.97 32.71
C VAL C 75 12.36 -0.36 33.45
N ARG C 76 12.53 -1.46 32.70
CA ARG C 76 12.70 -2.75 33.35
C ARG C 76 13.99 -2.81 34.14
N PHE C 77 15.05 -2.20 33.61
CA PHE C 77 16.32 -2.16 34.33
C PHE C 77 16.20 -1.40 35.64
N TRP C 78 15.50 -0.27 35.63
CA TRP C 78 15.30 0.48 36.86
C TRP C 78 14.39 -0.27 37.81
N VAL C 79 13.39 -0.99 37.30
CA VAL C 79 12.57 -1.83 38.16
C VAL C 79 13.44 -2.89 38.84
N LEU C 80 14.35 -3.50 38.08
CA LEU C 80 15.29 -4.44 38.68
C LEU C 80 16.17 -3.75 39.71
N GLN C 81 16.61 -2.53 39.41
CA GLN C 81 17.46 -1.80 40.35
C GLN C 81 16.72 -1.53 41.66
N ILE C 82 15.50 -0.99 41.57
CA ILE C 82 14.78 -0.60 42.78
C ILE C 82 14.37 -1.83 43.57
N ILE C 83 13.98 -2.91 42.90
CA ILE C 83 13.58 -4.11 43.62
C ILE C 83 14.78 -4.72 44.34
N PHE C 84 15.95 -4.70 43.70
CA PHE C 84 17.14 -5.24 44.34
C PHE C 84 17.57 -4.38 45.53
N VAL C 85 17.40 -3.06 45.42
CA VAL C 85 17.72 -2.18 46.53
C VAL C 85 16.74 -2.38 47.68
N SER C 86 15.47 -2.62 47.36
CA SER C 86 14.46 -2.74 48.41
C SER C 86 14.56 -4.05 49.17
N VAL C 87 15.11 -5.10 48.56
CA VAL C 87 15.16 -6.41 49.20
C VAL C 87 15.86 -6.38 50.57
N PRO C 88 17.04 -5.76 50.71
CA PRO C 88 17.67 -5.75 52.05
C PRO C 88 16.81 -5.13 53.13
N THR C 89 16.08 -4.07 52.81
CA THR C 89 15.20 -3.46 53.82
C THR C 89 14.11 -4.43 54.25
N LEU C 90 13.49 -5.12 53.30
CA LEU C 90 12.45 -6.09 53.65
C LEU C 90 13.03 -7.23 54.46
N LEU C 91 14.24 -7.69 54.11
CA LEU C 91 14.89 -8.73 54.89
C LEU C 91 15.14 -8.27 56.32
N TYR C 92 15.63 -7.04 56.49
CA TYR C 92 15.88 -6.53 57.83
C TYR C 92 14.59 -6.40 58.63
N LEU C 93 13.53 -5.89 58.00
CA LEU C 93 12.26 -5.71 58.69
C LEU C 93 11.70 -7.04 59.17
N ALA C 94 11.66 -8.04 58.29
CA ALA C 94 11.15 -9.34 58.70
C ALA C 94 12.02 -9.95 59.79
N HIS C 95 13.35 -9.82 59.65
CA HIS C 95 14.25 -10.43 60.62
C HIS C 95 14.09 -9.83 62.00
N VAL C 96 14.00 -8.50 62.10
CA VAL C 96 13.81 -7.87 63.39
C VAL C 96 12.41 -8.17 63.94
N PHE C 97 11.42 -8.30 63.05
CA PHE C 97 10.08 -8.68 63.49
C PHE C 97 10.09 -10.08 64.11
N TYR C 98 10.78 -11.03 63.48
CA TYR C 98 10.88 -12.37 64.04
C TYR C 98 11.67 -12.36 65.34
N VAL C 99 12.70 -11.53 65.43
CA VAL C 99 13.46 -11.41 66.66
C VAL C 99 12.57 -10.90 67.79
N MET C 100 11.76 -9.88 67.50
CA MET C 100 10.85 -9.36 68.52
C MET C 100 9.81 -10.40 68.94
N ARG C 101 9.25 -11.13 67.97
CA ARG C 101 8.26 -12.15 68.30
C ARG C 101 8.86 -13.24 69.17
N LYS C 102 10.06 -13.70 68.83
CA LYS C 102 10.72 -14.72 69.65
C LYS C 102 11.08 -14.18 71.02
N GLU C 103 11.53 -12.93 71.09
CA GLU C 103 11.82 -12.30 72.38
C GLU C 103 10.56 -12.17 73.22
N GLU C 104 9.40 -11.97 72.58
CA GLU C 104 8.16 -11.79 73.33
C GLU C 104 7.82 -13.03 74.13
N LYS C 105 7.99 -14.22 73.55
CA LYS C 105 7.69 -15.46 74.25
C LYS C 105 8.84 -15.85 75.18
N LEU C 151 21.65 -7.49 66.19
CA LEU C 151 20.92 -7.01 65.02
C LEU C 151 21.71 -5.91 64.31
N LEU C 152 22.60 -5.26 65.04
CA LEU C 152 23.41 -4.21 64.44
C LEU C 152 24.28 -4.75 63.32
N ARG C 153 24.84 -5.95 63.51
CA ARG C 153 25.63 -6.57 62.45
C ARG C 153 24.79 -6.81 61.21
N THR C 154 23.56 -7.29 61.39
CA THR C 154 22.65 -7.46 60.26
C THR C 154 22.32 -6.12 59.62
N TYR C 155 22.18 -5.07 60.44
CA TYR C 155 21.90 -3.75 59.91
C TYR C 155 23.04 -3.26 59.02
N ILE C 156 24.29 -3.46 59.45
CA ILE C 156 25.43 -3.07 58.64
C ILE C 156 25.47 -3.88 57.36
N ILE C 157 25.22 -5.18 57.46
CA ILE C 157 25.23 -6.04 56.27
C ILE C 157 24.16 -5.59 55.27
N SER C 158 22.97 -5.26 55.77
CA SER C 158 21.89 -4.82 54.89
C SER C 158 22.27 -3.54 54.17
N ILE C 159 22.82 -2.56 54.90
CA ILE C 159 23.22 -1.31 54.27
C ILE C 159 24.34 -1.54 53.26
N LEU C 160 25.33 -2.35 53.64
CA LEU C 160 26.45 -2.61 52.74
C LEU C 160 26.00 -3.28 51.46
N PHE C 161 25.14 -4.30 51.57
CA PHE C 161 24.63 -4.97 50.38
C PHE C 161 23.80 -4.02 49.53
N LYS C 162 23.01 -3.16 50.18
CA LYS C 162 22.21 -2.18 49.44
C LYS C 162 23.11 -1.26 48.63
N SER C 163 24.15 -0.72 49.26
CA SER C 163 25.07 0.16 48.54
C SER C 163 25.79 -0.57 47.43
N ILE C 164 26.23 -1.80 47.70
CA ILE C 164 26.98 -2.56 46.69
C ILE C 164 26.09 -2.87 45.49
N PHE C 165 24.87 -3.33 45.74
CA PHE C 165 23.95 -3.59 44.64
C PHE C 165 23.64 -2.31 43.87
N GLU C 166 23.48 -1.21 44.58
CA GLU C 166 23.14 0.06 43.93
C GLU C 166 24.27 0.53 43.02
N VAL C 167 25.50 0.55 43.53
CA VAL C 167 26.61 1.02 42.71
C VAL C 167 26.87 0.08 41.55
N ALA C 168 26.68 -1.23 41.76
CA ALA C 168 26.84 -2.18 40.66
C ALA C 168 25.82 -1.93 39.57
N PHE C 169 24.56 -1.67 39.93
CA PHE C 169 23.55 -1.36 38.94
C PHE C 169 23.90 -0.08 38.19
N LEU C 170 24.38 0.94 38.91
CA LEU C 170 24.78 2.17 38.24
C LEU C 170 25.94 1.94 37.28
N LEU C 171 26.94 1.17 37.71
CA LEU C 171 28.11 0.95 36.87
C LEU C 171 27.75 0.17 35.61
N ILE C 172 26.96 -0.91 35.76
CA ILE C 172 26.62 -1.71 34.59
C ILE C 172 25.74 -0.93 33.63
N GLN C 173 24.87 -0.07 34.17
CA GLN C 173 24.06 0.79 33.32
C GLN C 173 24.93 1.75 32.53
N TRP C 174 25.95 2.33 33.17
CA TRP C 174 26.87 3.19 32.45
C TRP C 174 27.64 2.42 31.38
N TYR C 175 28.05 1.20 31.70
CA TYR C 175 28.80 0.39 30.74
C TYR C 175 27.96 0.06 29.52
N ILE C 176 26.68 -0.23 29.72
CA ILE C 176 25.83 -0.67 28.61
C ILE C 176 25.35 0.53 27.80
N TYR C 177 24.61 1.44 28.43
CA TYR C 177 23.97 2.54 27.72
C TYR C 177 24.65 3.88 27.92
N GLY C 178 25.48 4.03 28.94
CA GLY C 178 25.96 5.37 29.21
C GLY C 178 24.84 6.23 29.77
N PHE C 179 25.01 7.53 29.65
CA PHE C 179 24.05 8.50 30.19
C PHE C 179 23.49 9.40 29.09
N SER C 180 23.44 8.90 27.86
CA SER C 180 22.93 9.69 26.74
C SER C 180 22.40 8.75 25.67
N LEU C 181 21.42 9.24 24.91
CA LEU C 181 20.82 8.48 23.82
C LEU C 181 20.86 9.33 22.57
N SER C 182 21.70 8.94 21.61
CA SER C 182 21.75 9.63 20.33
C SER C 182 20.47 9.38 19.55
N ALA C 183 19.97 10.44 18.90
CA ALA C 183 18.75 10.30 18.11
C ALA C 183 18.95 9.36 16.92
N VAL C 184 20.16 9.29 16.39
CA VAL C 184 20.47 8.44 15.25
C VAL C 184 21.45 7.37 15.71
N TYR C 185 21.10 6.11 15.48
CA TYR C 185 21.90 4.97 15.89
C TYR C 185 22.29 4.16 14.67
N THR C 186 23.60 3.99 14.47
CA THR C 186 24.08 3.09 13.44
C THR C 186 24.03 1.66 13.94
N CYS C 187 23.80 0.73 13.01
CA CYS C 187 23.55 -0.66 13.38
C CYS C 187 24.30 -1.59 12.44
N LYS C 188 25.02 -2.54 13.02
CA LYS C 188 25.66 -3.63 12.28
C LYS C 188 24.99 -4.94 12.68
N ARG C 189 24.44 -5.64 11.70
CA ARG C 189 23.84 -6.94 11.98
C ARG C 189 23.84 -7.75 10.69
N ASP C 190 23.73 -9.08 10.87
CA ASP C 190 23.75 -9.97 9.70
C ASP C 190 22.59 -9.73 8.74
N PRO C 191 21.32 -9.67 9.19
CA PRO C 191 20.24 -9.44 8.21
C PRO C 191 20.34 -8.10 7.51
N CYS C 192 20.78 -7.06 8.19
CA CYS C 192 20.88 -5.75 7.57
C CYS C 192 22.14 -5.69 6.71
N PRO C 193 22.05 -5.25 5.47
CA PRO C 193 23.25 -5.19 4.63
C PRO C 193 24.21 -4.14 5.18
N HIS C 194 25.36 -4.61 5.67
CA HIS C 194 26.37 -3.73 6.25
C HIS C 194 25.78 -2.87 7.35
N GLN C 195 26.14 -1.58 7.38
CA GLN C 195 25.62 -0.66 8.37
C GLN C 195 24.27 -0.12 7.94
N VAL C 196 23.40 0.15 8.90
CA VAL C 196 22.13 0.81 8.65
C VAL C 196 21.89 1.84 9.75
N ASP C 197 21.01 2.80 9.46
CA ASP C 197 20.63 3.84 10.40
C ASP C 197 19.27 3.52 11.02
N CYS C 198 19.14 3.81 12.31
CA CYS C 198 17.87 3.70 13.02
C CYS C 198 17.70 4.94 13.89
N PHE C 199 16.46 5.20 14.29
CA PHE C 199 16.12 6.42 15.01
C PHE C 199 15.31 6.07 16.25
N LEU C 200 15.71 6.62 17.39
CA LEU C 200 15.08 6.29 18.66
C LEU C 200 13.78 7.07 18.83
N SER C 201 13.00 6.70 19.84
CA SER C 201 11.65 7.23 19.98
C SER C 201 11.65 8.62 20.62
N ARG C 202 12.14 8.73 21.85
CA ARG C 202 12.20 10.01 22.57
C ARG C 202 13.53 10.13 23.28
N PRO C 203 14.61 10.36 22.53
CA PRO C 203 15.93 10.46 23.18
C PRO C 203 16.05 11.56 24.22
N THR C 204 15.49 12.75 23.97
CA THR C 204 15.64 13.81 24.97
C THR C 204 14.88 13.46 26.24
N GLU C 205 13.63 13.04 26.10
CA GLU C 205 12.85 12.67 27.28
C GLU C 205 13.48 11.50 28.02
N LYS C 206 14.00 10.52 27.27
CA LYS C 206 14.69 9.40 27.90
C LYS C 206 15.98 9.86 28.57
N THR C 207 16.74 10.74 27.91
CA THR C 207 17.97 11.24 28.54
C THR C 207 17.65 12.03 29.81
N ILE C 208 16.60 12.85 29.77
CA ILE C 208 16.23 13.64 30.94
C ILE C 208 15.88 12.71 32.10
N PHE C 209 15.09 11.67 31.83
CA PHE C 209 14.74 10.73 32.90
C PHE C 209 15.93 9.89 33.32
N ILE C 210 16.83 9.58 32.38
CA ILE C 210 18.06 8.89 32.75
C ILE C 210 18.87 9.74 33.72
N ILE C 211 18.94 11.05 33.44
CA ILE C 211 19.64 11.96 34.35
C ILE C 211 18.99 11.97 35.72
N PHE C 212 17.66 12.04 35.75
CA PHE C 212 16.95 12.07 37.04
C PHE C 212 17.16 10.77 37.81
N MET C 213 17.10 9.63 37.13
CA MET C 213 17.40 8.37 37.80
C MET C 213 18.84 8.35 38.29
N LEU C 214 19.75 8.96 37.53
CA LEU C 214 21.15 9.00 37.95
C LEU C 214 21.31 9.82 39.23
N VAL C 215 20.73 11.02 39.26
CA VAL C 215 20.92 11.89 40.43
C VAL C 215 20.23 11.29 41.64
N VAL C 216 19.07 10.66 41.45
CA VAL C 216 18.42 9.95 42.55
C VAL C 216 19.30 8.82 43.04
N SER C 217 19.93 8.10 42.12
CA SER C 217 20.86 7.03 42.51
C SER C 217 22.02 7.58 43.31
N LEU C 218 22.59 8.71 42.87
CA LEU C 218 23.75 9.27 43.55
C LEU C 218 23.42 9.72 44.96
N VAL C 219 22.31 10.43 45.13
CA VAL C 219 21.96 10.93 46.46
C VAL C 219 21.60 9.78 47.38
N SER C 220 20.95 8.75 46.85
CA SER C 220 20.65 7.58 47.66
C SER C 220 21.93 6.91 48.15
N LEU C 221 22.92 6.78 47.26
CA LEU C 221 24.21 6.23 47.66
C LEU C 221 24.88 7.12 48.69
N ALA C 222 24.79 8.43 48.52
CA ALA C 222 25.39 9.35 49.47
C ALA C 222 24.77 9.21 50.85
N LEU C 223 23.45 9.07 50.91
CA LEU C 223 22.79 8.89 52.21
C LEU C 223 23.23 7.58 52.86
N ASN C 224 23.36 6.51 52.09
CA ASN C 224 23.82 5.25 52.65
C ASN C 224 25.23 5.38 53.21
N ILE C 225 26.11 6.07 52.49
CA ILE C 225 27.47 6.29 52.99
C ILE C 225 27.45 7.11 54.26
N ILE C 226 26.59 8.13 54.32
CA ILE C 226 26.49 8.96 55.52
C ILE C 226 26.07 8.12 56.71
N GLU C 227 25.08 7.25 56.53
CA GLU C 227 24.63 6.40 57.62
C GLU C 227 25.74 5.46 58.08
N LEU C 228 26.51 4.92 57.14
CA LEU C 228 27.62 4.05 57.51
C LEU C 228 28.65 4.79 58.35
N PHE C 229 29.00 6.02 57.96
CA PHE C 229 29.92 6.82 58.75
C PHE C 229 29.33 7.16 60.10
N TYR C 230 28.02 7.46 60.15
CA TYR C 230 27.37 7.75 61.42
C TYR C 230 27.45 6.57 62.36
N VAL C 231 27.21 5.36 61.86
CA VAL C 231 27.30 4.17 62.69
C VAL C 231 28.73 3.94 63.15
N PHE C 232 29.70 4.11 62.24
CA PHE C 232 31.09 3.90 62.62
C PHE C 232 31.53 4.87 63.70
N PHE C 233 31.10 6.13 63.61
CA PHE C 233 31.37 7.07 64.69
C PHE C 233 30.68 6.64 65.98
N LYS C 234 29.44 6.16 65.88
CA LYS C 234 28.74 5.64 67.05
C LYS C 234 29.37 4.37 67.58
N GLY C 235 30.08 3.62 66.74
CA GLY C 235 30.72 2.39 67.16
C GLY C 235 32.02 2.62 67.90
N GLY D 2 -7.67 1.02 66.49
CA GLY D 2 -7.64 2.22 65.66
C GLY D 2 -6.84 3.36 66.26
N ASP D 3 -6.17 4.11 65.39
CA ASP D 3 -5.41 5.30 65.78
C ASP D 3 -5.94 6.53 65.05
N TRP D 4 -7.27 6.59 64.90
CA TRP D 4 -7.89 7.74 64.25
C TRP D 4 -7.71 9.01 65.05
N SER D 5 -7.79 8.93 66.37
CA SER D 5 -7.56 10.10 67.21
C SER D 5 -6.12 10.58 67.09
N ALA D 6 -5.17 9.66 67.02
CA ALA D 6 -3.78 10.04 66.82
C ALA D 6 -3.58 10.72 65.47
N LEU D 7 -4.23 10.20 64.42
CA LEU D 7 -4.16 10.84 63.12
C LEU D 7 -4.77 12.23 63.15
N GLY D 8 -5.92 12.38 63.83
CA GLY D 8 -6.57 13.67 63.89
C GLY D 8 -5.74 14.71 64.61
N LYS D 9 -5.18 14.35 65.77
CA LYS D 9 -4.35 15.30 66.50
C LYS D 9 -3.07 15.62 65.74
N LEU D 10 -2.51 14.64 65.03
CA LEU D 10 -1.34 14.89 64.20
C LEU D 10 -1.66 15.91 63.12
N LEU D 11 -2.81 15.76 62.47
CA LEU D 11 -3.22 16.74 61.46
C LEU D 11 -3.39 18.12 62.07
N ASP D 12 -3.97 18.18 63.27
CA ASP D 12 -4.22 19.47 63.91
C ASP D 12 -2.92 20.22 64.21
N LYS D 13 -1.95 19.54 64.82
CA LYS D 13 -0.69 20.20 65.13
C LYS D 13 0.14 20.49 63.89
N VAL D 14 -0.04 19.72 62.82
CA VAL D 14 0.61 20.05 61.55
C VAL D 14 0.02 21.33 60.98
N GLN D 15 -1.30 21.45 60.97
CA GLN D 15 -1.97 22.60 60.38
C GLN D 15 -2.04 23.79 61.32
N ALA D 16 -1.60 23.64 62.57
CA ALA D 16 -1.70 24.75 63.52
C ALA D 16 -0.85 25.94 63.16
N TYR D 17 0.14 25.76 62.29
CA TYR D 17 1.04 26.84 61.87
C TYR D 17 0.63 27.47 60.55
N SER D 18 -0.67 27.50 60.25
CA SER D 18 -1.16 28.01 58.98
C SER D 18 -2.37 28.92 59.21
N THR D 19 -2.67 29.73 58.20
CA THR D 19 -3.78 30.66 58.24
C THR D 19 -5.11 29.91 58.29
N ALA D 20 -6.13 30.62 58.77
CA ALA D 20 -7.44 29.99 58.96
C ALA D 20 -7.99 29.41 57.66
N GLY D 21 -7.91 30.17 56.57
CA GLY D 21 -8.38 29.70 55.28
C GLY D 21 -7.27 29.22 54.38
N GLY D 22 -6.03 29.51 54.75
CA GLY D 22 -4.92 29.19 53.87
C GLY D 22 -4.72 27.70 53.65
N LYS D 23 -4.77 26.92 54.74
CA LYS D 23 -4.47 25.49 54.63
C LYS D 23 -5.53 24.76 53.82
N VAL D 24 -6.81 25.08 54.06
CA VAL D 24 -7.88 24.44 53.31
C VAL D 24 -7.79 24.79 51.83
N TRP D 25 -7.51 26.07 51.52
CA TRP D 25 -7.39 26.48 50.13
C TRP D 25 -6.24 25.75 49.44
N LEU D 26 -5.10 25.60 50.12
CA LEU D 26 -3.99 24.87 49.54
C LEU D 26 -4.36 23.40 49.32
N SER D 27 -5.02 22.78 50.29
CA SER D 27 -5.36 21.36 50.17
C SER D 27 -6.33 21.13 49.03
N VAL D 28 -7.37 21.97 48.92
CA VAL D 28 -8.34 21.78 47.85
C VAL D 28 -7.70 22.08 46.50
N LEU D 29 -6.81 23.06 46.45
CA LEU D 29 -6.09 23.34 45.21
C LEU D 29 -5.25 22.14 44.78
N PHE D 30 -4.54 21.53 45.74
CA PHE D 30 -3.69 20.40 45.41
C PHE D 30 -4.50 19.23 44.89
N ILE D 31 -5.59 18.88 45.59
CA ILE D 31 -6.40 17.74 45.15
C ILE D 31 -7.10 18.05 43.84
N PHE D 32 -7.53 19.29 43.66
CA PHE D 32 -8.12 19.70 42.39
C PHE D 32 -7.13 19.50 41.24
N ARG D 33 -5.90 19.96 41.42
CA ARG D 33 -4.91 19.87 40.35
C ARG D 33 -4.57 18.42 40.04
N ILE D 34 -4.34 17.61 41.06
CA ILE D 34 -3.83 16.25 40.83
C ILE D 34 -4.89 15.38 40.17
N LEU D 35 -6.15 15.48 40.62
CA LEU D 35 -7.19 14.67 40.00
C LEU D 35 -7.49 15.15 38.59
N LEU D 36 -7.38 16.46 38.35
CA LEU D 36 -7.50 16.96 36.98
C LEU D 36 -6.43 16.37 36.09
N LEU D 37 -5.18 16.36 36.57
CA LEU D 37 -4.09 15.80 35.79
C LEU D 37 -4.29 14.30 35.56
N GLY D 38 -4.76 13.59 36.59
CA GLY D 38 -4.94 12.16 36.46
C GLY D 38 -6.01 11.78 35.46
N THR D 39 -7.07 12.58 35.38
CA THR D 39 -8.24 12.22 34.58
C THR D 39 -8.26 12.90 33.21
N ALA D 40 -8.06 14.22 33.17
CA ALA D 40 -8.32 14.97 31.95
C ALA D 40 -7.14 14.86 30.97
N VAL D 41 -5.97 15.37 31.37
CA VAL D 41 -4.88 15.52 30.43
C VAL D 41 -4.25 14.20 30.02
N GLU D 42 -4.46 13.13 30.79
CA GLU D 42 -3.84 11.86 30.46
C GLU D 42 -4.29 11.37 29.09
N SER D 43 -5.60 11.42 28.83
CA SER D 43 -6.09 11.03 27.51
C SER D 43 -5.66 12.02 26.44
N ALA D 44 -5.59 13.30 26.80
CA ALA D 44 -5.24 14.32 25.81
C ALA D 44 -3.86 14.09 25.25
N TRP D 45 -2.91 13.69 26.09
CA TRP D 45 -1.57 13.36 25.63
C TRP D 45 -1.40 11.87 25.31
N GLY D 46 -2.50 11.13 25.20
CA GLY D 46 -2.40 9.70 24.92
C GLY D 46 -1.81 9.41 23.56
N ASP D 47 -2.08 10.26 22.57
CA ASP D 47 -1.70 10.02 21.19
C ASP D 47 -0.80 11.13 20.67
N GLU D 48 0.14 11.58 21.51
CA GLU D 48 1.03 12.66 21.10
C GLU D 48 1.97 12.22 19.98
N GLN D 49 2.28 10.92 19.91
CA GLN D 49 3.19 10.41 18.89
C GLN D 49 2.46 9.82 17.70
N SER D 50 1.44 9.00 17.95
CA SER D 50 0.73 8.33 16.86
C SER D 50 0.07 9.33 15.93
N ALA D 51 -0.49 10.39 16.50
CA ALA D 51 -1.13 11.42 15.69
C ALA D 51 -0.16 12.44 15.14
N PHE D 52 1.14 12.30 15.42
CA PHE D 52 2.13 13.23 14.86
C PHE D 52 2.42 12.86 13.41
N ARG D 53 2.12 13.78 12.50
CA ARG D 53 2.25 13.57 11.07
C ARG D 53 2.98 14.75 10.44
N CYS D 54 4.15 14.48 9.86
CA CYS D 54 4.93 15.49 9.14
C CYS D 54 4.73 15.32 7.65
N ASN D 55 4.92 16.40 6.91
CA ASN D 55 4.78 16.39 5.46
C ASN D 55 6.13 16.19 4.79
N THR D 56 6.62 14.96 4.85
CA THR D 56 7.78 14.58 4.05
C THR D 56 7.78 13.07 3.84
N GLN D 57 8.33 12.68 2.69
CA GLN D 57 8.51 11.27 2.36
C GLN D 57 9.80 10.71 2.93
N GLN D 58 10.58 11.54 3.60
CA GLN D 58 11.81 11.08 4.22
C GLN D 58 11.48 10.21 5.42
N PRO D 59 11.83 8.94 5.42
CA PRO D 59 11.68 8.14 6.63
C PRO D 59 12.67 8.62 7.67
N GLY D 60 12.26 8.57 8.93
CA GLY D 60 13.10 9.09 9.97
C GLY D 60 12.97 10.57 10.22
N CYS D 61 12.07 11.26 9.53
CA CYS D 61 11.89 12.68 9.79
C CYS D 61 10.85 12.96 10.86
N GLU D 62 9.85 12.08 11.02
CA GLU D 62 8.76 12.34 11.97
C GLU D 62 9.30 12.57 13.38
N ASN D 63 9.85 11.52 13.99
CA ASN D 63 10.19 11.57 15.40
C ASN D 63 11.32 12.56 15.69
N VAL D 64 12.28 12.71 14.78
CA VAL D 64 13.34 13.70 15.04
C VAL D 64 12.75 15.10 15.04
N CYS D 65 11.80 15.37 14.15
CA CYS D 65 11.08 16.63 14.20
C CYS D 65 10.18 16.68 15.43
N TYR D 66 9.53 15.57 15.76
CA TYR D 66 8.73 15.52 16.99
C TYR D 66 9.62 15.75 18.20
N ASP D 67 10.78 15.08 18.23
CA ASP D 67 11.67 15.22 19.37
C ASP D 67 12.18 16.65 19.49
N LYS D 68 12.54 17.27 18.36
CA LYS D 68 12.93 18.67 18.37
C LYS D 68 11.76 19.54 18.80
N SER D 69 10.55 19.17 18.40
CA SER D 69 9.36 19.93 18.81
C SER D 69 9.11 19.79 20.30
N PHE D 70 9.29 18.59 20.85
CA PHE D 70 8.88 18.28 22.22
C PHE D 70 10.05 17.72 23.02
N PRO D 71 10.92 18.58 23.56
CA PRO D 71 11.98 18.07 24.43
C PRO D 71 11.44 17.28 25.60
N ILE D 72 10.32 17.70 26.18
CA ILE D 72 9.71 17.02 27.31
C ILE D 72 8.20 17.09 27.14
N SER D 73 7.54 15.97 27.38
CA SER D 73 6.09 15.95 27.26
C SER D 73 5.44 16.72 28.41
N HIS D 74 4.36 17.43 28.10
CA HIS D 74 3.74 18.31 29.09
C HIS D 74 3.20 17.54 30.28
N VAL D 75 2.60 16.37 30.04
CA VAL D 75 2.05 15.61 31.15
C VAL D 75 3.16 15.15 32.09
N ARG D 76 4.26 14.64 31.53
CA ARG D 76 5.39 14.23 32.36
C ARG D 76 6.01 15.42 33.06
N PHE D 77 6.10 16.55 32.37
CA PHE D 77 6.65 17.75 32.98
C PHE D 77 5.80 18.22 34.15
N TRP D 78 4.47 18.20 34.00
CA TRP D 78 3.60 18.56 35.09
C TRP D 78 3.67 17.56 36.23
N VAL D 79 3.83 16.28 35.91
CA VAL D 79 4.02 15.28 36.95
C VAL D 79 5.30 15.58 37.73
N LEU D 80 6.36 15.95 37.03
CA LEU D 80 7.59 16.36 37.71
C LEU D 80 7.35 17.61 38.54
N GLN D 81 6.57 18.56 38.01
CA GLN D 81 6.29 19.78 38.76
C GLN D 81 5.53 19.48 40.05
N ILE D 82 4.46 18.69 39.96
CA ILE D 82 3.64 18.45 41.14
C ILE D 82 4.38 17.60 42.15
N ILE D 83 5.17 16.63 41.70
CA ILE D 83 5.89 15.79 42.63
C ILE D 83 6.97 16.60 43.35
N PHE D 84 7.62 17.53 42.64
CA PHE D 84 8.62 18.38 43.27
C PHE D 84 7.98 19.34 44.27
N VAL D 85 6.79 19.84 43.96
CA VAL D 85 6.08 20.71 44.88
C VAL D 85 5.63 19.94 46.12
N SER D 86 5.22 18.69 45.93
CA SER D 86 4.68 17.92 47.05
C SER D 86 5.77 17.46 48.01
N VAL D 87 7.01 17.33 47.55
CA VAL D 87 8.09 16.80 48.39
C VAL D 87 8.27 17.61 49.68
N PRO D 88 8.35 18.95 49.63
CA PRO D 88 8.53 19.69 50.91
C PRO D 88 7.44 19.43 51.93
N THR D 89 6.18 19.28 51.49
CA THR D 89 5.11 18.98 52.44
C THR D 89 5.32 17.63 53.10
N LEU D 90 5.69 16.61 52.32
CA LEU D 90 5.95 15.30 52.90
C LEU D 90 7.14 15.33 53.85
N LEU D 91 8.17 16.09 53.50
CA LEU D 91 9.31 16.24 54.39
C LEU D 91 8.90 16.89 55.70
N TYR D 92 8.09 17.94 55.63
CA TYR D 92 7.65 18.61 56.85
C TYR D 92 6.79 17.69 57.70
N LEU D 93 5.87 16.94 57.07
CA LEU D 93 5.00 16.05 57.82
C LEU D 93 5.78 14.97 58.55
N ALA D 94 6.70 14.32 57.85
CA ALA D 94 7.51 13.29 58.50
C ALA D 94 8.35 13.89 59.61
N HIS D 95 8.95 15.06 59.36
CA HIS D 95 9.84 15.67 60.35
C HIS D 95 9.09 16.03 61.62
N VAL D 96 7.90 16.64 61.50
CA VAL D 96 7.13 16.97 62.69
C VAL D 96 6.61 15.71 63.37
N PHE D 97 6.30 14.67 62.59
CA PHE D 97 5.89 13.41 63.18
C PHE D 97 7.01 12.80 64.01
N TYR D 98 8.24 12.84 63.51
CA TYR D 98 9.37 12.32 64.27
C TYR D 98 9.64 13.19 65.50
N VAL D 99 9.45 14.50 65.37
CA VAL D 99 9.61 15.38 66.51
C VAL D 99 8.61 15.05 67.60
N MET D 100 7.35 14.81 67.21
CA MET D 100 6.32 14.45 68.18
C MET D 100 6.63 13.11 68.84
N ARG D 101 7.07 12.12 68.05
CA ARG D 101 7.38 10.81 68.61
C ARG D 101 8.54 10.90 69.61
N LYS D 102 9.58 11.65 69.27
CA LYS D 102 10.70 11.81 70.19
C LYS D 102 10.28 12.59 71.43
N GLU D 103 9.44 13.62 71.25
CA GLU D 103 8.93 14.36 72.40
C GLU D 103 8.07 13.48 73.29
N GLU D 104 7.37 12.50 72.71
CA GLU D 104 6.50 11.64 73.50
C GLU D 104 7.30 10.84 74.53
N LYS D 105 8.45 10.32 74.14
CA LYS D 105 9.27 9.54 75.05
C LYS D 105 10.10 10.45 75.95
N LEU D 151 10.55 24.27 64.82
CA LEU D 151 9.89 23.72 63.64
C LEU D 151 9.44 24.83 62.71
N LEU D 152 9.28 26.03 63.25
CA LEU D 152 8.86 27.16 62.43
C LEU D 152 9.89 27.47 61.36
N ARG D 153 11.18 27.37 61.71
CA ARG D 153 12.23 27.58 60.71
C ARG D 153 12.12 26.57 59.58
N THR D 154 11.88 25.30 59.93
CA THR D 154 11.68 24.28 58.91
C THR D 154 10.43 24.57 58.09
N TYR D 155 9.39 25.10 58.73
CA TYR D 155 8.17 25.44 58.01
C TYR D 155 8.43 26.53 56.97
N ILE D 156 9.20 27.56 57.33
CA ILE D 156 9.55 28.61 56.39
C ILE D 156 10.40 28.05 55.26
N ILE D 157 11.37 27.19 55.60
CA ILE D 157 12.22 26.61 54.57
C ILE D 157 11.39 25.78 53.59
N SER D 158 10.45 25.00 54.11
CA SER D 158 9.61 24.17 53.24
C SER D 158 8.79 25.03 52.30
N ILE D 159 8.17 26.09 52.82
CA ILE D 159 7.37 26.97 51.97
C ILE D 159 8.26 27.66 50.93
N LEU D 160 9.42 28.15 51.37
CA LEU D 160 10.31 28.85 50.45
C LEU D 160 10.79 27.94 49.32
N PHE D 161 11.20 26.72 49.67
CA PHE D 161 11.62 25.78 48.64
C PHE D 161 10.47 25.42 47.71
N LYS D 162 9.26 25.28 48.26
CA LYS D 162 8.10 24.96 47.42
C LYS D 162 7.85 26.08 46.41
N SER D 163 7.88 27.33 46.87
CA SER D 163 7.68 28.45 45.95
C SER D 163 8.79 28.54 44.93
N ILE D 164 10.04 28.34 45.36
CA ILE D 164 11.18 28.45 44.44
C ILE D 164 11.11 27.36 43.38
N PHE D 165 10.85 26.13 43.79
CA PHE D 165 10.71 25.05 42.82
C PHE D 165 9.54 25.31 41.87
N GLU D 166 8.43 25.84 42.40
CA GLU D 166 7.27 26.08 41.57
C GLU D 166 7.54 27.16 40.52
N VAL D 167 8.10 28.29 40.93
CA VAL D 167 8.36 29.36 39.97
C VAL D 167 9.42 28.93 38.96
N ALA D 168 10.41 28.14 39.40
CA ALA D 168 11.41 27.65 38.46
C ALA D 168 10.80 26.74 37.42
N PHE D 169 9.89 25.85 37.82
CA PHE D 169 9.20 24.99 36.87
C PHE D 169 8.38 25.83 35.89
N LEU D 170 7.69 26.85 36.40
CA LEU D 170 6.90 27.71 35.51
C LEU D 170 7.81 28.44 34.52
N LEU D 171 8.92 28.98 35.00
CA LEU D 171 9.81 29.74 34.13
C LEU D 171 10.43 28.87 33.04
N ILE D 172 10.91 27.69 33.42
CA ILE D 172 11.55 26.81 32.43
C ILE D 172 10.53 26.31 31.42
N GLN D 173 9.29 26.08 31.87
CA GLN D 173 8.23 25.69 30.95
C GLN D 173 7.95 26.80 29.95
N TRP D 174 7.92 28.04 30.41
CA TRP D 174 7.74 29.17 29.50
C TRP D 174 8.90 29.28 28.52
N TYR D 175 10.12 29.07 29.00
CA TYR D 175 11.29 29.17 28.14
C TYR D 175 11.27 28.11 27.06
N ILE D 176 10.83 26.89 27.39
CA ILE D 176 10.88 25.79 26.43
C ILE D 176 9.70 25.85 25.47
N TYR D 177 8.48 25.77 25.99
CA TYR D 177 7.30 25.68 25.16
C TYR D 177 6.49 26.96 25.09
N GLY D 178 6.67 27.89 26.00
CA GLY D 178 5.75 29.01 26.01
C GLY D 178 4.39 28.55 26.51
N PHE D 179 3.38 29.35 26.16
CA PHE D 179 2.01 29.08 26.59
C PHE D 179 1.07 28.90 25.41
N SER D 180 1.59 28.42 24.28
CA SER D 180 0.78 28.22 23.09
C SER D 180 1.42 27.14 22.23
N LEU D 181 0.58 26.45 21.47
CA LEU D 181 1.02 25.39 20.56
C LEU D 181 0.46 25.67 19.18
N SER D 182 1.32 26.05 18.25
CA SER D 182 0.90 26.25 16.88
C SER D 182 0.53 24.93 16.23
N ALA D 183 -0.55 24.93 15.46
CA ALA D 183 -0.98 23.71 14.79
C ALA D 183 0.04 23.24 13.76
N VAL D 184 0.79 24.16 13.16
CA VAL D 184 1.79 23.83 12.16
C VAL D 184 3.16 24.20 12.72
N TYR D 185 4.07 23.23 12.73
CA TYR D 185 5.41 23.41 13.27
C TYR D 185 6.42 23.16 12.17
N THR D 186 7.27 24.16 11.91
CA THR D 186 8.39 23.97 11.01
C THR D 186 9.54 23.28 11.74
N CYS D 187 10.29 22.49 11.00
CA CYS D 187 11.31 21.64 11.60
C CYS D 187 12.59 21.67 10.78
N LYS D 188 13.70 21.89 11.45
CA LYS D 188 15.03 21.79 10.86
C LYS D 188 15.76 20.63 11.52
N ARG D 189 16.18 19.66 10.71
CA ARG D 189 16.94 18.53 11.24
C ARG D 189 17.78 17.94 10.11
N ASP D 190 18.81 17.21 10.51
CA ASP D 190 19.71 16.61 9.51
C ASP D 190 19.01 15.60 8.61
N PRO D 191 18.26 14.62 9.13
CA PRO D 191 17.61 13.67 8.21
C PRO D 191 16.60 14.32 7.28
N CYS D 192 15.87 15.32 7.75
CA CYS D 192 14.87 15.96 6.92
C CYS D 192 15.56 16.95 5.98
N PRO D 193 15.27 16.91 4.68
CA PRO D 193 15.93 17.85 3.77
C PRO D 193 15.48 19.27 4.07
N HIS D 194 16.42 20.09 4.55
CA HIS D 194 16.13 21.47 4.90
C HIS D 194 14.96 21.56 5.88
N GLN D 195 14.06 22.51 5.68
CA GLN D 195 12.90 22.68 6.54
C GLN D 195 11.80 21.73 6.11
N VAL D 196 11.02 21.26 7.08
CA VAL D 196 9.82 20.46 6.81
C VAL D 196 8.70 20.93 7.74
N ASP D 197 7.46 20.63 7.35
CA ASP D 197 6.29 20.96 8.14
C ASP D 197 5.80 19.73 8.90
N CYS D 198 5.34 19.95 10.12
CA CYS D 198 4.71 18.92 10.93
C CYS D 198 3.48 19.52 11.60
N PHE D 199 2.58 18.64 12.04
CA PHE D 199 1.29 19.06 12.57
C PHE D 199 1.03 18.38 13.90
N LEU D 200 0.65 19.16 14.91
CA LEU D 200 0.47 18.65 16.26
C LEU D 200 -0.88 17.95 16.38
N SER D 201 -1.07 17.26 17.49
CA SER D 201 -2.24 16.39 17.64
C SER D 201 -3.49 17.17 18.04
N ARG D 202 -3.45 17.82 19.20
CA ARG D 202 -4.58 18.61 19.69
C ARG D 202 -4.08 19.92 20.27
N PRO D 203 -3.63 20.84 19.42
CA PRO D 203 -3.11 22.11 19.95
C PRO D 203 -4.09 22.91 20.78
N THR D 204 -5.36 23.01 20.38
CA THR D 204 -6.29 23.80 21.18
C THR D 204 -6.52 23.17 22.54
N GLU D 205 -6.80 21.86 22.56
CA GLU D 205 -7.02 21.19 23.84
C GLU D 205 -5.77 21.26 24.71
N LYS D 206 -4.59 21.09 24.10
CA LYS D 206 -3.35 21.22 24.86
C LYS D 206 -3.14 22.65 25.35
N THR D 207 -3.43 23.64 24.50
CA THR D 207 -3.29 25.02 24.95
C THR D 207 -4.25 25.33 26.10
N ILE D 208 -5.49 24.84 25.99
CA ILE D 208 -6.47 25.08 27.04
C ILE D 208 -5.99 24.50 28.36
N PHE D 209 -5.49 23.26 28.32
CA PHE D 209 -4.99 22.65 29.55
C PHE D 209 -3.70 23.30 30.02
N ILE D 210 -2.87 23.78 29.08
CA ILE D 210 -1.69 24.55 29.47
C ILE D 210 -2.10 25.80 30.23
N ILE D 211 -3.14 26.47 29.74
CA ILE D 211 -3.65 27.66 30.43
C ILE D 211 -4.14 27.30 31.82
N PHE D 212 -4.89 26.20 31.93
CA PHE D 212 -5.41 25.80 33.24
C PHE D 212 -4.28 25.45 34.21
N MET D 213 -3.28 24.73 33.72
CA MET D 213 -2.12 24.45 34.57
C MET D 213 -1.42 25.74 34.96
N LEU D 214 -1.38 26.71 34.05
CA LEU D 214 -0.74 27.98 34.35
C LEU D 214 -1.49 28.72 35.46
N VAL D 215 -2.81 28.83 35.34
CA VAL D 215 -3.57 29.59 36.33
C VAL D 215 -3.55 28.88 37.67
N VAL D 216 -3.58 27.54 37.67
CA VAL D 216 -3.43 26.79 38.91
C VAL D 216 -2.07 27.06 39.52
N SER D 217 -1.03 27.11 38.69
CA SER D 217 0.31 27.41 39.18
C SER D 217 0.35 28.81 39.80
N LEU D 218 -0.27 29.78 39.13
CA LEU D 218 -0.21 31.16 39.63
C LEU D 218 -0.92 31.30 40.97
N VAL D 219 -2.12 30.74 41.09
CA VAL D 219 -2.86 30.88 42.34
C VAL D 219 -2.17 30.13 43.47
N SER D 220 -1.57 28.98 43.16
CA SER D 220 -0.81 28.25 44.18
C SER D 220 0.37 29.09 44.67
N LEU D 221 1.08 29.74 43.75
CA LEU D 221 2.18 30.62 44.15
C LEU D 221 1.65 31.80 44.96
N ALA D 222 0.50 32.34 44.58
CA ALA D 222 -0.07 33.46 45.33
C ALA D 222 -0.40 33.05 46.75
N LEU D 223 -0.97 31.87 46.94
CA LEU D 223 -1.29 31.40 48.28
C LEU D 223 -0.04 31.22 49.11
N ASN D 224 1.03 30.68 48.52
CA ASN D 224 2.29 30.52 49.24
C ASN D 224 2.84 31.87 49.68
N ILE D 225 2.77 32.87 48.79
CA ILE D 225 3.24 34.21 49.15
C ILE D 225 2.40 34.78 50.27
N ILE D 226 1.08 34.57 50.21
CA ILE D 226 0.20 35.07 51.26
C ILE D 226 0.57 34.48 52.61
N GLU D 227 0.82 33.17 52.64
CA GLU D 227 1.20 32.51 53.88
C GLU D 227 2.51 33.06 54.42
N LEU D 228 3.47 33.31 53.52
CA LEU D 228 4.75 33.88 53.96
C LEU D 228 4.56 35.25 54.58
N PHE D 229 3.73 36.10 53.97
CA PHE D 229 3.45 37.40 54.56
C PHE D 229 2.70 37.27 55.87
N TYR D 230 1.78 36.30 55.96
CA TYR D 230 1.06 36.08 57.20
C TYR D 230 2.00 35.69 58.32
N VAL D 231 2.96 34.80 58.04
CA VAL D 231 3.93 34.41 59.06
C VAL D 231 4.82 35.59 59.44
N PHE D 232 5.28 36.37 58.46
CA PHE D 232 6.13 37.51 58.76
C PHE D 232 5.42 38.52 59.64
N PHE D 233 4.13 38.77 59.37
CA PHE D 233 3.35 39.63 60.26
C PHE D 233 3.23 39.01 61.64
N LYS D 234 3.01 37.70 61.71
CA LYS D 234 2.96 37.02 63.00
C LYS D 234 4.32 36.99 63.68
N GLY D 235 5.40 37.10 62.93
CA GLY D 235 6.74 37.10 63.51
C GLY D 235 7.14 38.43 64.10
N GLY E 2 -11.84 3.54 65.78
CA GLY E 2 -12.76 4.04 64.77
C GLY E 2 -13.38 5.38 65.11
N ASP E 3 -13.57 6.21 64.08
CA ASP E 3 -14.23 7.50 64.21
C ASP E 3 -15.48 7.56 63.34
N TRP E 4 -16.20 6.44 63.27
CA TRP E 4 -17.42 6.38 62.48
C TRP E 4 -18.50 7.29 63.05
N SER E 5 -18.61 7.36 64.37
CA SER E 5 -19.57 8.27 64.98
C SER E 5 -19.23 9.72 64.68
N ALA E 6 -17.94 10.06 64.70
CA ALA E 6 -17.53 11.42 64.34
C ALA E 6 -17.87 11.73 62.89
N LEU E 7 -17.65 10.76 61.99
CA LEU E 7 -18.02 10.96 60.60
C LEU E 7 -19.52 11.13 60.44
N GLY E 8 -20.30 10.32 61.16
CA GLY E 8 -21.74 10.42 61.06
C GLY E 8 -22.28 11.76 61.53
N LYS E 9 -21.81 12.22 62.70
CA LYS E 9 -22.27 13.52 63.20
C LYS E 9 -21.79 14.65 62.31
N LEU E 10 -20.60 14.53 61.73
CA LEU E 10 -20.12 15.55 60.80
C LEU E 10 -21.03 15.63 59.58
N LEU E 11 -21.44 14.48 59.05
CA LEU E 11 -22.37 14.46 57.92
C LEU E 11 -23.70 15.09 58.31
N ASP E 12 -24.18 14.81 59.52
CA ASP E 12 -25.47 15.33 59.96
C ASP E 12 -25.46 16.86 60.03
N LYS E 13 -24.44 17.44 60.68
CA LYS E 13 -24.40 18.89 60.79
C LYS E 13 -24.08 19.57 59.45
N VAL E 14 -23.41 18.86 58.55
CA VAL E 14 -23.22 19.40 57.20
C VAL E 14 -24.56 19.46 56.47
N GLN E 15 -25.33 18.39 56.53
CA GLN E 15 -26.59 18.31 55.81
C GLN E 15 -27.74 18.97 56.54
N ALA E 16 -27.52 19.47 57.76
CA ALA E 16 -28.61 20.06 58.53
C ALA E 16 -29.15 21.34 57.91
N TYR E 17 -28.39 21.97 57.01
CA TYR E 17 -28.80 23.21 56.36
C TYR E 17 -29.41 22.99 54.98
N SER E 18 -30.08 21.84 54.78
CA SER E 18 -30.63 21.51 53.48
C SER E 18 -32.05 20.95 53.64
N THR E 19 -32.78 20.96 52.53
CA THR E 19 -34.15 20.49 52.49
C THR E 19 -34.21 18.98 52.77
N ALA E 20 -35.39 18.52 53.19
CA ALA E 20 -35.56 17.12 53.57
C ALA E 20 -35.20 16.18 52.43
N GLY E 21 -35.70 16.47 51.23
CA GLY E 21 -35.40 15.64 50.07
C GLY E 21 -34.33 16.22 49.18
N GLY E 22 -33.97 17.48 49.42
CA GLY E 22 -33.04 18.14 48.52
C GLY E 22 -31.64 17.53 48.54
N LYS E 23 -31.11 17.26 49.74
CA LYS E 23 -29.73 16.79 49.85
C LYS E 23 -29.58 15.39 49.25
N VAL E 24 -30.53 14.50 49.52
CA VAL E 24 -30.46 13.15 48.96
C VAL E 24 -30.56 13.20 47.45
N TRP E 25 -31.47 14.02 46.91
CA TRP E 25 -31.61 14.13 45.47
C TRP E 25 -30.32 14.65 44.83
N LEU E 26 -29.68 15.65 45.44
CA LEU E 26 -28.42 16.14 44.91
C LEU E 26 -27.34 15.06 44.96
N SER E 27 -27.27 14.33 46.07
CA SER E 27 -26.22 13.31 46.21
C SER E 27 -26.39 12.20 45.19
N VAL E 28 -27.63 11.71 45.02
CA VAL E 28 -27.87 10.64 44.06
C VAL E 28 -27.64 11.14 42.64
N LEU E 29 -28.01 12.38 42.37
CA LEU E 29 -27.75 12.96 41.05
C LEU E 29 -26.26 13.01 40.77
N PHE E 30 -25.47 13.45 41.76
CA PHE E 30 -24.03 13.56 41.57
C PHE E 30 -23.39 12.20 41.30
N ILE E 31 -23.73 11.20 42.12
CA ILE E 31 -23.13 9.89 41.94
C ILE E 31 -23.62 9.25 40.65
N PHE E 32 -24.89 9.48 40.29
CA PHE E 32 -25.40 9.00 39.02
C PHE E 32 -24.60 9.56 37.86
N ARG E 33 -24.38 10.88 37.87
CA ARG E 33 -23.68 11.53 36.76
C ARG E 33 -22.23 11.05 36.67
N ILE E 34 -21.53 10.98 37.79
CA ILE E 34 -20.10 10.70 37.75
C ILE E 34 -19.84 9.27 37.32
N LEU E 35 -20.62 8.31 37.83
CA LEU E 35 -20.40 6.93 37.44
C LEU E 35 -20.81 6.70 35.99
N LEU E 36 -21.84 7.41 35.53
CA LEU E 36 -22.19 7.37 34.11
C LEU E 36 -21.03 7.86 33.25
N LEU E 37 -20.43 8.98 33.64
CA LEU E 37 -19.31 9.52 32.89
C LEU E 37 -18.12 8.58 32.93
N GLY E 38 -17.86 7.97 34.09
CA GLY E 38 -16.72 7.08 34.21
C GLY E 38 -16.85 5.83 33.37
N THR E 39 -18.06 5.30 33.23
CA THR E 39 -18.28 4.02 32.58
C THR E 39 -18.73 4.14 31.13
N ALA E 40 -19.74 4.96 30.85
CA ALA E 40 -20.37 4.95 29.54
C ALA E 40 -19.59 5.75 28.51
N VAL E 41 -19.45 7.06 28.75
CA VAL E 41 -18.92 7.93 27.71
C VAL E 41 -17.42 7.75 27.48
N GLU E 42 -16.71 7.15 28.44
CA GLU E 42 -15.27 6.99 28.28
C GLU E 42 -14.95 6.17 27.04
N SER E 43 -15.63 5.04 26.87
CA SER E 43 -15.41 4.22 25.67
C SER E 43 -15.92 4.93 24.43
N ALA E 44 -17.02 5.68 24.56
CA ALA E 44 -17.60 6.35 23.40
C ALA E 44 -16.62 7.35 22.78
N TRP E 45 -15.89 8.07 23.61
CA TRP E 45 -14.86 8.98 23.12
C TRP E 45 -13.49 8.33 23.04
N GLY E 46 -13.41 7.01 23.13
CA GLY E 46 -12.11 6.35 23.09
C GLY E 46 -11.41 6.50 21.75
N ASP E 47 -12.17 6.54 20.66
CA ASP E 47 -11.62 6.55 19.32
C ASP E 47 -12.06 7.81 18.55
N GLU E 48 -12.05 8.95 19.24
CA GLU E 48 -12.44 10.19 18.59
C GLU E 48 -11.47 10.60 17.50
N GLN E 49 -10.20 10.21 17.62
CA GLN E 49 -9.19 10.59 16.64
C GLN E 49 -8.94 9.49 15.62
N SER E 50 -8.79 8.24 16.08
CA SER E 50 -8.47 7.15 15.16
C SER E 50 -9.57 6.96 14.13
N ALA E 51 -10.83 7.09 14.55
CA ALA E 51 -11.95 6.93 13.63
C ALA E 51 -12.25 8.21 12.85
N PHE E 52 -11.49 9.28 13.05
CA PHE E 52 -11.70 10.50 12.29
C PHE E 52 -11.09 10.36 10.90
N ARG E 53 -11.94 10.44 9.87
CA ARG E 53 -11.53 10.22 8.49
C ARG E 53 -12.10 11.35 7.63
N CYS E 54 -11.21 12.13 7.01
CA CYS E 54 -11.58 13.19 6.09
C CYS E 54 -11.37 12.72 4.67
N ASN E 55 -12.12 13.33 3.74
CA ASN E 55 -12.04 12.99 2.32
C ASN E 55 -11.10 13.95 1.61
N THR E 56 -9.81 13.76 1.83
CA THR E 56 -8.81 14.43 1.03
C THR E 56 -7.49 13.66 1.07
N GLN E 57 -6.76 13.75 -0.03
CA GLN E 57 -5.43 13.15 -0.14
C GLN E 57 -4.35 14.06 0.42
N GLN E 58 -4.72 15.24 0.89
CA GLN E 58 -3.76 16.15 1.49
C GLN E 58 -3.33 15.61 2.83
N PRO E 59 -2.06 15.26 3.02
CA PRO E 59 -1.58 14.92 4.35
C PRO E 59 -1.59 16.16 5.23
N GLY E 60 -1.89 15.97 6.50
CA GLY E 60 -2.01 17.09 7.39
C GLY E 60 -3.36 17.76 7.40
N CYS E 61 -4.34 17.22 6.66
CA CYS E 61 -5.67 17.83 6.69
C CYS E 61 -6.56 17.23 7.78
N GLU E 62 -6.34 15.96 8.15
CA GLU E 62 -7.21 15.31 9.12
C GLU E 62 -7.28 16.08 10.43
N ASN E 63 -6.18 16.11 11.16
CA ASN E 63 -6.19 16.64 12.52
C ASN E 63 -6.49 18.13 12.56
N VAL E 64 -6.02 18.90 11.57
CA VAL E 64 -6.34 20.33 11.59
C VAL E 64 -7.83 20.54 11.40
N CYS E 65 -8.46 19.72 10.55
CA CYS E 65 -9.92 19.75 10.44
C CYS E 65 -10.55 19.20 11.71
N TYR E 66 -9.98 18.13 12.26
CA TYR E 66 -10.47 17.60 13.53
C TYR E 66 -10.33 18.64 14.62
N ASP E 67 -9.18 19.29 14.69
CA ASP E 67 -8.95 20.31 15.71
C ASP E 67 -9.92 21.47 15.56
N LYS E 68 -10.14 21.92 14.32
CA LYS E 68 -11.13 22.95 14.08
C LYS E 68 -12.52 22.46 14.44
N SER E 69 -12.79 21.18 14.19
CA SER E 69 -14.08 20.60 14.55
C SER E 69 -14.26 20.54 16.06
N PHE E 70 -13.21 20.17 16.79
CA PHE E 70 -13.30 19.86 18.22
C PHE E 70 -12.30 20.70 19.00
N PRO E 71 -12.64 21.95 19.33
CA PRO E 71 -11.76 22.73 20.20
C PRO E 71 -11.47 22.04 21.52
N ILE E 72 -12.48 21.38 22.10
CA ILE E 72 -12.34 20.69 23.37
C ILE E 72 -13.15 19.40 23.30
N SER E 73 -12.57 18.31 23.77
CA SER E 73 -13.29 17.04 23.75
C SER E 73 -14.40 17.05 24.80
N HIS E 74 -15.52 16.43 24.46
CA HIS E 74 -16.70 16.49 25.33
C HIS E 74 -16.45 15.82 26.67
N VAL E 75 -15.74 14.69 26.66
CA VAL E 75 -15.50 14.00 27.92
C VAL E 75 -14.62 14.85 28.84
N ARG E 76 -13.56 15.45 28.30
CA ARG E 76 -12.72 16.32 29.11
C ARG E 76 -13.49 17.56 29.55
N PHE E 77 -14.34 18.10 28.68
CA PHE E 77 -15.14 19.26 29.04
C PHE E 77 -16.09 18.94 30.17
N TRP E 78 -16.74 17.78 30.12
CA TRP E 78 -17.63 17.37 31.20
C TRP E 78 -16.85 17.09 32.48
N VAL E 79 -15.64 16.53 32.37
CA VAL E 79 -14.80 16.35 33.55
C VAL E 79 -14.49 17.70 34.17
N LEU E 80 -14.17 18.70 33.35
CA LEU E 80 -13.97 20.04 33.86
C LEU E 80 -15.24 20.60 34.49
N GLN E 81 -16.39 20.32 33.87
CA GLN E 81 -17.65 20.80 34.42
C GLN E 81 -17.92 20.20 35.79
N ILE E 82 -17.80 18.88 35.91
CA ILE E 82 -18.15 18.21 37.17
C ILE E 82 -17.14 18.57 38.25
N ILE E 83 -15.86 18.69 37.91
CA ILE E 83 -14.87 19.04 38.92
C ILE E 83 -15.09 20.46 39.41
N PHE E 84 -15.46 21.38 38.51
CA PHE E 84 -15.73 22.75 38.93
C PHE E 84 -16.99 22.83 39.79
N VAL E 85 -18.00 22.01 39.49
CA VAL E 85 -19.20 21.99 40.30
C VAL E 85 -18.90 21.40 41.68
N SER E 86 -18.04 20.38 41.73
CA SER E 86 -17.77 19.71 43.00
C SER E 86 -16.93 20.55 43.94
N VAL E 87 -16.12 21.47 43.42
CA VAL E 87 -15.21 22.25 44.26
C VAL E 87 -15.94 23.00 45.38
N PRO E 88 -17.03 23.73 45.11
CA PRO E 88 -17.71 24.43 46.23
C PRO E 88 -18.15 23.52 47.35
N THR E 89 -18.62 22.32 47.03
CA THR E 89 -19.02 21.39 48.09
C THR E 89 -17.84 20.99 48.95
N LEU E 90 -16.70 20.69 48.33
CA LEU E 90 -15.52 20.33 49.09
C LEU E 90 -15.04 21.49 49.94
N LEU E 91 -15.09 22.71 49.39
CA LEU E 91 -14.73 23.88 50.16
C LEU E 91 -15.63 24.04 51.38
N TYR E 92 -16.94 23.88 51.20
CA TYR E 92 -17.86 24.01 52.31
C TYR E 92 -17.62 22.93 53.36
N LEU E 93 -17.39 21.70 52.93
CA LEU E 93 -17.17 20.60 53.87
C LEU E 93 -15.92 20.85 54.71
N ALA E 94 -14.81 21.20 54.07
CA ALA E 94 -13.59 21.46 54.83
C ALA E 94 -13.78 22.66 55.76
N HIS E 95 -14.45 23.71 55.28
CA HIS E 95 -14.60 24.91 56.08
C HIS E 95 -15.44 24.63 57.33
N VAL E 96 -16.55 23.91 57.19
CA VAL E 96 -17.36 23.60 58.36
C VAL E 96 -16.63 22.62 59.28
N PHE E 97 -15.83 21.72 58.70
CA PHE E 97 -15.02 20.82 59.52
C PHE E 97 -14.02 21.60 60.36
N TYR E 98 -13.35 22.59 59.77
CA TYR E 98 -12.42 23.41 60.53
C TYR E 98 -13.14 24.25 61.57
N VAL E 99 -14.34 24.72 61.24
CA VAL E 99 -15.13 25.48 62.21
C VAL E 99 -15.48 24.60 63.41
N MET E 100 -15.88 23.36 63.15
CA MET E 100 -16.21 22.45 64.24
C MET E 100 -14.98 22.13 65.09
N ARG E 101 -13.83 21.89 64.44
CA ARG E 101 -12.62 21.59 65.19
C ARG E 101 -12.21 22.76 66.07
N LYS E 102 -12.26 23.98 65.54
CA LYS E 102 -11.92 25.15 66.34
C LYS E 102 -12.94 25.36 67.46
N GLU E 103 -14.22 25.13 67.18
CA GLU E 103 -15.24 25.23 68.22
C GLU E 103 -15.02 24.19 69.30
N GLU E 104 -14.48 23.02 68.95
CA GLU E 104 -14.29 21.96 69.93
C GLU E 104 -13.31 22.38 71.01
N LYS E 105 -12.23 23.06 70.63
CA LYS E 105 -11.24 23.50 71.60
C LYS E 105 -11.68 24.80 72.27
N LEU E 151 -22.01 30.48 59.02
CA LEU E 151 -21.77 29.47 57.99
C LEU E 151 -22.84 29.50 56.92
N LEU E 152 -24.02 30.04 57.27
CA LEU E 152 -25.10 30.13 56.30
C LEU E 152 -24.72 31.01 55.13
N ARG E 153 -24.01 32.11 55.39
CA ARG E 153 -23.53 32.97 54.31
C ARG E 153 -22.60 32.21 53.37
N THR E 154 -21.69 31.41 53.94
CA THR E 154 -20.83 30.58 53.12
C THR E 154 -21.63 29.54 52.35
N TYR E 155 -22.68 29.01 52.97
CA TYR E 155 -23.54 28.04 52.29
C TYR E 155 -24.20 28.66 51.07
N ILE E 156 -24.72 29.88 51.20
CA ILE E 156 -25.34 30.56 50.08
C ILE E 156 -24.30 30.85 49.00
N ILE E 157 -23.12 31.29 49.40
CA ILE E 157 -22.06 31.58 48.43
C ILE E 157 -21.69 30.32 47.66
N SER E 158 -21.57 29.19 48.37
CA SER E 158 -21.21 27.94 47.71
C SER E 158 -22.26 27.53 46.69
N ILE E 159 -23.53 27.61 47.07
CA ILE E 159 -24.61 27.25 46.15
C ILE E 159 -24.63 28.19 44.95
N LEU E 160 -24.48 29.50 45.22
CA LEU E 160 -24.53 30.47 44.13
C LEU E 160 -23.39 30.27 43.15
N PHE E 161 -22.18 30.05 43.66
CA PHE E 161 -21.04 29.79 42.77
C PHE E 161 -21.23 28.50 42.00
N LYS E 162 -21.79 27.47 42.65
CA LYS E 162 -22.04 26.21 41.96
C LYS E 162 -23.00 26.41 40.80
N SER E 163 -24.11 27.12 41.04
CA SER E 163 -25.07 27.37 39.97
C SER E 163 -24.45 28.22 38.86
N ILE E 164 -23.69 29.25 39.24
CA ILE E 164 -23.10 30.14 38.24
C ILE E 164 -22.10 29.38 37.37
N PHE E 165 -21.22 28.60 38.00
CA PHE E 165 -20.28 27.80 37.23
C PHE E 165 -21.00 26.80 36.33
N GLU E 166 -22.07 26.20 36.85
CA GLU E 166 -22.81 25.20 36.07
C GLU E 166 -23.46 25.82 34.85
N VAL E 167 -24.17 26.93 35.03
CA VAL E 167 -24.85 27.54 33.88
C VAL E 167 -23.84 28.09 32.88
N ALA E 168 -22.70 28.59 33.38
CA ALA E 168 -21.66 29.07 32.47
C ALA E 168 -21.11 27.94 31.63
N PHE E 169 -20.85 26.78 32.24
CA PHE E 169 -20.39 25.63 31.49
C PHE E 169 -21.41 25.20 30.45
N LEU E 170 -22.69 25.19 30.83
CA LEU E 170 -23.73 24.83 29.87
C LEU E 170 -23.79 25.82 28.71
N LEU E 171 -23.71 27.11 29.01
CA LEU E 171 -23.81 28.12 27.97
C LEU E 171 -22.64 28.05 27.00
N ILE E 172 -21.42 27.93 27.54
CA ILE E 172 -20.24 27.89 26.66
C ILE E 172 -20.24 26.62 25.82
N GLN E 173 -20.73 25.52 26.39
CA GLN E 173 -20.84 24.29 25.62
C GLN E 173 -21.83 24.46 24.47
N TRP E 174 -22.96 25.12 24.73
CA TRP E 174 -23.91 25.39 23.66
C TRP E 174 -23.31 26.30 22.59
N TYR E 175 -22.54 27.31 23.02
CA TYR E 175 -21.93 28.22 22.07
C TYR E 175 -20.93 27.52 21.18
N ILE E 176 -20.15 26.59 21.74
CA ILE E 176 -19.10 25.94 20.98
C ILE E 176 -19.65 24.83 20.10
N TYR E 177 -20.27 23.82 20.72
CA TYR E 177 -20.71 22.64 19.99
C TYR E 177 -22.22 22.57 19.77
N GLY E 178 -23.00 23.34 20.50
CA GLY E 178 -24.42 23.12 20.39
C GLY E 178 -24.80 21.80 21.05
N PHE E 179 -25.95 21.27 20.65
CA PHE E 179 -26.49 20.05 21.22
C PHE E 179 -26.69 18.97 20.15
N SER E 180 -25.89 19.02 19.08
CA SER E 180 -26.02 18.05 18.00
C SER E 180 -24.68 17.93 17.28
N LEU E 181 -24.45 16.75 16.71
CA LEU E 181 -23.22 16.48 15.96
C LEU E 181 -23.60 15.92 14.60
N SER E 182 -23.38 16.73 13.56
CA SER E 182 -23.62 16.27 12.21
C SER E 182 -22.62 15.19 11.82
N ALA E 183 -23.10 14.16 11.13
CA ALA E 183 -22.22 13.08 10.71
C ALA E 183 -21.18 13.56 9.70
N VAL E 184 -21.51 14.58 8.91
CA VAL E 184 -20.61 15.13 7.90
C VAL E 184 -20.28 16.55 8.30
N TYR E 185 -18.99 16.85 8.39
CA TYR E 185 -18.50 18.16 8.81
C TYR E 185 -17.65 18.75 7.69
N THR E 186 -18.03 19.93 7.21
CA THR E 186 -17.20 20.66 6.28
C THR E 186 -16.11 21.41 7.03
N CYS E 187 -14.96 21.54 6.38
CA CYS E 187 -13.78 22.07 7.04
C CYS E 187 -13.06 23.06 6.14
N LYS E 188 -12.74 24.23 6.69
CA LYS E 188 -11.90 25.22 6.02
C LYS E 188 -10.61 25.37 6.81
N ARG E 189 -9.48 25.11 6.15
CA ARG E 189 -8.19 25.27 6.80
C ARG E 189 -7.14 25.53 5.73
N ASP E 190 -6.02 26.11 6.17
CA ASP E 190 -4.95 26.43 5.22
C ASP E 190 -4.35 25.20 4.55
N PRO E 191 -3.96 24.14 5.27
CA PRO E 191 -3.39 22.98 4.57
C PRO E 191 -4.36 22.30 3.63
N CYS E 192 -5.64 22.25 3.97
CA CYS E 192 -6.62 21.60 3.12
C CYS E 192 -7.00 22.54 1.98
N PRO E 193 -6.98 22.09 0.74
CA PRO E 193 -7.35 22.99 -0.37
C PRO E 193 -8.81 23.35 -0.27
N HIS E 194 -9.08 24.63 0.00
CA HIS E 194 -10.45 25.13 0.14
C HIS E 194 -11.21 24.33 1.17
N GLN E 195 -12.47 24.00 0.87
CA GLN E 195 -13.30 23.22 1.77
C GLN E 195 -13.02 21.74 1.59
N VAL E 196 -13.13 20.98 2.67
CA VAL E 196 -13.04 19.53 2.63
C VAL E 196 -14.12 18.95 3.54
N ASP E 197 -14.45 17.68 3.30
CA ASP E 197 -15.42 16.95 4.11
C ASP E 197 -14.72 16.02 5.09
N CYS E 198 -15.27 15.92 6.29
CA CYS E 198 -14.80 14.98 7.30
C CYS E 198 -16.02 14.32 7.94
N PHE E 199 -15.78 13.18 8.58
CA PHE E 199 -16.86 12.38 9.13
C PHE E 199 -16.55 12.01 10.57
N LEU E 200 -17.52 12.22 11.45
CA LEU E 200 -17.32 12.00 12.88
C LEU E 200 -17.44 10.52 13.21
N SER E 201 -17.06 10.17 14.44
CA SER E 201 -16.94 8.76 14.80
C SER E 201 -18.29 8.15 15.16
N ARG E 202 -18.95 8.66 16.19
CA ARG E 202 -20.26 8.16 16.62
C ARG E 202 -21.17 9.34 16.94
N PRO E 203 -21.63 10.06 15.92
CA PRO E 203 -22.50 11.22 16.19
C PRO E 203 -23.77 10.90 16.95
N THR E 204 -24.47 9.80 16.63
CA THR E 204 -25.71 9.53 17.35
C THR E 204 -25.43 9.21 18.81
N GLU E 205 -24.46 8.33 19.07
CA GLU E 205 -24.14 7.99 20.45
C GLU E 205 -23.64 9.22 21.21
N LYS E 206 -22.84 10.05 20.55
CA LYS E 206 -22.38 11.27 21.18
C LYS E 206 -23.53 12.24 21.42
N THR E 207 -24.44 12.37 20.45
CA THR E 207 -25.60 13.25 20.65
C THR E 207 -26.47 12.74 21.79
N ILE E 208 -26.69 11.43 21.86
CA ILE E 208 -27.51 10.86 22.92
C ILE E 208 -26.90 11.17 24.27
N PHE E 209 -25.59 10.97 24.41
CA PHE E 209 -24.94 11.27 25.68
C PHE E 209 -24.88 12.78 25.94
N ILE E 210 -24.75 13.58 24.89
CA ILE E 210 -24.84 15.03 25.06
C ILE E 210 -26.19 15.41 25.63
N ILE E 211 -27.26 14.79 25.11
CA ILE E 211 -28.60 15.05 25.63
C ILE E 211 -28.69 14.66 27.09
N PHE E 212 -28.16 13.49 27.44
CA PHE E 212 -28.23 13.03 28.83
C PHE E 212 -27.45 13.95 29.75
N MET E 213 -26.26 14.38 29.33
CA MET E 213 -25.51 15.35 30.12
C MET E 213 -26.29 16.65 30.24
N LEU E 214 -27.00 17.05 29.18
CA LEU E 214 -27.79 18.27 29.23
C LEU E 214 -28.92 18.17 30.25
N VAL E 215 -29.68 17.07 30.20
CA VAL E 215 -30.82 16.95 31.11
C VAL E 215 -30.35 16.80 32.54
N VAL E 216 -29.23 16.10 32.76
CA VAL E 216 -28.64 16.04 34.10
C VAL E 216 -28.23 17.43 34.56
N SER E 217 -27.65 18.21 33.66
CA SER E 217 -27.27 19.57 34.00
C SER E 217 -28.50 20.40 34.37
N LEU E 218 -29.58 20.27 33.60
CA LEU E 218 -30.77 21.07 33.86
C LEU E 218 -31.40 20.74 35.20
N VAL E 219 -31.54 19.45 35.50
CA VAL E 219 -32.19 19.08 36.76
C VAL E 219 -31.31 19.45 37.94
N SER E 220 -29.99 19.35 37.79
CA SER E 220 -29.09 19.78 38.85
C SER E 220 -29.24 21.27 39.12
N LEU E 221 -29.33 22.07 38.05
CA LEU E 221 -29.56 23.49 38.22
C LEU E 221 -30.91 23.77 38.87
N ALA E 222 -31.93 23.00 38.48
CA ALA E 222 -33.26 23.18 39.07
C ALA E 222 -33.24 22.89 40.56
N LEU E 223 -32.54 21.84 40.98
CA LEU E 223 -32.45 21.53 42.41
C LEU E 223 -31.74 22.64 43.16
N ASN E 224 -30.66 23.19 42.59
CA ASN E 224 -29.96 24.28 43.24
C ASN E 224 -30.86 25.49 43.41
N ILE E 225 -31.65 25.81 42.37
CA ILE E 225 -32.59 26.93 42.47
C ILE E 225 -33.63 26.66 43.54
N ILE E 226 -34.12 25.42 43.61
CA ILE E 226 -35.12 25.07 44.62
C ILE E 226 -34.55 25.28 46.02
N GLU E 227 -33.32 24.84 46.25
CA GLU E 227 -32.70 25.02 47.56
C GLU E 227 -32.55 26.50 47.90
N LEU E 228 -32.16 27.32 46.91
CA LEU E 228 -32.03 28.75 47.15
C LEU E 228 -33.37 29.37 47.55
N PHE E 229 -34.45 28.99 46.87
CA PHE E 229 -35.77 29.49 47.25
C PHE E 229 -36.17 28.98 48.62
N TYR E 230 -35.85 27.73 48.93
CA TYR E 230 -36.16 27.18 50.24
C TYR E 230 -35.46 27.95 51.34
N VAL E 231 -34.18 28.28 51.14
CA VAL E 231 -33.45 29.06 52.14
C VAL E 231 -34.03 30.46 52.26
N PHE E 232 -34.36 31.10 51.13
CA PHE E 232 -34.91 32.44 51.18
C PHE E 232 -36.24 32.47 51.92
N PHE E 233 -37.09 31.45 51.71
CA PHE E 233 -38.31 31.35 52.50
C PHE E 233 -38.00 31.14 53.97
N LYS E 234 -37.00 30.30 54.27
CA LYS E 234 -36.58 30.11 55.65
C LYS E 234 -35.93 31.34 56.24
N GLY E 235 -35.39 32.23 55.40
CA GLY E 235 -34.76 33.44 55.87
C GLY E 235 -35.75 34.54 56.21
N GLY F 2 -16.06 1.13 64.96
CA GLY F 2 -16.85 0.46 63.95
C GLY F 2 -18.34 0.65 64.11
N ASP F 3 -19.04 0.74 62.98
CA ASP F 3 -20.49 0.85 62.94
C ASP F 3 -21.09 -0.31 62.15
N TRP F 4 -20.51 -1.50 62.33
CA TRP F 4 -21.00 -2.69 61.64
C TRP F 4 -22.39 -3.07 62.12
N SER F 5 -22.65 -2.94 63.42
CA SER F 5 -23.98 -3.21 63.95
C SER F 5 -25.01 -2.24 63.38
N ALA F 6 -24.63 -0.97 63.25
CA ALA F 6 -25.53 0.01 62.65
C ALA F 6 -25.82 -0.34 61.19
N LEU F 7 -24.79 -0.77 60.45
CA LEU F 7 -25.00 -1.18 59.08
C LEU F 7 -25.91 -2.40 59.00
N GLY F 8 -25.70 -3.37 59.90
CA GLY F 8 -26.52 -4.57 59.88
C GLY F 8 -27.98 -4.28 60.17
N LYS F 9 -28.26 -3.48 61.20
CA LYS F 9 -29.64 -3.15 61.51
C LYS F 9 -30.27 -2.31 60.42
N LEU F 10 -29.49 -1.42 59.79
CA LEU F 10 -30.01 -0.65 58.66
C LEU F 10 -30.42 -1.57 57.52
N LEU F 11 -29.59 -2.57 57.21
CA LEU F 11 -29.94 -3.52 56.18
C LEU F 11 -31.20 -4.29 56.55
N ASP F 12 -31.34 -4.68 57.82
CA ASP F 12 -32.50 -5.45 58.25
C ASP F 12 -33.80 -4.67 58.07
N LYS F 13 -33.83 -3.42 58.54
CA LYS F 13 -35.06 -2.63 58.40
C LYS F 13 -35.32 -2.22 56.96
N VAL F 14 -34.28 -2.13 56.13
CA VAL F 14 -34.50 -1.90 54.71
C VAL F 14 -35.17 -3.11 54.07
N GLN F 15 -34.66 -4.30 54.36
CA GLN F 15 -35.16 -5.52 53.76
C GLN F 15 -36.41 -6.06 54.45
N ALA F 16 -36.84 -5.45 55.55
CA ALA F 16 -37.98 -5.97 56.29
C ALA F 16 -39.29 -5.88 55.50
N TYR F 17 -39.34 -5.05 54.46
CA TYR F 17 -40.53 -4.88 53.65
C TYR F 17 -40.52 -5.71 52.37
N SER F 18 -39.87 -6.87 52.41
CA SER F 18 -39.72 -7.71 51.23
C SER F 18 -40.01 -9.17 51.57
N THR F 19 -40.27 -9.95 50.53
CA THR F 19 -40.58 -11.37 50.67
C THR F 19 -39.35 -12.13 51.19
N ALA F 20 -39.62 -13.30 51.77
CA ALA F 20 -38.55 -14.09 52.39
C ALA F 20 -37.45 -14.43 51.39
N GLY F 21 -37.82 -14.88 50.20
CA GLY F 21 -36.84 -15.21 49.18
C GLY F 21 -36.68 -14.13 48.13
N GLY F 22 -37.60 -13.16 48.13
CA GLY F 22 -37.58 -12.16 47.07
C GLY F 22 -36.35 -11.28 47.09
N LYS F 23 -35.97 -10.78 48.28
CA LYS F 23 -34.87 -9.83 48.37
C LYS F 23 -33.54 -10.48 48.00
N VAL F 24 -33.31 -11.70 48.48
CA VAL F 24 -32.06 -12.40 48.14
C VAL F 24 -31.99 -12.68 46.66
N TRP F 25 -33.10 -13.12 46.06
CA TRP F 25 -33.12 -13.39 44.63
C TRP F 25 -32.82 -12.13 43.82
N LEU F 26 -33.41 -11.00 44.22
CA LEU F 26 -33.12 -9.75 43.52
C LEU F 26 -31.65 -9.35 43.68
N SER F 27 -31.10 -9.50 44.88
CA SER F 27 -29.71 -9.09 45.11
C SER F 27 -28.75 -9.95 44.30
N VAL F 28 -28.96 -11.27 44.31
CA VAL F 28 -28.06 -12.15 43.56
C VAL F 28 -28.22 -11.92 42.06
N LEU F 29 -29.44 -11.65 41.61
CA LEU F 29 -29.65 -11.33 40.21
C LEU F 29 -28.89 -10.07 39.81
N PHE F 30 -28.98 -9.03 40.66
CA PHE F 30 -28.31 -7.77 40.35
C PHE F 30 -26.79 -7.95 40.27
N ILE F 31 -26.21 -8.62 41.27
CA ILE F 31 -24.76 -8.80 41.26
C ILE F 31 -24.33 -9.72 40.13
N PHE F 32 -25.14 -10.73 39.83
CA PHE F 32 -24.87 -11.60 38.69
C PHE F 32 -24.81 -10.80 37.40
N ARG F 33 -25.82 -9.95 37.18
CA ARG F 33 -25.89 -9.19 35.94
C ARG F 33 -24.72 -8.21 35.82
N ILE F 34 -24.42 -7.48 36.89
CA ILE F 34 -23.45 -6.41 36.79
C ILE F 34 -22.05 -6.96 36.59
N LEU F 35 -21.69 -8.03 37.30
CA LEU F 35 -20.35 -8.61 37.13
C LEU F 35 -20.22 -9.27 35.77
N LEU F 36 -21.31 -9.86 35.27
CA LEU F 36 -21.30 -10.39 33.91
C LEU F 36 -21.04 -9.27 32.90
N LEU F 37 -21.72 -8.15 33.06
CA LEU F 37 -21.52 -7.03 32.15
C LEU F 37 -20.10 -6.47 32.26
N GLY F 38 -19.58 -6.40 33.48
CA GLY F 38 -18.25 -5.85 33.66
C GLY F 38 -17.16 -6.70 33.05
N THR F 39 -17.33 -8.03 33.08
CA THR F 39 -16.27 -8.94 32.68
C THR F 39 -16.46 -9.48 31.26
N ALA F 40 -17.65 -9.98 30.92
CA ALA F 40 -17.83 -10.71 29.69
C ALA F 40 -17.99 -9.78 28.49
N VAL F 41 -19.06 -8.97 28.49
CA VAL F 41 -19.43 -8.24 27.29
C VAL F 41 -18.48 -7.09 26.99
N GLU F 42 -17.69 -6.64 27.97
CA GLU F 42 -16.80 -5.52 27.74
C GLU F 42 -15.80 -5.83 26.64
N SER F 43 -15.17 -7.01 26.71
CA SER F 43 -14.25 -7.39 25.65
C SER F 43 -14.97 -7.66 24.34
N ALA F 44 -16.20 -8.20 24.42
CA ALA F 44 -16.94 -8.54 23.21
C ALA F 44 -17.22 -7.30 22.37
N TRP F 45 -17.54 -6.17 23.02
CA TRP F 45 -17.73 -4.92 22.31
C TRP F 45 -16.46 -4.08 22.24
N GLY F 46 -15.30 -4.67 22.54
CA GLY F 46 -14.07 -3.89 22.52
C GLY F 46 -13.71 -3.41 21.13
N ASP F 47 -14.02 -4.20 20.10
CA ASP F 47 -13.60 -3.93 18.74
C ASP F 47 -14.80 -3.78 17.81
N GLU F 48 -15.84 -3.09 18.30
CA GLU F 48 -17.04 -2.91 17.49
C GLU F 48 -16.77 -2.03 16.27
N GLN F 49 -15.79 -1.13 16.37
CA GLN F 49 -15.49 -0.21 15.27
C GLN F 49 -14.32 -0.70 14.43
N SER F 50 -13.23 -1.13 15.07
CA SER F 50 -12.05 -1.54 14.33
C SER F 50 -12.34 -2.72 13.43
N ALA F 51 -13.14 -3.67 13.91
CA ALA F 51 -13.49 -4.84 13.11
C ALA F 51 -14.64 -4.57 12.15
N PHE F 52 -15.18 -3.35 12.12
CA PHE F 52 -16.24 -3.04 11.18
C PHE F 52 -15.67 -2.79 9.80
N ARG F 53 -16.06 -3.62 8.83
CA ARG F 53 -15.53 -3.58 7.48
C ARG F 53 -16.68 -3.62 6.48
N CYS F 54 -16.82 -2.57 5.69
CA CYS F 54 -17.83 -2.48 4.63
C CYS F 54 -17.17 -2.75 3.29
N ASN F 55 -17.96 -3.23 2.33
CA ASN F 55 -17.48 -3.53 0.99
C ASN F 55 -17.75 -2.35 0.06
N THR F 56 -16.93 -1.31 0.22
CA THR F 56 -16.91 -0.23 -0.75
C THR F 56 -15.58 0.50 -0.67
N GLN F 57 -15.16 1.03 -1.83
CA GLN F 57 -13.97 1.84 -1.93
C GLN F 57 -14.22 3.30 -1.60
N GLN F 58 -15.48 3.64 -1.31
CA GLN F 58 -15.82 4.99 -0.94
C GLN F 58 -15.28 5.29 0.45
N PRO F 59 -14.35 6.23 0.59
CA PRO F 59 -13.94 6.66 1.93
C PRO F 59 -15.09 7.39 2.59
N GLY F 60 -15.22 7.23 3.89
CA GLY F 60 -16.33 7.82 4.59
C GLY F 60 -17.59 7.00 4.58
N CYS F 61 -17.57 5.79 4.01
CA CYS F 61 -18.77 4.96 4.04
C CYS F 61 -18.84 4.06 5.27
N GLU F 62 -17.69 3.68 5.83
CA GLU F 62 -17.68 2.74 6.95
C GLU F 62 -18.52 3.26 8.12
N ASN F 63 -18.06 4.32 8.76
CA ASN F 63 -18.65 4.78 10.01
C ASN F 63 -20.08 5.27 9.82
N VAL F 64 -20.39 5.92 8.69
CA VAL F 64 -21.77 6.36 8.50
C VAL F 64 -22.69 5.16 8.38
N CYS F 65 -22.23 4.09 7.72
CA CYS F 65 -23.00 2.85 7.71
C CYS F 65 -22.99 2.22 9.09
N TYR F 66 -21.85 2.25 9.77
CA TYR F 66 -21.79 1.75 11.14
C TYR F 66 -22.71 2.54 12.04
N ASP F 67 -22.68 3.87 11.91
CA ASP F 67 -23.53 4.72 12.74
C ASP F 67 -25.00 4.44 12.46
N LYS F 68 -25.36 4.31 11.19
CA LYS F 68 -26.73 3.94 10.85
C LYS F 68 -27.07 2.56 11.38
N SER F 69 -26.09 1.65 11.37
CA SER F 69 -26.32 0.32 11.91
C SER F 69 -26.50 0.35 13.42
N PHE F 70 -25.71 1.17 14.12
CA PHE F 70 -25.65 1.15 15.58
C PHE F 70 -25.95 2.53 16.15
N PRO F 71 -27.22 2.91 16.29
CA PRO F 71 -27.51 4.19 16.95
C PRO F 71 -26.91 4.27 18.34
N ILE F 72 -26.94 3.17 19.09
CA ILE F 72 -26.40 3.13 20.45
C ILE F 72 -25.73 1.78 20.64
N SER F 73 -24.54 1.79 21.25
CA SER F 73 -23.85 0.55 21.49
C SER F 73 -24.54 -0.24 22.60
N HIS F 74 -24.55 -1.57 22.45
CA HIS F 74 -25.30 -2.41 23.37
C HIS F 74 -24.74 -2.34 24.79
N VAL F 75 -23.42 -2.30 24.92
CA VAL F 75 -22.83 -2.25 26.25
C VAL F 75 -23.21 -0.95 26.95
N ARG F 76 -23.10 0.17 26.24
CA ARG F 76 -23.50 1.45 26.84
C ARG F 76 -25.00 1.47 27.13
N PHE F 77 -25.80 0.89 26.24
CA PHE F 77 -27.24 0.85 26.46
C PHE F 77 -27.58 0.04 27.69
N TRP F 78 -26.92 -1.10 27.88
CA TRP F 78 -27.15 -1.91 29.07
C TRP F 78 -26.65 -1.20 30.32
N VAL F 79 -25.54 -0.47 30.22
CA VAL F 79 -25.07 0.33 31.35
C VAL F 79 -26.12 1.37 31.72
N LEU F 80 -26.72 2.02 30.72
CA LEU F 80 -27.81 2.94 30.98
C LEU F 80 -29.00 2.21 31.61
N GLN F 81 -29.30 1.00 31.12
CA GLN F 81 -30.42 0.25 31.67
C GLN F 81 -30.18 -0.08 33.14
N ILE F 82 -29.01 -0.62 33.47
CA ILE F 82 -28.77 -1.06 34.84
C ILE F 82 -28.66 0.13 35.77
N ILE F 83 -28.07 1.23 35.32
CA ILE F 83 -27.95 2.40 36.19
C ILE F 83 -29.34 3.00 36.46
N PHE F 84 -30.21 3.00 35.45
CA PHE F 84 -31.56 3.53 35.65
C PHE F 84 -32.36 2.61 36.57
N VAL F 85 -32.15 1.30 36.48
CA VAL F 85 -32.84 0.38 37.38
C VAL F 85 -32.33 0.53 38.80
N SER F 86 -31.03 0.77 38.96
CA SER F 86 -30.45 0.85 40.30
C SER F 86 -30.83 2.13 41.03
N VAL F 87 -31.14 3.20 40.31
CA VAL F 87 -31.42 4.49 40.94
C VAL F 87 -32.56 4.40 41.97
N PRO F 88 -33.71 3.80 41.66
CA PRO F 88 -34.77 3.74 42.69
C PRO F 88 -34.34 3.07 43.98
N THR F 89 -33.53 2.01 43.90
CA THR F 89 -33.06 1.36 45.12
C THR F 89 -32.21 2.30 45.95
N LEU F 90 -31.30 3.03 45.31
CA LEU F 90 -30.45 3.97 46.04
C LEU F 90 -31.29 5.09 46.64
N LEU F 91 -32.30 5.56 45.91
CA LEU F 91 -33.19 6.58 46.45
C LEU F 91 -33.92 6.06 47.68
N TYR F 92 -34.43 4.83 47.62
CA TYR F 92 -35.14 4.28 48.76
C TYR F 92 -34.21 4.09 49.95
N LEU F 93 -32.99 3.62 49.72
CA LEU F 93 -32.05 3.39 50.81
C LEU F 93 -31.70 4.69 51.51
N ALA F 94 -31.36 5.73 50.74
CA ALA F 94 -31.04 7.02 51.35
C ALA F 94 -32.24 7.58 52.09
N HIS F 95 -33.43 7.47 51.49
CA HIS F 95 -34.63 8.05 52.09
C HIS F 95 -34.95 7.39 53.42
N VAL F 96 -34.89 6.05 53.49
CA VAL F 96 -35.17 5.38 54.74
C VAL F 96 -34.06 5.65 55.76
N PHE F 97 -32.81 5.80 55.28
CA PHE F 97 -31.73 6.15 56.18
C PHE F 97 -31.95 7.52 56.81
N TYR F 98 -32.39 8.50 56.02
CA TYR F 98 -32.68 9.82 56.56
C TYR F 98 -33.89 9.77 57.50
N VAL F 99 -34.87 8.94 57.18
CA VAL F 99 -36.02 8.78 58.06
C VAL F 99 -35.59 8.22 59.41
N MET F 100 -34.71 7.21 59.39
CA MET F 100 -34.22 6.64 60.64
C MET F 100 -33.40 7.65 61.44
N ARG F 101 -32.54 8.42 60.75
CA ARG F 101 -31.73 9.41 61.46
C ARG F 101 -32.61 10.48 62.11
N LYS F 102 -33.62 10.96 61.38
CA LYS F 102 -34.53 11.95 61.95
C LYS F 102 -35.35 11.36 63.09
N GLU F 103 -35.78 10.10 62.94
CA GLU F 103 -36.51 9.44 64.02
C GLU F 103 -35.62 9.27 65.24
N GLU F 104 -34.32 9.08 65.05
CA GLU F 104 -33.41 8.86 66.18
C GLU F 104 -33.39 10.06 67.10
N LYS F 105 -33.35 11.27 66.54
CA LYS F 105 -33.32 12.48 67.35
C LYS F 105 -34.73 12.85 67.83
N LEU F 151 -43.49 4.95 54.58
CA LEU F 151 -42.40 4.50 53.72
C LEU F 151 -42.87 3.44 52.74
N LEU F 152 -43.96 2.77 53.08
CA LEU F 152 -44.49 1.74 52.19
C LEU F 152 -44.93 2.34 50.86
N ARG F 153 -45.53 3.53 50.89
CA ARG F 153 -45.90 4.20 49.64
C ARG F 153 -44.66 4.48 48.79
N THR F 154 -43.58 4.94 49.41
CA THR F 154 -42.34 5.15 48.68
C THR F 154 -41.80 3.83 48.15
N TYR F 155 -41.95 2.76 48.92
CA TYR F 155 -41.49 1.44 48.47
C TYR F 155 -42.23 1.01 47.22
N ILE F 156 -43.55 1.19 47.18
CA ILE F 156 -44.33 0.84 46.01
C ILE F 156 -43.93 1.71 44.83
N ILE F 157 -43.74 3.01 45.06
CA ILE F 157 -43.33 3.91 43.99
C ILE F 157 -41.99 3.49 43.41
N SER F 158 -41.04 3.14 44.29
CA SER F 158 -39.72 2.73 43.82
C SER F 158 -39.81 1.47 42.96
N ILE F 159 -40.57 0.48 43.41
CA ILE F 159 -40.71 -0.76 42.64
C ILE F 159 -41.41 -0.47 41.31
N LEU F 160 -42.47 0.34 41.34
CA LEU F 160 -43.21 0.63 40.12
C LEU F 160 -42.34 1.35 39.10
N PHE F 161 -41.58 2.36 39.56
CA PHE F 161 -40.69 3.07 38.65
C PHE F 161 -39.60 2.14 38.11
N LYS F 162 -39.09 1.25 38.96
CA LYS F 162 -38.07 0.30 38.51
C LYS F 162 -38.61 -0.59 37.40
N SER F 163 -39.82 -1.14 37.60
CA SER F 163 -40.41 -1.98 36.57
C SER F 163 -40.70 -1.20 35.30
N ILE F 164 -41.22 0.02 35.45
CA ILE F 164 -41.56 0.82 34.27
C ILE F 164 -40.32 1.18 33.48
N PHE F 165 -39.27 1.62 34.16
CA PHE F 165 -38.01 1.91 33.47
C PHE F 165 -37.45 0.67 32.80
N GLU F 166 -37.54 -0.47 33.48
CA GLU F 166 -36.99 -1.72 32.94
C GLU F 166 -37.72 -2.13 31.68
N VAL F 167 -39.05 -2.16 31.72
CA VAL F 167 -39.80 -2.59 30.54
C VAL F 167 -39.63 -1.60 29.40
N ALA F 168 -39.53 -0.31 29.72
CA ALA F 168 -39.31 0.68 28.67
C ALA F 168 -37.97 0.47 28.00
N PHE F 169 -36.92 0.19 28.77
CA PHE F 169 -35.62 -0.10 28.19
C PHE F 169 -35.68 -1.33 27.31
N LEU F 170 -36.37 -2.38 27.77
CA LEU F 170 -36.49 -3.59 26.96
C LEU F 170 -37.24 -3.31 25.66
N LEU F 171 -38.33 -2.55 25.74
CA LEU F 171 -39.13 -2.29 24.55
C LEU F 171 -38.37 -1.45 23.53
N ILE F 172 -37.69 -0.40 23.99
CA ILE F 172 -36.96 0.46 23.05
C ILE F 172 -35.79 -0.30 22.44
N GLN F 173 -35.16 -1.19 23.22
CA GLN F 173 -34.10 -2.01 22.67
C GLN F 173 -34.62 -2.93 21.58
N TRP F 174 -35.80 -3.53 21.80
CA TRP F 174 -36.41 -4.36 20.77
C TRP F 174 -36.75 -3.54 19.53
N TYR F 175 -37.26 -2.32 19.73
CA TYR F 175 -37.63 -1.48 18.60
C TYR F 175 -36.41 -1.10 17.77
N ILE F 176 -35.29 -0.83 18.42
CA ILE F 176 -34.11 -0.37 17.70
C ILE F 176 -33.36 -1.52 17.06
N TYR F 177 -32.88 -2.46 17.88
CA TYR F 177 -32.03 -3.53 17.39
C TYR F 177 -32.73 -4.88 17.29
N GLY F 178 -33.87 -5.07 17.94
CA GLY F 178 -34.40 -6.41 17.97
C GLY F 178 -33.54 -7.30 18.86
N PHE F 179 -33.64 -8.60 18.63
CA PHE F 179 -32.93 -9.59 19.43
C PHE F 179 -32.01 -10.45 18.58
N SER F 180 -31.54 -9.90 17.46
CA SER F 180 -30.67 -10.65 16.56
C SER F 180 -29.80 -9.68 15.78
N LEU F 181 -28.61 -10.14 15.40
CA LEU F 181 -27.66 -9.34 14.62
C LEU F 181 -27.25 -10.14 13.40
N SER F 182 -27.70 -9.70 12.23
CA SER F 182 -27.30 -10.34 10.99
C SER F 182 -25.82 -10.08 10.72
N ALA F 183 -25.12 -11.10 10.24
CA ALA F 183 -23.71 -10.95 9.94
C ALA F 183 -23.47 -9.97 8.80
N VAL F 184 -24.42 -9.86 7.87
CA VAL F 184 -24.33 -8.97 6.73
C VAL F 184 -25.40 -7.90 6.86
N TYR F 185 -25.00 -6.64 6.82
CA TYR F 185 -25.90 -5.51 6.97
C TYR F 185 -25.85 -4.65 5.72
N THR F 186 -27.00 -4.46 5.07
CA THR F 186 -27.09 -3.52 3.98
C THR F 186 -27.24 -2.11 4.52
N CYS F 187 -26.69 -1.15 3.78
CA CYS F 187 -26.61 0.22 4.26
C CYS F 187 -26.98 1.20 3.15
N LYS F 188 -27.87 2.14 3.48
CA LYS F 188 -28.21 3.24 2.60
C LYS F 188 -27.74 4.54 3.26
N ARG F 189 -26.88 5.27 2.57
CA ARG F 189 -26.42 6.55 3.10
C ARG F 189 -25.98 7.42 1.93
N ASP F 190 -25.94 8.73 2.18
CA ASP F 190 -25.56 9.67 1.12
C ASP F 190 -24.13 9.46 0.63
N PRO F 191 -23.11 9.38 1.48
CA PRO F 191 -21.75 9.18 0.94
C PRO F 191 -21.59 7.88 0.19
N CYS F 192 -22.23 6.81 0.64
CA CYS F 192 -22.09 5.52 -0.03
C CYS F 192 -22.97 5.50 -1.28
N PRO F 193 -22.44 5.11 -2.43
CA PRO F 193 -23.28 5.09 -3.64
C PRO F 193 -24.36 4.04 -3.50
N HIS F 194 -25.62 4.49 -3.43
CA HIS F 194 -26.75 3.59 -3.27
C HIS F 194 -26.58 2.69 -2.07
N GLN F 195 -26.92 1.41 -2.22
CA GLN F 195 -26.78 0.43 -1.15
C GLN F 195 -25.35 -0.09 -1.10
N VAL F 196 -24.87 -0.41 0.10
CA VAL F 196 -23.60 -1.06 0.29
C VAL F 196 -23.75 -2.15 1.35
N ASP F 197 -22.82 -3.10 1.35
CA ASP F 197 -22.79 -4.18 2.33
C ASP F 197 -21.74 -3.89 3.40
N CYS F 198 -22.06 -4.23 4.64
CA CYS F 198 -21.14 -4.17 5.75
C CYS F 198 -21.27 -5.43 6.58
N PHE F 199 -20.25 -5.72 7.38
CA PHE F 199 -20.18 -6.96 8.13
C PHE F 199 -19.85 -6.68 9.59
N LEU F 200 -20.63 -7.27 10.49
CA LEU F 200 -20.49 -6.99 11.91
C LEU F 200 -19.33 -7.79 12.49
N SER F 201 -18.96 -7.46 13.73
CA SER F 201 -17.75 -8.01 14.31
C SER F 201 -17.95 -9.42 14.86
N ARG F 202 -18.85 -9.58 15.83
CA ARG F 202 -19.14 -10.88 16.43
C ARG F 202 -20.64 -11.03 16.62
N PRO F 203 -21.39 -11.21 15.53
CA PRO F 203 -22.85 -11.32 15.66
C PRO F 203 -23.31 -12.46 16.55
N THR F 204 -22.70 -13.65 16.47
CA THR F 204 -23.18 -14.74 17.31
C THR F 204 -22.93 -14.46 18.78
N GLU F 205 -21.71 -14.04 19.11
CA GLU F 205 -21.40 -13.72 20.51
C GLU F 205 -22.26 -12.58 21.01
N LYS F 206 -22.48 -11.57 20.17
CA LYS F 206 -23.36 -10.47 20.56
C LYS F 206 -24.80 -10.94 20.71
N THR F 207 -25.28 -11.79 19.80
CA THR F 207 -26.64 -12.31 19.94
C THR F 207 -26.78 -13.14 21.20
N ILE F 208 -25.78 -13.98 21.50
CA ILE F 208 -25.84 -14.81 22.69
C ILE F 208 -25.92 -13.94 23.94
N PHE F 209 -25.09 -12.90 24.01
CA PHE F 209 -25.15 -12.00 25.16
C PHE F 209 -26.43 -11.17 25.17
N ILE F 210 -26.94 -10.80 23.99
CA ILE F 210 -28.23 -10.13 23.93
C ILE F 210 -29.32 -11.02 24.52
N ILE F 211 -29.29 -12.31 24.18
CA ILE F 211 -30.25 -13.24 24.75
C ILE F 211 -30.12 -13.31 26.26
N PHE F 212 -28.88 -13.40 26.75
CA PHE F 212 -28.68 -13.48 28.20
C PHE F 212 -29.16 -12.21 28.90
N MET F 213 -28.86 -11.05 28.33
CA MET F 213 -29.39 -9.82 28.90
C MET F 213 -30.90 -9.80 28.86
N LEU F 214 -31.50 -10.37 27.80
CA LEU F 214 -32.95 -10.42 27.70
C LEU F 214 -33.54 -11.29 28.80
N VAL F 215 -33.00 -12.49 28.99
CA VAL F 215 -33.59 -13.40 29.98
C VAL F 215 -33.37 -12.86 31.39
N VAL F 216 -32.23 -12.23 31.64
CA VAL F 216 -32.01 -11.56 32.92
C VAL F 216 -33.03 -10.45 33.11
N SER F 217 -33.29 -9.69 32.06
CA SER F 217 -34.30 -8.64 32.14
C SER F 217 -35.67 -9.22 32.46
N LEU F 218 -36.02 -10.32 31.80
CA LEU F 218 -37.36 -10.89 32.00
C LEU F 218 -37.54 -11.40 33.42
N VAL F 219 -36.55 -12.13 33.94
CA VAL F 219 -36.69 -12.69 35.29
C VAL F 219 -36.69 -11.58 36.33
N SER F 220 -35.90 -10.52 36.10
CA SER F 220 -35.92 -9.38 37.01
C SER F 220 -37.29 -8.72 37.04
N LEU F 221 -37.90 -8.56 35.86
CA LEU F 221 -39.25 -8.01 35.81
C LEU F 221 -40.24 -8.94 36.50
N ALA F 222 -40.08 -10.25 36.32
CA ALA F 222 -40.98 -11.20 36.96
C ALA F 222 -40.88 -11.11 38.47
N LEU F 223 -39.66 -10.99 39.00
CA LEU F 223 -39.51 -10.86 40.45
C LEU F 223 -40.17 -9.58 40.96
N ASN F 224 -40.02 -8.47 40.24
CA ASN F 224 -40.66 -7.23 40.65
C ASN F 224 -42.17 -7.38 40.67
N ILE F 225 -42.74 -8.03 39.66
CA ILE F 225 -44.19 -8.26 39.64
C ILE F 225 -44.60 -9.13 40.80
N ILE F 226 -43.81 -10.16 41.12
CA ILE F 226 -44.14 -11.03 42.24
C ILE F 226 -44.18 -10.25 43.54
N GLU F 227 -43.19 -9.38 43.75
CA GLU F 227 -43.16 -8.57 44.96
C GLU F 227 -44.36 -7.65 45.05
N LEU F 228 -44.76 -7.06 43.91
CA LEU F 228 -45.93 -6.20 43.90
C LEU F 228 -47.19 -6.97 44.29
N PHE F 229 -47.36 -8.19 43.76
CA PHE F 229 -48.51 -9.00 44.14
C PHE F 229 -48.42 -9.40 45.60
N TYR F 230 -47.22 -9.71 46.09
CA TYR F 230 -47.06 -10.06 47.49
C TYR F 230 -47.47 -8.91 48.40
N VAL F 231 -47.07 -7.69 48.06
CA VAL F 231 -47.46 -6.53 48.86
C VAL F 231 -48.96 -6.31 48.79
N PHE F 232 -49.55 -6.43 47.59
CA PHE F 232 -50.99 -6.23 47.46
C PHE F 232 -51.77 -7.24 48.28
N PHE F 233 -51.32 -8.49 48.29
CA PHE F 233 -51.95 -9.49 49.18
C PHE F 233 -51.77 -9.10 50.64
N LYS F 234 -50.57 -8.63 51.00
CA LYS F 234 -50.33 -8.17 52.37
C LYS F 234 -51.12 -6.90 52.69
N GLY F 235 -51.50 -6.13 51.68
CA GLY F 235 -52.25 -4.91 51.90
C GLY F 235 -53.73 -5.15 52.12
N GLY G 2 16.36 -0.86 -64.71
CA GLY G 2 16.15 -2.06 -63.90
C GLY G 2 17.17 -3.15 -64.17
N ASP G 3 17.54 -3.87 -63.11
CA ASP G 3 18.44 -5.01 -63.19
C ASP G 3 17.75 -6.28 -62.70
N TRP G 4 16.47 -6.42 -63.03
CA TRP G 4 15.71 -7.59 -62.61
C TRP G 4 16.24 -8.86 -63.29
N SER G 5 16.62 -8.75 -64.57
CA SER G 5 17.20 -9.91 -65.25
C SER G 5 18.52 -10.32 -64.62
N ALA G 6 19.33 -9.34 -64.24
CA ALA G 6 20.59 -9.64 -63.55
C ALA G 6 20.32 -10.33 -62.22
N LEU G 7 19.32 -9.86 -61.46
CA LEU G 7 18.97 -10.50 -60.21
C LEU G 7 18.48 -11.92 -60.45
N GLY G 8 17.66 -12.13 -61.49
CA GLY G 8 17.15 -13.45 -61.76
C GLY G 8 18.23 -14.44 -62.12
N LYS G 9 19.14 -14.04 -63.02
CA LYS G 9 20.22 -14.93 -63.40
C LYS G 9 21.17 -15.19 -62.23
N LEU G 10 21.38 -14.19 -61.38
CA LEU G 10 22.21 -14.39 -60.19
C LEU G 10 21.58 -15.43 -59.28
N LEU G 11 20.26 -15.35 -59.09
CA LEU G 11 19.57 -16.35 -58.28
C LEU G 11 19.70 -17.74 -58.89
N ASP G 12 19.59 -17.82 -60.23
CA ASP G 12 19.65 -19.12 -60.89
C ASP G 12 21.01 -19.79 -60.70
N LYS G 13 22.10 -19.05 -60.93
CA LYS G 13 23.42 -19.64 -60.78
C LYS G 13 23.77 -19.89 -59.32
N VAL G 14 23.18 -19.15 -58.39
CA VAL G 14 23.35 -19.46 -56.97
C VAL G 14 22.68 -20.78 -56.63
N GLN G 15 21.45 -20.96 -57.10
CA GLN G 15 20.67 -22.16 -56.76
C GLN G 15 21.00 -23.34 -57.65
N ALA G 16 21.85 -23.16 -58.67
CA ALA G 16 22.15 -24.25 -59.60
C ALA G 16 22.89 -25.41 -58.93
N TYR G 17 23.49 -25.18 -57.76
CA TYR G 17 24.24 -26.21 -57.06
C TYR G 17 23.43 -26.88 -55.96
N SER G 18 22.10 -26.98 -56.14
CA SER G 18 21.23 -27.53 -55.12
C SER G 18 20.23 -28.50 -55.74
N THR G 19 19.64 -29.34 -54.89
CA THR G 19 18.67 -30.33 -55.31
C THR G 19 17.40 -29.64 -55.85
N ALA G 20 16.64 -30.40 -56.65
CA ALA G 20 15.45 -29.84 -57.30
C ALA G 20 14.46 -29.31 -56.28
N GLY G 21 14.19 -30.07 -55.23
CA GLY G 21 13.27 -29.64 -54.20
C GLY G 21 13.95 -29.11 -52.95
N GLY G 22 15.27 -29.33 -52.86
CA GLY G 22 15.97 -28.96 -51.65
C GLY G 22 16.00 -27.46 -51.39
N LYS G 23 16.30 -26.67 -52.43
CA LYS G 23 16.47 -25.23 -52.23
C LYS G 23 15.14 -24.57 -51.87
N VAL G 24 14.06 -24.96 -52.54
CA VAL G 24 12.76 -24.38 -52.22
C VAL G 24 12.34 -24.75 -50.80
N TRP G 25 12.55 -26.01 -50.41
CA TRP G 25 12.21 -26.43 -49.06
C TRP G 25 12.99 -25.64 -48.01
N LEU G 26 14.29 -25.42 -48.24
CA LEU G 26 15.09 -24.63 -47.32
C LEU G 26 14.58 -23.20 -47.25
N SER G 27 14.26 -22.60 -48.40
CA SER G 27 13.84 -21.21 -48.42
C SER G 27 12.51 -21.03 -47.69
N VAL G 28 11.55 -21.92 -47.96
CA VAL G 28 10.25 -21.80 -47.30
C VAL G 28 10.39 -22.07 -45.81
N LEU G 29 11.26 -23.01 -45.43
CA LEU G 29 11.50 -23.26 -44.02
C LEU G 29 12.07 -22.02 -43.34
N PHE G 30 13.04 -21.37 -43.99
CA PHE G 30 13.66 -20.19 -43.39
C PHE G 30 12.66 -19.07 -43.20
N ILE G 31 11.87 -18.77 -44.24
CA ILE G 31 10.91 -17.69 -44.14
C ILE G 31 9.80 -18.04 -43.14
N PHE G 32 9.40 -19.32 -43.11
CA PHE G 32 8.43 -19.77 -42.13
C PHE G 32 8.93 -19.52 -40.72
N ARG G 33 10.16 -19.92 -40.44
CA ARG G 33 10.71 -19.78 -39.09
C ARG G 33 10.84 -18.32 -38.69
N ILE G 34 11.37 -17.49 -39.58
CA ILE G 34 11.68 -16.11 -39.19
C ILE G 34 10.42 -15.31 -38.96
N LEU G 35 9.41 -15.47 -39.82
CA LEU G 35 8.18 -14.72 -39.63
C LEU G 35 7.42 -15.23 -38.41
N LEU G 36 7.51 -16.53 -38.12
CA LEU G 36 6.93 -17.05 -36.89
C LEU G 36 7.60 -16.41 -35.67
N LEU G 37 8.93 -16.33 -35.69
CA LEU G 37 9.64 -15.71 -34.58
C LEU G 37 9.30 -14.23 -34.46
N GLY G 38 9.18 -13.55 -35.58
CA GLY G 38 8.89 -12.12 -35.54
C GLY G 38 7.51 -11.81 -34.99
N THR G 39 6.54 -12.66 -35.28
CA THR G 39 5.14 -12.38 -34.94
C THR G 39 4.68 -13.07 -33.67
N ALA G 40 4.92 -14.38 -33.55
CA ALA G 40 4.29 -15.15 -32.48
C ALA G 40 5.03 -15.00 -31.15
N VAL G 41 6.30 -15.43 -31.11
CA VAL G 41 6.99 -15.55 -29.84
C VAL G 41 7.37 -14.19 -29.25
N GLU G 42 7.38 -13.13 -30.06
CA GLU G 42 7.78 -11.83 -29.54
C GLU G 42 6.85 -11.38 -28.42
N SER G 43 5.54 -11.50 -28.64
CA SER G 43 4.59 -11.15 -27.59
C SER G 43 4.67 -12.12 -26.43
N ALA G 44 4.93 -13.40 -26.73
CA ALA G 44 4.95 -14.40 -25.67
C ALA G 44 6.04 -14.11 -24.66
N TRP G 45 7.20 -13.64 -25.12
CA TRP G 45 8.27 -13.24 -24.20
C TRP G 45 8.23 -11.76 -23.87
N GLY G 46 7.13 -11.08 -24.16
CA GLY G 46 7.06 -9.65 -23.87
C GLY G 46 7.11 -9.33 -22.39
N ASP G 47 6.55 -10.21 -21.57
CA ASP G 47 6.41 -9.97 -20.13
C ASP G 47 7.12 -11.03 -19.32
N GLU G 48 8.31 -11.43 -19.76
CA GLU G 48 9.07 -12.45 -19.05
C GLU G 48 9.51 -11.97 -17.68
N GLN G 49 9.71 -10.66 -17.51
CA GLN G 49 10.17 -10.11 -16.25
C GLN G 49 9.04 -9.57 -15.40
N SER G 50 8.13 -8.80 -16.00
CA SER G 50 7.05 -8.18 -15.24
C SER G 50 6.16 -9.24 -14.60
N ALA G 51 5.89 -10.32 -15.31
CA ALA G 51 5.06 -11.39 -14.79
C ALA G 51 5.84 -12.36 -13.90
N PHE G 52 7.14 -12.15 -13.70
CA PHE G 52 7.92 -13.01 -12.83
C PHE G 52 7.66 -12.65 -11.37
N ARG G 53 7.10 -13.60 -10.63
CA ARG G 53 6.70 -13.39 -9.23
C ARG G 53 7.23 -14.54 -8.38
N CYS G 54 8.09 -14.22 -7.42
CA CYS G 54 8.63 -15.19 -6.48
C CYS G 54 7.91 -15.04 -5.14
N ASN G 55 7.89 -16.12 -4.37
CA ASN G 55 7.23 -16.13 -3.06
C ASN G 55 8.26 -15.88 -1.96
N THR G 56 8.67 -14.61 -1.86
CA THR G 56 9.44 -14.18 -0.71
C THR G 56 9.30 -12.67 -0.52
N GLN G 57 9.37 -12.26 0.73
CA GLN G 57 9.35 -10.85 1.10
C GLN G 57 10.72 -10.21 1.01
N GLN G 58 11.73 -11.00 0.67
CA GLN G 58 13.08 -10.46 0.53
C GLN G 58 13.15 -9.61 -0.72
N PRO G 59 13.40 -8.32 -0.61
CA PRO G 59 13.65 -7.51 -1.79
C PRO G 59 14.97 -7.93 -2.42
N GLY G 60 15.03 -7.88 -3.75
CA GLY G 60 16.21 -8.35 -4.42
C GLY G 60 16.26 -9.83 -4.68
N CYS G 61 15.20 -10.58 -4.35
CA CYS G 61 15.21 -12.01 -4.63
C CYS G 61 14.63 -12.33 -6.01
N GLU G 62 13.71 -11.51 -6.52
CA GLU G 62 13.05 -11.80 -7.79
C GLU G 62 14.06 -11.99 -8.91
N ASN G 63 14.72 -10.91 -9.29
CA ASN G 63 15.55 -10.92 -10.50
C ASN G 63 16.74 -11.86 -10.36
N VAL G 64 17.34 -11.96 -9.17
CA VAL G 64 18.47 -12.89 -9.03
C VAL G 64 18.00 -14.32 -9.21
N CYS G 65 16.80 -14.64 -8.72
CA CYS G 65 16.22 -15.94 -9.02
C CYS G 65 15.83 -16.04 -10.48
N TYR G 66 15.27 -14.97 -11.04
CA TYR G 66 14.96 -14.94 -12.46
C TYR G 66 16.22 -15.10 -13.29
N ASP G 67 17.27 -14.37 -12.92
CA ASP G 67 18.53 -14.45 -13.64
C ASP G 67 19.12 -15.86 -13.57
N LYS G 68 19.09 -16.46 -12.37
CA LYS G 68 19.53 -17.84 -12.24
C LYS G 68 18.64 -18.78 -13.05
N SER G 69 17.34 -18.47 -13.11
CA SER G 69 16.43 -19.29 -13.89
C SER G 69 16.72 -19.15 -15.38
N PHE G 70 17.00 -17.94 -15.85
CA PHE G 70 17.09 -17.63 -17.28
C PHE G 70 18.44 -17.01 -17.62
N PRO G 71 19.48 -17.82 -17.81
CA PRO G 71 20.75 -17.24 -18.26
C PRO G 71 20.62 -16.46 -19.54
N ILE G 72 19.81 -16.94 -20.48
CA ILE G 72 19.59 -16.28 -21.75
C ILE G 72 18.14 -16.43 -22.13
N SER G 73 17.54 -15.35 -22.60
CA SER G 73 16.14 -15.41 -23.00
C SER G 73 15.98 -16.20 -24.30
N HIS G 74 14.90 -16.96 -24.38
CA HIS G 74 14.72 -17.87 -25.51
C HIS G 74 14.61 -17.12 -26.83
N VAL G 75 13.89 -16.00 -26.83
CA VAL G 75 13.72 -15.25 -28.07
C VAL G 75 15.07 -14.72 -28.55
N ARG G 76 15.87 -14.15 -27.65
CA ARG G 76 17.19 -13.67 -28.04
C ARG G 76 18.09 -14.82 -28.46
N PHE G 77 17.98 -15.96 -27.77
CA PHE G 77 18.78 -17.12 -28.13
C PHE G 77 18.43 -17.61 -29.53
N TRP G 78 17.13 -17.67 -29.85
CA TRP G 78 16.72 -18.08 -31.18
C TRP G 78 17.14 -17.06 -32.23
N VAL G 79 17.10 -15.77 -31.89
CA VAL G 79 17.60 -14.75 -32.80
C VAL G 79 19.08 -14.98 -33.09
N LEU G 80 19.85 -15.28 -32.05
CA LEU G 80 21.25 -15.64 -32.24
C LEU G 80 21.39 -16.88 -33.09
N GLN G 81 20.53 -17.88 -32.87
CA GLN G 81 20.60 -19.11 -33.66
C GLN G 81 20.33 -18.84 -35.12
N ILE G 82 19.26 -18.11 -35.43
CA ILE G 82 18.88 -17.90 -36.82
C ILE G 82 19.89 -17.00 -37.52
N ILE G 83 20.41 -16.00 -36.82
CA ILE G 83 21.39 -15.11 -37.46
C ILE G 83 22.68 -15.86 -37.73
N PHE G 84 23.09 -16.75 -36.83
CA PHE G 84 24.29 -17.53 -37.07
C PHE G 84 24.10 -18.53 -38.21
N VAL G 85 22.89 -19.09 -38.33
CA VAL G 85 22.61 -19.99 -39.44
C VAL G 85 22.59 -19.23 -40.76
N SER G 86 22.07 -18.01 -40.75
CA SER G 86 21.93 -17.25 -41.99
C SER G 86 23.27 -16.74 -42.52
N VAL G 87 24.25 -16.53 -41.63
CA VAL G 87 25.51 -15.94 -42.06
C VAL G 87 26.19 -16.73 -43.18
N PRO G 88 26.32 -18.07 -43.10
CA PRO G 88 26.97 -18.78 -44.22
C PRO G 88 26.31 -18.56 -45.57
N THR G 89 24.98 -18.49 -45.59
CA THR G 89 24.29 -18.23 -46.86
C THR G 89 24.65 -16.88 -47.43
N LEU G 90 24.66 -15.84 -46.57
CA LEU G 90 25.03 -14.51 -47.04
C LEU G 90 26.47 -14.47 -47.51
N LEU G 91 27.37 -15.18 -46.80
CA LEU G 91 28.75 -15.26 -47.23
C LEU G 91 28.87 -15.91 -48.61
N TYR G 92 28.14 -17.00 -48.81
CA TYR G 92 28.20 -17.69 -50.10
C TYR G 92 27.64 -16.81 -51.22
N LEU G 93 26.53 -16.11 -50.95
CA LEU G 93 25.92 -15.27 -51.97
C LEU G 93 26.85 -14.15 -52.38
N ALA G 94 27.44 -13.44 -51.42
CA ALA G 94 28.36 -12.37 -51.75
C ALA G 94 29.58 -12.90 -52.48
N HIS G 95 30.10 -14.05 -52.03
CA HIS G 95 31.31 -14.60 -52.63
C HIS G 95 31.08 -14.99 -54.09
N VAL G 96 29.96 -15.66 -54.38
CA VAL G 96 29.69 -16.02 -55.77
C VAL G 96 29.37 -14.79 -56.59
N PHE G 97 28.75 -13.77 -55.98
CA PHE G 97 28.51 -12.53 -56.70
C PHE G 97 29.82 -11.85 -57.09
N TYR G 98 30.79 -11.82 -56.17
CA TYR G 98 32.09 -11.25 -56.49
C TYR G 98 32.82 -12.09 -57.54
N VAL G 99 32.66 -13.41 -57.48
CA VAL G 99 33.27 -14.28 -58.48
C VAL G 99 32.69 -13.98 -59.85
N MET G 100 31.37 -13.81 -59.93
CA MET G 100 30.74 -13.49 -61.21
C MET G 100 31.19 -12.14 -61.73
N ARG G 101 31.26 -11.13 -60.85
CA ARG G 101 31.69 -9.80 -61.28
C ARG G 101 33.12 -9.82 -61.81
N LYS G 102 34.02 -10.51 -61.10
CA LYS G 102 35.39 -10.61 -61.57
C LYS G 102 35.48 -11.40 -62.86
N GLU G 103 34.69 -12.47 -62.99
CA GLU G 103 34.66 -13.23 -64.23
C GLU G 103 34.12 -12.38 -65.39
N GLU G 104 33.21 -11.45 -65.10
CA GLU G 104 32.64 -10.62 -66.15
C GLU G 104 33.70 -9.77 -66.84
N LYS G 105 34.61 -9.19 -66.08
CA LYS G 105 35.66 -8.36 -66.65
C LYS G 105 36.81 -9.23 -67.18
N LEU G 151 34.04 -23.10 -56.48
CA LEU G 151 32.97 -22.60 -55.62
C LEU G 151 32.28 -23.75 -54.88
N LEU G 152 32.37 -24.95 -55.44
CA LEU G 152 31.76 -26.11 -54.81
C LEU G 152 32.36 -26.37 -53.44
N ARG G 153 33.68 -26.21 -53.31
CA ARG G 153 34.33 -26.36 -52.01
C ARG G 153 33.77 -25.37 -51.01
N THR G 154 33.60 -24.11 -51.43
CA THR G 154 32.99 -23.11 -50.55
C THR G 154 31.55 -23.49 -50.21
N TYR G 155 30.83 -24.06 -51.18
CA TYR G 155 29.45 -24.47 -50.93
C TYR G 155 29.40 -25.55 -49.85
N ILE G 156 30.30 -26.53 -49.92
CA ILE G 156 30.34 -27.58 -48.90
C ILE G 156 30.71 -26.98 -47.55
N ILE G 157 31.68 -26.08 -47.53
CA ILE G 157 32.09 -25.44 -46.27
C ILE G 157 30.92 -24.68 -45.67
N SER G 158 30.18 -23.95 -46.49
CA SER G 158 29.05 -23.17 -45.99
C SER G 158 27.99 -24.09 -45.37
N ILE G 159 27.66 -25.17 -46.07
CA ILE G 159 26.66 -26.10 -45.55
C ILE G 159 27.16 -26.76 -44.27
N LEU G 160 28.43 -27.17 -44.25
CA LEU G 160 28.96 -27.84 -43.08
C LEU G 160 28.97 -26.91 -41.87
N PHE G 161 29.40 -25.67 -42.05
CA PHE G 161 29.39 -24.71 -40.94
C PHE G 161 27.97 -24.42 -40.48
N LYS G 162 27.02 -24.33 -41.43
CA LYS G 162 25.64 -24.11 -41.07
C LYS G 162 25.11 -25.23 -40.19
N SER G 163 25.36 -26.48 -40.60
CA SER G 163 24.90 -27.62 -39.81
C SER G 163 25.59 -27.66 -38.44
N ILE G 164 26.90 -27.39 -38.41
CA ILE G 164 27.64 -27.45 -37.16
C ILE G 164 27.14 -26.38 -36.19
N PHE G 165 26.97 -25.14 -36.69
CA PHE G 165 26.43 -24.09 -35.83
C PHE G 165 25.04 -24.43 -35.36
N GLU G 166 24.22 -25.01 -36.24
CA GLU G 166 22.84 -25.33 -35.88
C GLU G 166 22.78 -26.38 -34.78
N VAL G 167 23.52 -27.48 -34.95
CA VAL G 167 23.48 -28.55 -33.96
C VAL G 167 24.09 -28.07 -32.65
N ALA G 168 25.12 -27.22 -32.70
CA ALA G 168 25.71 -26.69 -31.49
C ALA G 168 24.70 -25.83 -30.73
N PHE G 169 23.95 -24.98 -31.45
CA PHE G 169 22.92 -24.17 -30.79
C PHE G 169 21.86 -25.06 -30.16
N LEU G 170 21.44 -26.12 -30.87
CA LEU G 170 20.46 -27.03 -30.32
C LEU G 170 20.98 -27.71 -29.07
N LEU G 171 22.23 -28.19 -29.10
CA LEU G 171 22.79 -28.91 -27.97
C LEU G 171 22.92 -28.01 -26.76
N ILE G 172 23.46 -26.80 -26.94
CA ILE G 172 23.66 -25.91 -25.81
C ILE G 172 22.32 -25.47 -25.23
N GLN G 173 21.30 -25.31 -26.08
CA GLN G 173 19.96 -24.98 -25.60
C GLN G 173 19.41 -26.10 -24.74
N TRP G 174 19.61 -27.35 -25.18
CA TRP G 174 19.17 -28.49 -24.38
C TRP G 174 19.92 -28.55 -23.05
N TYR G 175 21.22 -28.27 -23.09
CA TYR G 175 22.02 -28.32 -21.85
C TYR G 175 21.56 -27.27 -20.86
N ILE G 176 21.21 -26.08 -21.34
CA ILE G 176 20.85 -24.98 -20.44
C ILE G 176 19.42 -25.12 -19.95
N TYR G 177 18.46 -25.09 -20.88
CA TYR G 177 17.05 -25.08 -20.51
C TYR G 177 16.32 -26.40 -20.72
N GLY G 178 16.88 -27.31 -21.51
CA GLY G 178 16.09 -28.47 -21.82
C GLY G 178 14.96 -28.09 -22.77
N PHE G 179 13.93 -28.94 -22.79
CA PHE G 179 12.80 -28.75 -23.68
C PHE G 179 11.49 -28.62 -22.91
N SER G 180 11.56 -28.14 -21.68
CA SER G 180 10.37 -27.99 -20.86
C SER G 180 10.60 -26.89 -19.84
N LEU G 181 9.51 -26.25 -19.42
CA LEU G 181 9.55 -25.17 -18.44
C LEU G 181 8.55 -25.49 -17.34
N SER G 182 9.05 -25.83 -16.16
CA SER G 182 8.18 -26.08 -15.02
C SER G 182 7.53 -24.78 -14.57
N ALA G 183 6.25 -24.85 -14.21
CA ALA G 183 5.54 -23.66 -13.76
C ALA G 183 6.11 -23.14 -12.45
N VAL G 184 6.64 -24.02 -11.61
CA VAL G 184 7.21 -23.66 -10.31
C VAL G 184 8.70 -23.95 -10.36
N TYR G 185 9.50 -22.93 -10.04
CA TYR G 185 10.96 -23.03 -10.08
C TYR G 185 11.51 -22.74 -8.69
N THR G 186 12.26 -23.69 -8.14
CA THR G 186 12.97 -23.46 -6.90
C THR G 186 14.26 -22.70 -7.19
N CYS G 187 14.67 -21.87 -6.23
CA CYS G 187 15.79 -20.96 -6.45
C CYS G 187 16.69 -20.94 -5.24
N LYS G 188 17.99 -21.09 -5.47
CA LYS G 188 19.01 -20.92 -4.45
C LYS G 188 19.87 -19.72 -4.81
N ARG G 189 19.92 -18.73 -3.92
CA ARG G 189 20.75 -17.56 -4.15
C ARG G 189 21.11 -16.94 -2.82
N ASP G 190 22.18 -16.15 -2.82
CA ASP G 190 22.63 -15.51 -1.58
C ASP G 190 21.60 -14.55 -1.00
N PRO G 191 21.03 -13.59 -1.74
CA PRO G 191 20.04 -12.69 -1.12
C PRO G 191 18.81 -13.41 -0.61
N CYS G 192 18.35 -14.43 -1.30
CA CYS G 192 17.15 -15.14 -0.87
C CYS G 192 17.52 -16.10 0.26
N PRO G 193 16.79 -16.09 1.38
CA PRO G 193 17.13 -17.01 2.48
C PRO G 193 16.89 -18.44 2.05
N HIS G 194 17.98 -19.21 1.94
CA HIS G 194 17.91 -20.61 1.52
C HIS G 194 17.18 -20.74 0.18
N GLN G 195 16.32 -21.74 0.08
CA GLN G 195 15.55 -21.97 -1.15
C GLN G 195 14.31 -21.08 -1.14
N VAL G 196 13.89 -20.64 -2.33
CA VAL G 196 12.65 -19.91 -2.51
C VAL G 196 11.95 -20.44 -3.76
N ASP G 197 10.64 -20.21 -3.84
CA ASP G 197 9.85 -20.58 -5.00
C ASP G 197 9.58 -19.38 -5.89
N CYS G 198 9.60 -19.62 -7.20
CA CYS G 198 9.25 -18.61 -8.19
C CYS G 198 8.36 -19.27 -9.24
N PHE G 199 7.62 -18.44 -9.97
CA PHE G 199 6.64 -18.92 -10.93
C PHE G 199 6.83 -18.23 -12.28
N LEU G 200 6.86 -19.03 -13.33
CA LEU G 200 7.15 -18.51 -14.66
C LEU G 200 5.90 -17.89 -15.26
N SER G 201 6.07 -17.19 -16.39
CA SER G 201 4.98 -16.39 -16.94
C SER G 201 4.00 -17.22 -17.74
N ARG G 202 4.48 -17.86 -18.81
CA ARG G 202 3.63 -18.71 -19.67
C ARG G 202 4.39 -19.99 -20.01
N PRO G 203 4.55 -20.89 -19.05
CA PRO G 203 5.30 -22.13 -19.34
C PRO G 203 4.72 -22.96 -20.46
N THR G 204 3.39 -23.13 -20.55
CA THR G 204 2.85 -23.97 -21.61
C THR G 204 3.08 -23.34 -22.97
N GLU G 205 2.77 -22.05 -23.11
CA GLU G 205 2.98 -21.38 -24.38
C GLU G 205 4.45 -21.36 -24.75
N LYS G 206 5.32 -21.14 -23.77
CA LYS G 206 6.76 -21.20 -24.03
C LYS G 206 7.21 -22.60 -24.40
N THR G 207 6.70 -23.63 -23.72
CA THR G 207 7.05 -24.99 -24.08
C THR G 207 6.57 -25.34 -25.47
N ILE G 208 5.35 -24.91 -25.82
CA ILE G 208 4.83 -25.20 -27.15
C ILE G 208 5.71 -24.58 -28.22
N PHE G 209 6.09 -23.32 -28.02
CA PHE G 209 6.96 -22.67 -28.98
C PHE G 209 8.37 -23.25 -28.96
N ILE G 210 8.84 -23.69 -27.80
CA ILE G 210 10.12 -24.38 -27.73
C ILE G 210 10.07 -25.65 -28.57
N ILE G 211 8.96 -26.39 -28.48
CA ILE G 211 8.80 -27.59 -29.29
C ILE G 211 8.81 -27.24 -30.77
N PHE G 212 8.09 -26.19 -31.16
CA PHE G 212 8.04 -25.81 -32.56
C PHE G 212 9.42 -25.39 -33.07
N MET G 213 10.15 -24.61 -32.27
CA MET G 213 11.51 -24.26 -32.65
C MET G 213 12.38 -25.51 -32.76
N LEU G 214 12.15 -26.48 -31.88
CA LEU G 214 12.92 -27.72 -31.93
C LEU G 214 12.65 -28.48 -33.22
N VAL G 215 11.38 -28.67 -33.58
CA VAL G 215 11.06 -29.46 -34.76
C VAL G 215 11.52 -28.73 -36.03
N VAL G 216 11.40 -27.40 -36.04
CA VAL G 216 11.95 -26.63 -37.15
C VAL G 216 13.46 -26.82 -37.24
N SER G 217 14.13 -26.81 -36.09
CA SER G 217 15.56 -27.05 -36.08
C SER G 217 15.90 -28.43 -36.63
N LEU G 218 15.14 -29.44 -36.22
CA LEU G 218 15.45 -30.81 -36.64
C LEU G 218 15.27 -30.97 -38.14
N VAL G 219 14.17 -30.47 -38.70
CA VAL G 219 13.92 -30.65 -40.12
C VAL G 219 14.92 -29.85 -40.94
N SER G 220 15.32 -28.67 -40.46
CA SER G 220 16.34 -27.90 -41.14
C SER G 220 17.66 -28.66 -41.18
N LEU G 221 18.03 -29.29 -40.06
CA LEU G 221 19.24 -30.10 -40.04
C LEU G 221 19.12 -31.29 -40.97
N ALA G 222 17.93 -31.90 -41.01
CA ALA G 222 17.71 -33.04 -41.90
C ALA G 222 17.88 -32.65 -43.36
N LEU G 223 17.35 -31.48 -43.74
CA LEU G 223 17.50 -31.02 -45.12
C LEU G 223 18.96 -30.77 -45.46
N ASN G 224 19.71 -30.18 -44.53
CA ASN G 224 21.13 -29.95 -44.77
C ASN G 224 21.88 -31.26 -44.97
N ILE G 225 21.56 -32.26 -44.15
CA ILE G 225 22.19 -33.57 -44.30
C ILE G 225 21.84 -34.19 -45.64
N ILE G 226 20.57 -34.05 -46.05
CA ILE G 226 20.15 -34.59 -47.34
C ILE G 226 20.94 -33.95 -48.48
N GLU G 227 21.10 -32.62 -48.43
CA GLU G 227 21.87 -31.95 -49.48
C GLU G 227 23.31 -32.42 -49.50
N LEU G 228 23.92 -32.63 -48.32
CA LEU G 228 25.29 -33.12 -48.27
C LEU G 228 25.40 -34.49 -48.92
N PHE G 229 24.46 -35.39 -48.62
CA PHE G 229 24.48 -36.71 -49.25
C PHE G 229 24.25 -36.59 -50.76
N TYR G 230 23.35 -35.69 -51.16
CA TYR G 230 23.11 -35.49 -52.59
C TYR G 230 24.37 -35.04 -53.31
N VAL G 231 25.11 -34.10 -52.71
CA VAL G 231 26.36 -33.64 -53.33
C VAL G 231 27.38 -34.77 -53.36
N PHE G 232 27.50 -35.53 -52.28
CA PHE G 232 28.46 -36.62 -52.24
C PHE G 232 28.16 -37.66 -53.31
N PHE G 233 26.88 -37.99 -53.51
CA PHE G 233 26.51 -38.87 -54.60
C PHE G 233 26.85 -38.25 -55.95
N LYS G 234 26.60 -36.95 -56.10
CA LYS G 234 26.98 -36.26 -57.34
C LYS G 234 28.49 -36.15 -57.50
N GLY G 235 29.24 -36.21 -56.40
CA GLY G 235 30.69 -36.14 -56.46
C GLY G 235 31.35 -37.44 -56.87
N GLY H 2 -16.10 -3.79 64.85
CA GLY H 2 -15.82 -4.95 64.02
C GLY H 2 -16.77 -6.10 64.26
N ASP H 3 -17.09 -6.82 63.18
CA ASP H 3 -17.93 -8.00 63.22
C ASP H 3 -17.16 -9.22 62.69
N TRP H 4 -15.88 -9.29 63.01
CA TRP H 4 -15.05 -10.39 62.57
C TRP H 4 -15.50 -11.71 63.20
N SER H 5 -15.87 -11.68 64.48
CA SER H 5 -16.39 -12.88 65.13
C SER H 5 -17.68 -13.35 64.49
N ALA H 6 -18.56 -12.40 64.13
CA ALA H 6 -19.79 -12.77 63.44
C ALA H 6 -19.48 -13.39 62.08
N LEU H 7 -18.52 -12.84 61.35
CA LEU H 7 -18.13 -13.43 60.08
C LEU H 7 -17.54 -14.82 60.27
N GLY H 8 -16.72 -15.00 61.30
CA GLY H 8 -16.12 -16.31 61.53
C GLY H 8 -17.14 -17.38 61.87
N LYS H 9 -18.07 -17.05 62.78
CA LYS H 9 -19.10 -18.02 63.13
C LYS H 9 -20.04 -18.30 61.96
N LEU H 10 -20.31 -17.28 61.13
CA LEU H 10 -21.11 -17.50 59.94
C LEU H 10 -20.43 -18.47 58.99
N LEU H 11 -19.12 -18.32 58.80
CA LEU H 11 -18.37 -19.24 57.96
C LEU H 11 -18.41 -20.66 58.54
N ASP H 12 -18.30 -20.77 59.86
CA ASP H 12 -18.28 -22.09 60.50
C ASP H 12 -19.59 -22.83 60.29
N LYS H 13 -20.73 -22.17 60.54
CA LYS H 13 -22.00 -22.84 60.37
C LYS H 13 -22.35 -23.07 58.90
N VAL H 14 -21.80 -22.26 58.00
CA VAL H 14 -21.96 -22.53 56.57
C VAL H 14 -21.21 -23.80 56.19
N GLN H 15 -19.96 -23.92 56.64
CA GLN H 15 -19.12 -25.05 56.28
C GLN H 15 -19.37 -26.29 57.14
N ALA H 16 -20.23 -26.19 58.15
CA ALA H 16 -20.46 -27.32 59.04
C ALA H 16 -21.13 -28.50 58.35
N TYR H 17 -21.75 -28.28 57.19
CA TYR H 17 -22.43 -29.33 56.45
C TYR H 17 -21.57 -29.91 55.33
N SER H 18 -20.25 -29.94 55.51
CA SER H 18 -19.35 -30.41 54.47
C SER H 18 -18.29 -31.33 55.07
N THR H 19 -17.65 -32.10 54.20
CA THR H 19 -16.61 -33.04 54.59
C THR H 19 -15.40 -32.30 55.14
N ALA H 20 -14.59 -33.03 55.93
CA ALA H 20 -13.44 -32.42 56.59
C ALA H 20 -12.48 -31.80 55.58
N GLY H 21 -12.16 -32.52 54.51
CA GLY H 21 -11.27 -31.99 53.49
C GLY H 21 -11.99 -31.47 52.27
N GLY H 22 -13.29 -31.77 52.17
CA GLY H 22 -14.02 -31.41 50.97
C GLY H 22 -14.13 -29.91 50.76
N LYS H 23 -14.49 -29.17 51.82
CA LYS H 23 -14.73 -27.74 51.67
C LYS H 23 -13.45 -26.98 51.32
N VAL H 24 -12.35 -27.32 51.98
CA VAL H 24 -11.08 -26.66 51.67
C VAL H 24 -10.65 -26.96 50.25
N TRP H 25 -10.78 -28.22 49.82
CA TRP H 25 -10.41 -28.57 48.45
C TRP H 25 -11.24 -27.81 47.43
N LEU H 26 -12.56 -27.68 47.67
CA LEU H 26 -13.39 -26.91 46.77
C LEU H 26 -12.98 -25.44 46.75
N SER H 27 -12.70 -24.86 47.92
CA SER H 27 -12.36 -23.45 47.98
C SER H 27 -11.04 -23.17 47.26
N VAL H 28 -10.03 -24.00 47.50
CA VAL H 28 -8.74 -23.79 46.84
C VAL H 28 -8.86 -24.02 45.34
N LEU H 29 -9.68 -25.00 44.94
CA LEU H 29 -9.91 -25.22 43.52
C LEU H 29 -10.55 -24.00 42.87
N PHE H 30 -11.55 -23.43 43.54
CA PHE H 30 -12.25 -22.27 42.98
C PHE H 30 -11.31 -21.08 42.82
N ILE H 31 -10.54 -20.77 43.87
CA ILE H 31 -9.64 -19.62 43.79
C ILE H 31 -8.52 -19.88 42.80
N PHE H 32 -8.05 -21.13 42.73
CA PHE H 32 -7.05 -21.50 41.74
C PHE H 32 -7.56 -21.23 40.33
N ARG H 33 -8.79 -21.70 40.04
CA ARG H 33 -9.33 -21.55 38.70
C ARG H 33 -9.55 -20.10 38.34
N ILE H 34 -10.13 -19.31 39.25
CA ILE H 34 -10.53 -17.96 38.91
C ILE H 34 -9.31 -17.07 38.70
N LEU H 35 -8.29 -17.19 39.56
CA LEU H 35 -7.10 -16.37 39.38
C LEU H 35 -6.32 -16.79 38.14
N LEU H 36 -6.33 -18.08 37.83
CA LEU H 36 -5.74 -18.53 36.58
C LEU H 36 -6.43 -17.91 35.39
N LEU H 37 -7.77 -17.90 35.40
CA LEU H 37 -8.52 -17.30 34.31
C LEU H 37 -8.27 -15.80 34.22
N GLY H 38 -8.19 -15.14 35.38
CA GLY H 38 -7.99 -13.70 35.37
C GLY H 38 -6.63 -13.29 34.83
N THR H 39 -5.60 -14.08 35.10
CA THR H 39 -4.23 -13.71 34.78
C THR H 39 -3.73 -14.33 33.48
N ALA H 40 -3.89 -15.65 33.31
CA ALA H 40 -3.22 -16.34 32.23
C ALA H 40 -3.96 -16.20 30.91
N VAL H 41 -5.20 -16.71 30.86
CA VAL H 41 -5.90 -16.82 29.58
C VAL H 41 -6.35 -15.48 29.03
N GLU H 42 -6.43 -14.44 29.87
CA GLU H 42 -6.90 -13.15 29.39
C GLU H 42 -6.00 -12.62 28.28
N SER H 43 -4.69 -12.66 28.50
CA SER H 43 -3.76 -12.22 27.46
C SER H 43 -3.78 -13.16 26.27
N ALA H 44 -3.96 -14.46 26.52
CA ALA H 44 -3.93 -15.43 25.44
C ALA H 44 -5.04 -15.18 24.43
N TRP H 45 -6.22 -14.80 24.91
CA TRP H 45 -7.31 -14.43 24.01
C TRP H 45 -7.37 -12.94 23.72
N GLY H 46 -6.30 -12.21 24.03
CA GLY H 46 -6.32 -10.77 23.79
C GLY H 46 -6.39 -10.42 22.32
N ASP H 47 -5.77 -11.22 21.46
CA ASP H 47 -5.65 -10.94 20.05
C ASP H 47 -6.30 -12.02 19.19
N GLU H 48 -7.47 -12.49 19.63
CA GLU H 48 -8.16 -13.54 18.88
C GLU H 48 -8.63 -13.05 17.53
N GLN H 49 -8.91 -11.75 17.40
CA GLN H 49 -9.41 -11.19 16.15
C GLN H 49 -8.30 -10.56 15.32
N SER H 50 -7.45 -9.75 15.95
CA SER H 50 -6.40 -9.05 15.20
C SER H 50 -5.46 -10.03 14.53
N ALA H 51 -5.12 -11.11 15.22
CA ALA H 51 -4.23 -12.11 14.65
C ALA H 51 -4.95 -13.10 13.74
N PHE H 52 -6.25 -12.96 13.55
CA PHE H 52 -6.98 -13.85 12.65
C PHE H 52 -6.74 -13.43 11.20
N ARG H 53 -6.14 -14.32 10.42
CA ARG H 53 -5.75 -14.04 9.05
C ARG H 53 -6.20 -15.20 8.16
N CYS H 54 -7.09 -14.90 7.21
CA CYS H 54 -7.57 -15.87 6.23
C CYS H 54 -6.86 -15.63 4.91
N ASN H 55 -6.77 -16.70 4.10
CA ASN H 55 -6.12 -16.63 2.79
C ASN H 55 -7.16 -16.40 1.70
N THR H 56 -7.64 -15.16 1.63
CA THR H 56 -8.44 -14.74 0.50
C THR H 56 -8.39 -13.23 0.36
N GLN H 57 -8.49 -12.78 -0.89
CA GLN H 57 -8.56 -11.36 -1.21
C GLN H 57 -9.96 -10.81 -1.11
N GLN H 58 -10.93 -11.66 -0.80
CA GLN H 58 -12.30 -11.22 -0.63
C GLN H 58 -12.42 -10.41 0.65
N PRO H 59 -12.76 -9.13 0.57
CA PRO H 59 -13.05 -8.38 1.78
C PRO H 59 -14.34 -8.90 2.39
N GLY H 60 -14.40 -8.89 3.71
CA GLY H 60 -15.56 -9.44 4.37
C GLY H 60 -15.50 -10.94 4.60
N CYS H 61 -14.41 -11.61 4.23
CA CYS H 61 -14.32 -13.04 4.48
C CYS H 61 -13.73 -13.36 5.85
N GLU H 62 -12.86 -12.51 6.38
CA GLU H 62 -12.18 -12.80 7.63
C GLU H 62 -13.18 -13.08 8.76
N ASN H 63 -13.91 -12.05 9.18
CA ASN H 63 -14.73 -12.16 10.38
C ASN H 63 -15.87 -13.16 10.21
N VAL H 64 -16.46 -13.26 9.01
CA VAL H 64 -17.52 -14.25 8.85
C VAL H 64 -16.97 -15.66 8.99
N CYS H 65 -15.76 -15.90 8.49
CA CYS H 65 -15.10 -17.16 8.74
C CYS H 65 -14.70 -17.28 10.21
N TYR H 66 -14.20 -16.19 10.79
CA TYR H 66 -13.90 -16.19 12.21
C TYR H 66 -15.14 -16.45 13.03
N ASP H 67 -16.24 -15.78 12.68
CA ASP H 67 -17.49 -15.96 13.41
C ASP H 67 -17.99 -17.38 13.29
N LYS H 68 -17.92 -17.95 12.09
CA LYS H 68 -18.28 -19.35 11.91
C LYS H 68 -17.34 -20.26 12.68
N SER H 69 -16.06 -19.87 12.75
CA SER H 69 -15.10 -20.65 13.52
C SER H 69 -15.38 -20.59 15.01
N PHE H 70 -15.75 -19.40 15.51
CA PHE H 70 -15.85 -19.15 16.95
C PHE H 70 -17.23 -18.61 17.30
N PRO H 71 -18.23 -19.49 17.47
CA PRO H 71 -19.53 -19.01 17.93
C PRO H 71 -19.45 -18.26 19.24
N ILE H 72 -18.61 -18.72 20.16
CA ILE H 72 -18.43 -18.09 21.46
C ILE H 72 -16.96 -18.16 21.83
N SER H 73 -16.43 -17.05 22.34
CA SER H 73 -15.03 -17.04 22.74
C SER H 73 -14.83 -17.87 24.01
N HIS H 74 -13.69 -18.56 24.08
CA HIS H 74 -13.46 -19.49 25.18
C HIS H 74 -13.39 -18.77 26.52
N VAL H 75 -12.75 -17.61 26.54
CA VAL H 75 -12.63 -16.88 27.81
C VAL H 75 -14.00 -16.45 28.31
N ARG H 76 -14.84 -15.91 27.42
CA ARG H 76 -16.18 -15.52 27.82
C ARG H 76 -17.00 -16.74 28.21
N PHE H 77 -16.84 -17.85 27.48
CA PHE H 77 -17.56 -19.07 27.81
C PHE H 77 -17.17 -19.58 29.19
N TRP H 78 -15.88 -19.57 29.51
CA TRP H 78 -15.45 -19.98 30.83
C TRP H 78 -15.92 -19.03 31.91
N VAL H 79 -15.96 -17.73 31.61
CA VAL H 79 -16.52 -16.76 32.56
C VAL H 79 -17.98 -17.09 32.82
N LEU H 80 -18.74 -17.41 31.77
CA LEU H 80 -20.11 -17.86 31.96
C LEU H 80 -20.17 -19.14 32.78
N GLN H 81 -19.25 -20.07 32.52
CA GLN H 81 -19.25 -21.32 33.27
C GLN H 81 -19.00 -21.07 34.75
N ILE H 82 -17.97 -20.30 35.08
CA ILE H 82 -17.61 -20.11 36.48
C ILE H 82 -18.67 -19.29 37.20
N ILE H 83 -19.25 -18.30 36.53
CA ILE H 83 -20.28 -17.49 37.18
C ILE H 83 -21.53 -18.33 37.45
N PHE H 84 -21.88 -19.22 36.51
CA PHE H 84 -23.03 -20.08 36.72
C PHE H 84 -22.77 -21.08 37.83
N VAL H 85 -21.54 -21.58 37.95
CA VAL H 85 -21.21 -22.50 39.03
C VAL H 85 -21.23 -21.78 40.37
N SER H 86 -20.78 -20.53 40.40
CA SER H 86 -20.69 -19.80 41.66
C SER H 86 -22.05 -19.38 42.19
N VAL H 87 -23.04 -19.20 41.32
CA VAL H 87 -24.34 -18.71 41.76
C VAL H 87 -24.98 -19.57 42.86
N PRO H 88 -25.01 -20.91 42.74
CA PRO H 88 -25.62 -21.70 43.84
C PRO H 88 -24.96 -21.48 45.18
N THR H 89 -23.64 -21.33 45.23
CA THR H 89 -22.98 -21.07 46.50
C THR H 89 -23.42 -19.75 47.10
N LEU H 90 -23.50 -18.70 46.28
CA LEU H 90 -23.94 -17.40 46.79
C LEU H 90 -25.39 -17.47 47.25
N LEU H 91 -26.23 -18.21 46.53
CA LEU H 91 -27.62 -18.38 46.95
C LEU H 91 -27.68 -19.08 48.30
N TYR H 92 -26.89 -20.14 48.48
CA TYR H 92 -26.90 -20.85 49.74
C TYR H 92 -26.41 -19.98 50.88
N LEU H 93 -25.34 -19.22 50.64
CA LEU H 93 -24.78 -18.36 51.69
C LEU H 93 -25.78 -17.31 52.14
N ALA H 94 -26.40 -16.62 51.18
CA ALA H 94 -27.39 -15.61 51.55
C ALA H 94 -28.58 -16.24 52.27
N HIS H 95 -29.03 -17.41 51.78
CA HIS H 95 -30.20 -18.04 52.36
C HIS H 95 -29.94 -18.46 53.80
N VAL H 96 -28.79 -19.07 54.08
CA VAL H 96 -28.49 -19.46 55.45
C VAL H 96 -28.26 -18.23 56.32
N PHE H 97 -27.69 -17.16 55.75
CA PHE H 97 -27.52 -15.93 56.49
C PHE H 97 -28.87 -15.35 56.90
N TYR H 98 -29.84 -15.35 55.99
CA TYR H 98 -31.18 -14.86 56.33
C TYR H 98 -31.85 -15.77 57.34
N VAL H 99 -31.62 -17.08 57.24
CA VAL H 99 -32.18 -18.01 58.22
C VAL H 99 -31.61 -17.72 59.61
N MET H 100 -30.30 -17.48 59.69
CA MET H 100 -29.69 -17.17 60.97
C MET H 100 -30.22 -15.85 61.54
N ARG H 101 -30.36 -14.83 60.68
CA ARG H 101 -30.86 -13.54 61.15
C ARG H 101 -32.29 -13.66 61.67
N LYS H 102 -33.14 -14.38 60.95
CA LYS H 102 -34.51 -14.58 61.41
C LYS H 102 -34.55 -15.41 62.69
N GLU H 103 -33.69 -16.43 62.78
CA GLU H 103 -33.61 -17.22 64.00
C GLU H 103 -33.13 -16.38 65.17
N GLU H 104 -32.28 -15.38 64.92
CA GLU H 104 -31.75 -14.56 66.00
C GLU H 104 -32.86 -13.80 66.71
N LYS H 105 -33.81 -13.26 65.96
CA LYS H 105 -34.91 -12.51 66.55
C LYS H 105 -36.00 -13.46 67.06
N LEU H 151 -32.40 -26.80 55.95
CA LEU H 151 -31.37 -26.22 55.10
C LEU H 151 -30.61 -27.29 54.35
N LEU H 152 -30.64 -28.52 54.86
CA LEU H 152 -29.94 -29.61 54.20
C LEU H 152 -30.53 -29.87 52.82
N ARG H 153 -31.86 -29.79 52.69
CA ARG H 153 -32.49 -29.95 51.39
C ARG H 153 -32.00 -28.88 50.41
N THR H 154 -31.90 -27.64 50.87
CA THR H 154 -31.36 -26.58 50.02
C THR H 154 -29.90 -26.85 49.69
N TYR H 155 -29.15 -27.41 50.64
CA TYR H 155 -27.75 -27.73 50.37
C TYR H 155 -27.63 -28.78 49.27
N ILE H 156 -28.46 -29.80 49.30
CA ILE H 156 -28.44 -30.82 48.25
C ILE H 156 -28.85 -30.22 46.92
N ILE H 157 -29.88 -29.36 46.92
CA ILE H 157 -30.32 -28.72 45.69
C ILE H 157 -29.21 -27.87 45.09
N SER H 158 -28.51 -27.11 45.95
CA SER H 158 -27.43 -26.27 45.46
C SER H 158 -26.32 -27.09 44.83
N ILE H 159 -25.92 -28.17 45.49
CA ILE H 159 -24.86 -29.02 44.95
C ILE H 159 -25.32 -29.66 43.64
N LEU H 160 -26.56 -30.16 43.62
CA LEU H 160 -27.06 -30.83 42.41
C LEU H 160 -27.12 -29.86 41.24
N PHE H 161 -27.63 -28.65 41.46
CA PHE H 161 -27.67 -27.67 40.39
C PHE H 161 -26.28 -27.28 39.94
N LYS H 162 -25.34 -27.16 40.88
CA LYS H 162 -23.97 -26.84 40.52
C LYS H 162 -23.37 -27.91 39.62
N SER H 163 -23.55 -29.18 39.99
CA SER H 163 -23.02 -30.26 39.16
C SER H 163 -23.71 -30.30 37.80
N ILE H 164 -25.02 -30.11 37.78
CA ILE H 164 -25.76 -30.18 36.51
C ILE H 164 -25.34 -29.05 35.59
N PHE H 165 -25.24 -27.83 36.11
CA PHE H 165 -24.77 -26.72 35.29
C PHE H 165 -23.35 -26.96 34.80
N GLU H 166 -22.49 -27.51 35.67
CA GLU H 166 -21.10 -27.73 35.30
C GLU H 166 -20.98 -28.75 34.18
N VAL H 167 -21.65 -29.89 34.32
CA VAL H 167 -21.54 -30.92 33.28
C VAL H 167 -22.19 -30.44 31.99
N ALA H 168 -23.26 -29.67 32.08
CA ALA H 168 -23.89 -29.14 30.87
C ALA H 168 -22.94 -28.19 30.15
N PHE H 169 -22.24 -27.32 30.88
CA PHE H 169 -21.27 -26.44 30.26
C PHE H 169 -20.15 -27.24 29.61
N LEU H 170 -19.67 -28.28 30.28
CA LEU H 170 -18.62 -29.12 29.69
C LEU H 170 -19.11 -29.80 28.42
N LEU H 171 -20.33 -30.34 28.45
CA LEU H 171 -20.84 -31.07 27.30
C LEU H 171 -21.04 -30.14 26.10
N ILE H 172 -21.64 -28.97 26.33
CA ILE H 172 -21.89 -28.06 25.22
C ILE H 172 -20.58 -27.52 24.65
N GLN H 173 -19.58 -27.32 25.52
CA GLN H 173 -18.27 -26.90 25.05
C GLN H 173 -17.64 -27.97 24.16
N TRP H 174 -17.76 -29.24 24.56
CA TRP H 174 -17.27 -30.32 23.72
C TRP H 174 -18.01 -30.39 22.40
N TYR H 175 -19.32 -30.19 22.43
CA TYR H 175 -20.11 -30.24 21.20
C TYR H 175 -19.72 -29.14 20.24
N ILE H 176 -19.44 -27.95 20.75
CA ILE H 176 -19.16 -26.81 19.88
C ILE H 176 -17.71 -26.84 19.39
N TYR H 177 -16.76 -26.79 20.32
CA TYR H 177 -15.35 -26.67 19.96
C TYR H 177 -14.56 -27.96 20.13
N GLY H 178 -15.06 -28.92 20.88
CA GLY H 178 -14.19 -30.05 21.17
C GLY H 178 -13.09 -29.62 22.13
N PHE H 179 -12.01 -30.41 22.13
CA PHE H 179 -10.89 -30.17 23.03
C PHE H 179 -9.59 -29.94 22.26
N SER H 180 -9.69 -29.42 21.04
CA SER H 180 -8.51 -29.18 20.22
C SER H 180 -8.80 -28.06 19.23
N LEU H 181 -7.76 -27.34 18.85
CA LEU H 181 -7.86 -26.24 17.89
C LEU H 181 -6.85 -26.47 16.78
N SER H 182 -7.33 -26.81 15.59
CA SER H 182 -6.44 -26.96 14.45
C SER H 182 -5.88 -25.61 14.03
N ALA H 183 -4.60 -25.60 13.68
CA ALA H 183 -3.97 -24.35 13.27
C ALA H 183 -4.56 -23.83 11.96
N VAL H 184 -5.04 -24.72 11.10
CA VAL H 184 -5.63 -24.35 9.82
C VAL H 184 -7.10 -24.72 9.85
N TYR H 185 -7.97 -23.75 9.57
CA TYR H 185 -9.41 -23.94 9.60
C TYR H 185 -9.98 -23.65 8.22
N THR H 186 -10.66 -24.63 7.64
CA THR H 186 -11.40 -24.40 6.41
C THR H 186 -12.73 -23.73 6.72
N CYS H 187 -13.19 -22.89 5.79
CA CYS H 187 -14.36 -22.06 6.03
C CYS H 187 -15.27 -22.06 4.81
N LYS H 188 -16.56 -22.29 5.04
CA LYS H 188 -17.58 -22.17 4.02
C LYS H 188 -18.51 -21.02 4.42
N ARG H 189 -18.61 -20.02 3.56
CA ARG H 189 -19.52 -18.91 3.83
C ARG H 189 -19.92 -18.27 2.50
N ASP H 190 -21.03 -17.55 2.54
CA ASP H 190 -21.52 -16.90 1.31
C ASP H 190 -20.55 -15.86 0.76
N PRO H 191 -20.04 -14.90 1.54
CA PRO H 191 -19.12 -13.93 0.95
C PRO H 191 -17.84 -14.54 0.42
N CYS H 192 -17.32 -15.56 1.07
CA CYS H 192 -16.09 -16.18 0.62
C CYS H 192 -16.38 -17.13 -0.54
N PRO H 193 -15.66 -17.03 -1.65
CA PRO H 193 -15.95 -17.94 -2.78
C PRO H 193 -15.62 -19.37 -2.39
N HIS H 194 -16.66 -20.20 -2.30
CA HIS H 194 -16.50 -21.60 -1.92
C HIS H 194 -15.77 -21.73 -0.60
N GLN H 195 -14.85 -22.68 -0.52
CA GLN H 195 -14.06 -22.90 0.69
C GLN H 195 -12.88 -21.93 0.72
N VAL H 196 -12.49 -21.51 1.92
CA VAL H 196 -11.29 -20.72 2.12
C VAL H 196 -10.57 -21.23 3.36
N ASP H 197 -9.27 -20.92 3.45
CA ASP H 197 -8.46 -21.28 4.59
C ASP H 197 -8.26 -20.09 5.53
N CYS H 198 -8.27 -20.37 6.82
CA CYS H 198 -7.96 -19.37 7.84
C CYS H 198 -7.04 -20.00 8.87
N PHE H 199 -6.36 -19.15 9.63
CA PHE H 199 -5.34 -19.60 10.57
C PHE H 199 -5.57 -18.97 11.93
N LEU H 200 -5.57 -19.80 12.98
CA LEU H 200 -5.88 -19.34 14.32
C LEU H 200 -4.66 -18.66 14.94
N SER H 201 -4.88 -18.01 16.08
CA SER H 201 -3.85 -17.16 16.66
C SER H 201 -2.81 -17.97 17.44
N ARG H 202 -3.25 -18.65 18.49
CA ARG H 202 -2.36 -19.47 19.31
C ARG H 202 -3.02 -20.80 19.63
N PRO H 203 -3.14 -21.68 18.64
CA PRO H 203 -3.81 -22.98 18.89
C PRO H 203 -3.17 -23.81 19.99
N THR H 204 -1.84 -23.89 20.06
CA THR H 204 -1.25 -24.73 21.10
C THR H 204 -1.51 -24.15 22.48
N GLU H 205 -1.27 -22.85 22.65
CA GLU H 205 -1.53 -22.24 23.95
C GLU H 205 -3.01 -22.32 24.32
N LYS H 206 -3.88 -22.13 23.34
CA LYS H 206 -5.32 -22.27 23.61
C LYS H 206 -5.67 -23.71 23.94
N THR H 207 -5.10 -24.69 23.21
CA THR H 207 -5.38 -26.08 23.53
C THR H 207 -4.88 -26.44 24.92
N ILE H 208 -3.69 -25.95 25.28
CA ILE H 208 -3.14 -26.25 26.60
C ILE H 208 -4.05 -25.71 27.68
N PHE H 209 -4.51 -24.47 27.52
CA PHE H 209 -5.43 -23.90 28.51
C PHE H 209 -6.79 -24.57 28.48
N ILE H 210 -7.24 -25.00 27.29
CA ILE H 210 -8.48 -25.77 27.21
C ILE H 210 -8.34 -27.06 28.01
N ILE H 211 -7.19 -27.72 27.89
CA ILE H 211 -6.96 -28.94 28.67
C ILE H 211 -6.99 -28.63 30.16
N PHE H 212 -6.33 -27.55 30.57
CA PHE H 212 -6.31 -27.21 32.00
C PHE H 212 -7.70 -26.88 32.51
N MET H 213 -8.49 -26.13 31.73
CA MET H 213 -9.86 -25.87 32.13
C MET H 213 -10.65 -27.18 32.19
N LEU H 214 -10.36 -28.12 31.29
CA LEU H 214 -11.06 -29.40 31.30
C LEU H 214 -10.74 -30.18 32.57
N VAL H 215 -9.46 -30.30 32.91
CA VAL H 215 -9.10 -31.10 34.08
C VAL H 215 -9.60 -30.44 35.36
N VAL H 216 -9.57 -29.11 35.42
CA VAL H 216 -10.16 -28.41 36.56
C VAL H 216 -11.65 -28.69 36.64
N SER H 217 -12.32 -28.69 35.49
CA SER H 217 -13.74 -29.01 35.46
C SER H 217 -14.00 -30.42 35.97
N LEU H 218 -13.17 -31.38 35.53
CA LEU H 218 -13.39 -32.77 35.92
C LEU H 218 -13.20 -32.97 37.41
N VAL H 219 -12.12 -32.42 37.98
CA VAL H 219 -11.88 -32.63 39.40
C VAL H 219 -12.92 -31.91 40.24
N SER H 220 -13.39 -30.75 39.78
CA SER H 220 -14.46 -30.06 40.50
C SER H 220 -15.73 -30.90 40.51
N LEU H 221 -16.06 -31.51 39.37
CA LEU H 221 -17.22 -32.40 39.33
C LEU H 221 -17.01 -33.61 40.22
N ALA H 222 -15.80 -34.15 40.25
CA ALA H 222 -15.52 -35.30 41.10
C ALA H 222 -15.71 -34.95 42.57
N LEU H 223 -15.24 -33.77 42.99
CA LEU H 223 -15.42 -33.36 44.38
C LEU H 223 -16.90 -33.22 44.72
N ASN H 224 -17.68 -32.64 43.81
CA ASN H 224 -19.11 -32.50 44.05
C ASN H 224 -19.78 -33.86 44.21
N ILE H 225 -19.40 -34.83 43.36
CA ILE H 225 -19.96 -36.17 43.48
C ILE H 225 -19.56 -36.80 44.80
N ILE H 226 -18.30 -36.59 45.22
CA ILE H 226 -17.85 -37.14 46.50
C ILE H 226 -18.67 -36.59 47.65
N GLU H 227 -18.92 -35.29 47.64
CA GLU H 227 -19.72 -34.68 48.70
C GLU H 227 -21.14 -35.24 48.71
N LEU H 228 -21.72 -35.45 47.52
CA LEU H 228 -23.06 -36.02 47.46
C LEU H 228 -23.09 -37.42 48.06
N PHE H 229 -22.09 -38.25 47.74
CA PHE H 229 -22.03 -39.58 48.34
C PHE H 229 -21.80 -39.50 49.83
N TYR H 230 -20.98 -38.55 50.28
CA TYR H 230 -20.74 -38.38 51.71
C TYR H 230 -22.02 -38.03 52.44
N VAL H 231 -22.83 -37.13 51.87
CA VAL H 231 -24.10 -36.76 52.49
C VAL H 231 -25.04 -37.95 52.50
N PHE H 232 -25.12 -38.68 51.38
CA PHE H 232 -26.01 -39.83 51.32
C PHE H 232 -25.65 -40.88 52.35
N PHE H 233 -24.35 -41.13 52.54
CA PHE H 233 -23.92 -42.03 53.61
C PHE H 233 -24.31 -41.47 54.98
N LYS H 234 -24.13 -40.16 55.17
CA LYS H 234 -24.55 -39.54 56.42
C LYS H 234 -26.06 -39.52 56.58
N GLY H 235 -26.81 -39.60 55.49
CA GLY H 235 -28.26 -39.61 55.56
C GLY H 235 -28.84 -40.96 55.92
N GLY I 2 12.35 -3.61 -65.49
CA GLY I 2 11.17 -4.16 -64.86
C GLY I 2 10.78 -5.53 -65.38
N ASP I 3 10.27 -6.37 -64.49
CA ASP I 3 9.78 -7.70 -64.83
C ASP I 3 8.31 -7.83 -64.46
N TRP I 4 7.54 -6.76 -64.66
CA TRP I 4 6.13 -6.77 -64.34
C TRP I 4 5.36 -7.74 -65.24
N SER I 5 5.73 -7.79 -66.53
CA SER I 5 5.10 -8.75 -67.43
C SER I 5 5.39 -10.18 -67.01
N ALA I 6 6.62 -10.45 -66.58
CA ALA I 6 6.95 -11.79 -66.08
C ALA I 6 6.14 -12.12 -64.84
N LEU I 7 5.97 -11.17 -63.92
CA LEU I 7 5.14 -11.39 -62.75
C LEU I 7 3.70 -11.65 -63.14
N GLY I 8 3.18 -10.87 -64.10
CA GLY I 8 1.80 -11.06 -64.51
C GLY I 8 1.54 -12.41 -65.12
N LYS I 9 2.41 -12.84 -66.04
CA LYS I 9 2.24 -14.14 -66.66
C LYS I 9 2.43 -15.28 -65.65
N LEU I 10 3.33 -15.10 -64.69
CA LEU I 10 3.50 -16.08 -63.63
C LEU I 10 2.22 -16.23 -62.82
N LEU I 11 1.59 -15.10 -62.48
CA LEU I 11 0.33 -15.15 -61.76
C LEU I 11 -0.74 -15.85 -62.58
N ASP I 12 -0.78 -15.58 -63.89
CA ASP I 12 -1.81 -16.17 -64.74
C ASP I 12 -1.69 -17.69 -64.79
N LYS I 13 -0.48 -18.21 -65.03
CA LYS I 13 -0.32 -19.66 -65.10
C LYS I 13 -0.46 -20.32 -63.75
N VAL I 14 -0.19 -19.59 -62.66
CA VAL I 14 -0.46 -20.13 -61.32
C VAL I 14 -1.96 -20.28 -61.11
N GLN I 15 -2.73 -19.24 -61.46
CA GLN I 15 -4.16 -19.24 -61.23
C GLN I 15 -4.94 -19.96 -62.31
N ALA I 16 -4.28 -20.43 -63.38
CA ALA I 16 -4.98 -21.07 -64.47
C ALA I 16 -5.64 -22.39 -64.06
N TYR I 17 -5.22 -22.98 -62.95
CA TYR I 17 -5.76 -24.25 -62.49
C TYR I 17 -6.84 -24.07 -61.42
N SER I 18 -7.59 -22.97 -61.47
CA SER I 18 -8.59 -22.67 -60.46
C SER I 18 -9.88 -22.20 -61.10
N THR I 19 -10.95 -22.25 -60.32
CA THR I 19 -12.27 -21.85 -60.78
C THR I 19 -12.32 -20.35 -61.07
N ALA I 20 -13.28 -19.95 -61.89
CA ALA I 20 -13.39 -18.56 -62.32
C ALA I 20 -13.51 -17.61 -61.14
N GLY I 21 -14.37 -17.93 -60.18
CA GLY I 21 -14.56 -17.11 -59.01
C GLY I 21 -13.83 -17.63 -57.78
N GLY I 22 -13.35 -18.88 -57.86
CA GLY I 22 -12.76 -19.49 -56.69
C GLY I 22 -11.48 -18.80 -56.22
N LYS I 23 -10.58 -18.50 -57.16
CA LYS I 23 -9.28 -17.94 -56.78
C LYS I 23 -9.42 -16.55 -56.18
N VAL I 24 -10.27 -15.72 -56.78
CA VAL I 24 -10.46 -14.37 -56.25
C VAL I 24 -11.10 -14.43 -54.86
N TRP I 25 -12.09 -15.31 -54.68
CA TRP I 25 -12.73 -15.45 -53.38
C TRP I 25 -11.72 -15.89 -52.31
N LEU I 26 -10.85 -16.85 -52.65
CA LEU I 26 -9.83 -17.28 -51.71
C LEU I 26 -8.86 -16.15 -51.38
N SER I 27 -8.44 -15.40 -52.39
CA SER I 27 -7.47 -14.33 -52.16
C SER I 27 -8.06 -13.23 -51.28
N VAL I 28 -9.30 -12.81 -51.57
CA VAL I 28 -9.91 -11.76 -50.76
C VAL I 28 -10.17 -12.26 -49.36
N LEU I 29 -10.55 -13.54 -49.21
CA LEU I 29 -10.74 -14.11 -47.88
C LEU I 29 -9.44 -14.08 -47.10
N PHE I 30 -8.33 -14.46 -47.74
CA PHE I 30 -7.05 -14.50 -47.05
C PHE I 30 -6.63 -13.11 -46.60
N ILE I 31 -6.71 -12.13 -47.48
CA ILE I 31 -6.28 -10.78 -47.13
C ILE I 31 -7.23 -10.18 -46.09
N PHE I 32 -8.53 -10.48 -46.20
CA PHE I 32 -9.48 -10.05 -45.19
C PHE I 32 -9.11 -10.58 -43.82
N ARG I 33 -8.83 -11.88 -43.74
CA ARG I 33 -8.53 -12.49 -42.45
C ARG I 33 -7.24 -11.94 -41.85
N ILE I 34 -6.19 -11.82 -42.67
CA ILE I 34 -4.89 -11.47 -42.12
C ILE I 34 -4.87 -10.03 -41.64
N LEU I 35 -5.46 -9.11 -42.40
CA LEU I 35 -5.48 -7.72 -41.98
C LEU I 35 -6.39 -7.53 -40.76
N LEU I 36 -7.47 -8.31 -40.68
CA LEU I 36 -8.30 -8.29 -39.48
C LEU I 36 -7.50 -8.73 -38.27
N LEU I 37 -6.74 -9.82 -38.42
CA LEU I 37 -5.93 -10.31 -37.30
C LEU I 37 -4.85 -9.29 -36.93
N GLY I 38 -4.24 -8.66 -37.93
CA GLY I 38 -3.18 -7.71 -37.65
C GLY I 38 -3.66 -6.48 -36.91
N THR I 39 -4.87 -6.02 -37.22
CA THR I 39 -5.37 -4.75 -36.70
C THR I 39 -6.30 -4.91 -35.50
N ALA I 40 -7.30 -5.79 -35.60
CA ALA I 40 -8.35 -5.82 -34.59
C ALA I 40 -7.93 -6.59 -33.34
N VAL I 41 -7.65 -7.89 -33.50
CA VAL I 41 -7.47 -8.75 -32.34
C VAL I 41 -6.18 -8.49 -31.61
N GLU I 42 -5.20 -7.84 -32.25
CA GLU I 42 -3.92 -7.61 -31.58
C GLU I 42 -4.11 -6.77 -30.32
N SER I 43 -4.86 -5.68 -30.41
CA SER I 43 -5.12 -4.88 -29.23
C SER I 43 -6.00 -5.61 -28.24
N ALA I 44 -6.94 -6.43 -28.74
CA ALA I 44 -7.85 -7.13 -27.86
C ALA I 44 -7.11 -8.08 -26.93
N TRP I 45 -6.08 -8.76 -27.44
CA TRP I 45 -5.25 -9.61 -26.59
C TRP I 45 -4.03 -8.90 -26.05
N GLY I 46 -4.00 -7.56 -26.12
CA GLY I 46 -2.84 -6.84 -25.62
C GLY I 46 -2.64 -6.97 -24.12
N ASP I 47 -3.74 -7.06 -23.37
CA ASP I 47 -3.71 -7.06 -21.92
C ASP I 47 -4.32 -8.33 -21.35
N GLU I 48 -4.00 -9.47 -21.97
CA GLU I 48 -4.54 -10.75 -21.49
C GLU I 48 -3.99 -11.11 -20.12
N GLN I 49 -2.79 -10.65 -19.79
CA GLN I 49 -2.16 -10.98 -18.51
C GLN I 49 -2.35 -9.87 -17.48
N SER I 50 -2.11 -8.62 -17.87
CA SER I 50 -2.20 -7.52 -16.91
C SER I 50 -3.60 -7.40 -16.34
N ALA I 51 -4.62 -7.59 -17.17
CA ALA I 51 -6.00 -7.51 -16.72
C ALA I 51 -6.49 -8.80 -16.07
N PHE I 52 -5.64 -9.83 -15.98
CA PHE I 52 -6.05 -11.07 -15.34
C PHE I 52 -5.98 -10.91 -13.82
N ARG I 53 -7.12 -11.04 -13.16
CA ARG I 53 -7.25 -10.82 -11.72
C ARG I 53 -8.02 -11.99 -11.10
N CYS I 54 -7.37 -12.72 -10.20
CA CYS I 54 -7.98 -13.82 -9.47
C CYS I 54 -8.32 -13.35 -8.06
N ASN I 55 -9.31 -14.00 -7.46
CA ASN I 55 -9.75 -13.67 -6.10
C ASN I 55 -9.07 -14.58 -5.09
N THR I 56 -7.80 -14.33 -4.86
CA THR I 56 -7.11 -14.95 -3.74
C THR I 56 -5.92 -14.10 -3.32
N GLN I 57 -5.61 -14.17 -2.03
CA GLN I 57 -4.44 -13.51 -1.46
C GLN I 57 -3.19 -14.34 -1.61
N GLN I 58 -3.30 -15.54 -2.16
CA GLN I 58 -2.15 -16.39 -2.36
C GLN I 58 -1.30 -15.82 -3.48
N PRO I 59 -0.07 -15.40 -3.21
CA PRO I 59 0.83 -15.01 -4.28
C PRO I 59 1.19 -16.24 -5.10
N GLY I 60 1.37 -16.05 -6.40
CA GLY I 60 1.62 -17.17 -7.25
C GLY I 60 0.40 -17.91 -7.74
N CYS I 61 -0.81 -17.44 -7.41
CA CYS I 61 -2.00 -18.12 -7.89
C CYS I 61 -2.48 -17.56 -9.23
N GLU I 62 -2.21 -16.28 -9.52
CA GLU I 62 -2.72 -15.66 -10.74
C GLU I 62 -2.28 -16.43 -11.98
N ASN I 63 -0.98 -16.39 -12.27
CA ASN I 63 -0.49 -16.90 -13.54
C ASN I 63 -0.68 -18.41 -13.67
N VAL I 64 -0.54 -19.17 -12.58
CA VAL I 64 -0.76 -20.60 -12.69
C VAL I 64 -2.21 -20.90 -13.03
N CYS I 65 -3.14 -20.13 -12.46
CA CYS I 65 -4.53 -20.22 -12.89
C CYS I 65 -4.71 -19.70 -14.30
N TYR I 66 -4.04 -18.59 -14.63
CA TYR I 66 -4.08 -18.08 -15.99
C TYR I 66 -3.51 -19.11 -16.96
N ASP I 67 -2.37 -19.70 -16.60
CA ASP I 67 -1.75 -20.68 -17.47
C ASP I 67 -2.64 -21.89 -17.65
N LYS I 68 -3.26 -22.37 -16.57
CA LYS I 68 -4.22 -23.45 -16.68
C LYS I 68 -5.41 -23.04 -17.52
N SER I 69 -5.82 -21.77 -17.40
CA SER I 69 -6.93 -21.27 -18.19
C SER I 69 -6.57 -21.20 -19.67
N PHE I 70 -5.35 -20.75 -19.98
CA PHE I 70 -4.94 -20.45 -21.35
C PHE I 70 -3.68 -21.22 -21.73
N PRO I 71 -3.83 -22.49 -22.15
CA PRO I 71 -2.64 -23.21 -22.64
C PRO I 71 -1.96 -22.48 -23.77
N ILE I 72 -2.72 -21.88 -24.68
CA ILE I 72 -2.18 -21.16 -25.82
C ILE I 72 -3.04 -19.93 -26.06
N SER I 73 -2.39 -18.79 -26.30
CA SER I 73 -3.13 -17.58 -26.55
C SER I 73 -3.79 -17.63 -27.93
N HIS I 74 -5.01 -17.08 -28.01
CA HIS I 74 -5.79 -17.20 -29.23
C HIS I 74 -5.12 -16.49 -30.41
N VAL I 75 -4.52 -15.33 -30.17
CA VAL I 75 -3.88 -14.61 -31.26
C VAL I 75 -2.70 -15.41 -31.81
N ARG I 76 -1.86 -15.96 -30.92
CA ARG I 76 -0.75 -16.78 -31.37
C ARG I 76 -1.24 -18.04 -32.05
N PHE I 77 -2.31 -18.63 -31.52
CA PHE I 77 -2.87 -19.84 -32.13
C PHE I 77 -3.37 -19.55 -33.54
N TRP I 78 -4.06 -18.43 -33.72
CA TRP I 78 -4.54 -18.06 -35.05
C TRP I 78 -3.37 -17.73 -35.98
N VAL I 79 -2.31 -17.11 -35.45
CA VAL I 79 -1.12 -16.87 -36.26
C VAL I 79 -0.54 -18.20 -36.72
N LEU I 80 -0.47 -19.18 -35.83
CA LEU I 80 -0.04 -20.51 -36.21
C LEU I 80 -0.97 -21.12 -37.25
N GLN I 81 -2.28 -20.91 -37.09
CA GLN I 81 -3.23 -21.46 -38.05
C GLN I 81 -3.04 -20.85 -39.42
N ILE I 82 -2.95 -19.53 -39.50
CA ILE I 82 -2.87 -18.88 -40.80
C ILE I 82 -1.53 -19.17 -41.47
N ILE I 83 -0.45 -19.23 -40.68
CA ILE I 83 0.86 -19.50 -41.29
C ILE I 83 0.90 -20.94 -41.81
N PHE I 84 0.28 -21.87 -41.09
CA PHE I 84 0.26 -23.26 -41.56
C PHE I 84 -0.61 -23.39 -42.81
N VAL I 85 -1.70 -22.63 -42.88
CA VAL I 85 -2.54 -22.66 -44.07
C VAL I 85 -1.81 -22.05 -45.26
N SER I 86 -1.04 -20.99 -45.02
CA SER I 86 -0.38 -20.29 -46.11
C SER I 86 0.80 -21.08 -46.70
N VAL I 87 1.41 -21.95 -45.90
CA VAL I 87 2.60 -22.67 -46.37
C VAL I 87 2.36 -23.46 -47.66
N PRO I 88 1.28 -24.25 -47.79
CA PRO I 88 1.09 -24.97 -49.06
C PRO I 88 1.03 -24.07 -50.29
N THR I 89 0.40 -22.90 -50.16
CA THR I 89 0.35 -21.98 -51.30
C THR I 89 1.74 -21.51 -51.70
N LEU I 90 2.57 -21.15 -50.71
CA LEU I 90 3.92 -20.72 -51.01
C LEU I 90 4.74 -21.85 -51.62
N LEU I 91 4.55 -23.08 -51.12
CA LEU I 91 5.23 -24.23 -51.70
C LEU I 91 4.82 -24.42 -53.16
N TYR I 92 3.52 -24.32 -53.45
CA TYR I 92 3.07 -24.50 -54.81
C TYR I 92 3.60 -23.40 -55.73
N LEU I 93 3.60 -22.16 -55.25
CA LEU I 93 4.08 -21.04 -56.06
C LEU I 93 5.55 -21.20 -56.41
N ALA I 94 6.39 -21.51 -55.42
CA ALA I 94 7.81 -21.71 -55.68
C ALA I 94 8.02 -22.89 -56.61
N HIS I 95 7.29 -23.98 -56.39
CA HIS I 95 7.49 -25.18 -57.18
C HIS I 95 7.14 -24.94 -58.65
N VAL I 96 6.01 -24.28 -58.92
CA VAL I 96 5.65 -24.00 -60.31
C VAL I 96 6.61 -22.98 -60.91
N PHE I 97 7.10 -22.04 -60.10
CA PHE I 97 8.10 -21.09 -60.60
C PHE I 97 9.38 -21.81 -61.02
N TYR I 98 9.84 -22.76 -60.21
CA TYR I 98 11.02 -23.52 -60.58
C TYR I 98 10.76 -24.39 -61.81
N VAL I 99 9.55 -24.93 -61.93
CA VAL I 99 9.20 -25.72 -63.11
C VAL I 99 9.24 -24.85 -64.35
N MET I 100 8.70 -23.64 -64.26
CA MET I 100 8.74 -22.73 -65.40
C MET I 100 10.17 -22.34 -65.77
N ARG I 101 11.00 -22.05 -64.76
CA ARG I 101 12.38 -21.67 -65.04
C ARG I 101 13.15 -22.81 -65.71
N LYS I 102 12.97 -24.04 -65.21
CA LYS I 102 13.63 -25.18 -65.83
C LYS I 102 13.09 -25.44 -67.23
N GLU I 103 11.78 -25.28 -67.42
CA GLU I 103 11.21 -25.42 -68.75
C GLU I 103 11.74 -24.36 -69.71
N GLU I 104 12.05 -23.16 -69.19
CA GLU I 104 12.52 -22.08 -70.05
C GLU I 104 13.83 -22.45 -70.72
N LYS I 105 14.76 -23.07 -69.98
CA LYS I 105 16.05 -23.45 -70.53
C LYS I 105 15.93 -24.76 -71.30
N LEU I 151 1.91 -31.12 -62.50
CA LEU I 151 1.72 -30.11 -61.47
C LEU I 151 0.34 -30.20 -60.84
N LEU I 152 -0.60 -30.80 -61.57
CA LEU I 152 -1.95 -30.96 -61.05
C LEU I 152 -1.96 -31.83 -59.80
N ARG I 153 -1.15 -32.89 -59.79
CA ARG I 153 -1.04 -33.73 -58.61
C ARG I 153 -0.55 -32.93 -57.41
N THR I 154 0.46 -32.08 -57.63
CA THR I 154 0.94 -31.21 -56.56
C THR I 154 -0.14 -30.23 -56.12
N TYR I 155 -0.94 -29.74 -57.08
CA TYR I 155 -2.02 -28.82 -56.75
C TYR I 155 -3.05 -29.49 -55.85
N ILE I 156 -3.41 -30.74 -56.15
CA ILE I 156 -4.35 -31.46 -55.30
C ILE I 156 -3.75 -31.70 -53.93
N ILE I 157 -2.48 -32.08 -53.87
CA ILE I 157 -1.82 -32.32 -52.59
C ILE I 157 -1.81 -31.05 -51.76
N SER I 158 -1.51 -29.91 -52.38
CA SER I 158 -1.47 -28.65 -51.66
C SER I 158 -2.84 -28.30 -51.08
N ILE I 159 -3.89 -28.45 -51.88
CA ILE I 159 -5.24 -28.15 -51.40
C ILE I 159 -5.62 -29.12 -50.29
N LEU I 160 -5.34 -30.40 -50.47
CA LEU I 160 -5.70 -31.39 -49.46
C LEU I 160 -5.00 -31.12 -48.14
N PHE I 161 -3.70 -30.84 -48.18
CA PHE I 161 -2.97 -30.53 -46.96
C PHE I 161 -3.48 -29.26 -46.31
N LYS I 162 -3.83 -28.26 -47.13
CA LYS I 162 -4.38 -27.03 -46.59
C LYS I 162 -5.68 -27.28 -45.84
N SER I 163 -6.58 -28.05 -46.45
CA SER I 163 -7.84 -28.37 -45.79
C SER I 163 -7.62 -29.19 -44.52
N ILE I 164 -6.72 -30.17 -44.59
CA ILE I 164 -6.47 -31.04 -43.45
C ILE I 164 -5.88 -30.24 -42.29
N PHE I 165 -4.88 -29.40 -42.57
CA PHE I 165 -4.32 -28.56 -41.52
C PHE I 165 -5.37 -27.61 -40.96
N GLU I 166 -6.22 -27.06 -41.82
CA GLU I 166 -7.22 -26.11 -41.37
C GLU I 166 -8.23 -26.77 -40.44
N VAL I 167 -8.79 -27.92 -40.85
CA VAL I 167 -9.78 -28.58 -40.01
C VAL I 167 -9.16 -29.08 -38.72
N ALA I 168 -7.90 -29.52 -38.77
CA ALA I 168 -7.23 -29.95 -37.55
C ALA I 168 -7.06 -28.80 -36.58
N PHE I 169 -6.67 -27.62 -37.08
CA PHE I 169 -6.57 -26.45 -36.21
C PHE I 169 -7.91 -26.09 -35.61
N LEU I 170 -8.98 -26.15 -36.41
CA LEU I 170 -10.31 -25.85 -35.90
C LEU I 170 -10.71 -26.86 -34.82
N LEU I 171 -10.46 -28.14 -35.06
CA LEU I 171 -10.87 -29.17 -34.11
C LEU I 171 -10.12 -29.04 -32.80
N ILE I 172 -8.80 -28.84 -32.86
CA ILE I 172 -8.01 -28.76 -31.63
C ILE I 172 -8.38 -27.50 -30.86
N GLN I 173 -8.70 -26.41 -31.57
CA GLN I 173 -9.14 -25.20 -30.90
C GLN I 173 -10.46 -25.43 -30.17
N TRP I 174 -11.38 -26.14 -30.80
CA TRP I 174 -12.64 -26.48 -30.13
C TRP I 174 -12.40 -27.36 -28.92
N TYR I 175 -11.48 -28.33 -29.04
CA TYR I 175 -11.19 -29.23 -27.92
C TYR I 175 -10.61 -28.47 -26.74
N ILE I 176 -9.74 -27.50 -27.00
CA ILE I 176 -9.05 -26.80 -25.93
C ILE I 176 -9.94 -25.73 -25.32
N TYR I 177 -10.35 -24.75 -26.12
CA TYR I 177 -11.09 -23.60 -25.60
C TYR I 177 -12.57 -23.62 -25.92
N GLY I 178 -13.01 -24.41 -26.89
CA GLY I 178 -14.39 -24.27 -27.29
C GLY I 178 -14.58 -22.96 -28.04
N PHE I 179 -15.83 -22.51 -28.08
CA PHE I 179 -16.19 -21.30 -28.81
C PHE I 179 -16.81 -20.26 -27.90
N SER I 180 -16.45 -20.28 -26.62
CA SER I 180 -17.00 -19.32 -25.67
C SER I 180 -16.01 -19.14 -24.53
N LEU I 181 -16.05 -17.96 -23.91
CA LEU I 181 -15.19 -17.62 -22.79
C LEU I 181 -16.06 -17.11 -21.65
N SER I 182 -16.17 -17.90 -20.60
CA SER I 182 -16.91 -17.47 -19.41
C SER I 182 -16.16 -16.34 -18.71
N ALA I 183 -16.91 -15.35 -18.24
CA ALA I 183 -16.29 -14.23 -17.54
C ALA I 183 -15.65 -14.66 -16.24
N VAL I 184 -16.19 -15.70 -15.60
CA VAL I 184 -15.67 -16.22 -14.33
C VAL I 184 -15.14 -17.62 -14.58
N TYR I 185 -13.89 -17.84 -14.20
CA TYR I 185 -13.22 -19.12 -14.40
C TYR I 185 -12.79 -19.68 -13.05
N THR I 186 -13.25 -20.88 -12.73
CA THR I 186 -12.76 -21.58 -11.55
C THR I 186 -11.44 -22.24 -11.86
N CYS I 187 -10.58 -22.34 -10.84
CA CYS I 187 -9.22 -22.79 -11.04
C CYS I 187 -8.81 -23.75 -9.94
N LYS I 188 -8.25 -24.89 -10.33
CA LYS I 188 -7.66 -25.84 -9.41
C LYS I 188 -6.16 -25.91 -9.68
N ARG I 189 -5.36 -25.60 -8.67
CA ARG I 189 -3.92 -25.70 -8.81
C ARG I 189 -3.30 -25.90 -7.45
N ASP I 190 -2.07 -26.41 -7.45
CA ASP I 190 -1.39 -26.68 -6.19
C ASP I 190 -1.13 -25.43 -5.36
N PRO I 191 -0.56 -24.34 -5.90
CA PRO I 191 -0.34 -23.16 -5.05
C PRO I 191 -1.63 -22.55 -4.52
N CYS I 192 -2.69 -22.56 -5.30
CA CYS I 192 -3.95 -21.97 -4.85
C CYS I 192 -4.66 -22.94 -3.92
N PRO I 193 -5.10 -22.50 -2.74
CA PRO I 193 -5.78 -23.43 -1.83
C PRO I 193 -7.10 -23.87 -2.43
N HIS I 194 -7.19 -25.16 -2.77
CA HIS I 194 -8.38 -25.74 -3.38
C HIS I 194 -8.78 -24.96 -4.63
N GLN I 195 -10.07 -24.71 -4.79
CA GLN I 195 -10.57 -23.96 -5.94
C GLN I 195 -10.46 -22.46 -5.68
N VAL I 196 -10.21 -21.71 -6.75
CA VAL I 196 -10.23 -20.25 -6.68
C VAL I 196 -10.95 -19.71 -7.92
N ASP I 197 -11.41 -18.47 -7.82
CA ASP I 197 -12.07 -17.79 -8.94
C ASP I 197 -11.11 -16.82 -9.61
N CYS I 198 -11.20 -16.74 -10.93
CA CYS I 198 -10.47 -15.76 -11.72
C CYS I 198 -11.41 -15.17 -12.76
N PHE I 199 -11.03 -14.00 -13.28
CA PHE I 199 -11.88 -13.25 -14.19
C PHE I 199 -11.11 -12.85 -15.43
N LEU I 200 -11.69 -13.11 -16.59
CA LEU I 200 -11.00 -12.87 -17.85
C LEU I 200 -11.08 -11.39 -18.22
N SER I 201 -10.31 -11.00 -19.24
CA SER I 201 -10.14 -9.59 -19.55
C SER I 201 -11.32 -9.04 -20.36
N ARG I 202 -11.54 -9.59 -21.55
CA ARG I 202 -12.63 -9.16 -22.43
C ARG I 202 -13.31 -10.38 -23.04
N PRO I 203 -14.06 -11.13 -22.24
CA PRO I 203 -14.71 -12.33 -22.79
C PRO I 203 -15.66 -12.07 -23.95
N THR I 204 -16.47 -11.02 -23.92
CA THR I 204 -17.40 -10.80 -25.02
C THR I 204 -16.64 -10.45 -26.30
N GLU I 205 -15.69 -9.52 -26.21
CA GLU I 205 -14.92 -9.15 -27.39
C GLU I 205 -14.12 -10.34 -27.91
N LYS I 206 -13.55 -11.13 -27.01
CA LYS I 206 -12.84 -12.33 -27.42
C LYS I 206 -13.78 -13.36 -28.04
N THR I 207 -14.97 -13.54 -27.45
CA THR I 207 -15.93 -14.48 -28.05
C THR I 207 -16.37 -14.01 -29.42
N ILE I 208 -16.61 -12.70 -29.57
CA ILE I 208 -17.04 -12.17 -30.86
C ILE I 208 -15.97 -12.43 -31.92
N PHE I 209 -14.71 -12.16 -31.58
CA PHE I 209 -13.64 -12.42 -32.53
C PHE I 209 -13.41 -13.91 -32.74
N ILE I 210 -13.62 -14.73 -31.71
CA ILE I 210 -13.56 -16.17 -31.88
C ILE I 210 -14.61 -16.62 -32.88
N ILE I 211 -15.82 -16.07 -32.78
CA ILE I 211 -16.87 -16.39 -33.74
C ILE I 211 -16.46 -15.99 -35.15
N PHE I 212 -15.91 -14.79 -35.30
CA PHE I 212 -15.51 -14.33 -36.62
C PHE I 212 -14.40 -15.19 -37.20
N MET I 213 -13.42 -15.56 -36.38
CA MET I 213 -12.40 -16.48 -36.85
C MET I 213 -13.00 -17.82 -37.23
N LEU I 214 -14.02 -18.26 -36.48
CA LEU I 214 -14.68 -19.53 -36.79
C LEU I 214 -15.37 -19.47 -38.14
N VAL I 215 -16.15 -18.42 -38.38
CA VAL I 215 -16.91 -18.35 -39.63
C VAL I 215 -15.97 -18.17 -40.82
N VAL I 216 -14.89 -17.41 -40.63
CA VAL I 216 -13.88 -17.30 -41.67
C VAL I 216 -13.25 -18.65 -41.94
N SER I 217 -12.98 -19.42 -40.88
CA SER I 217 -12.44 -20.76 -41.05
C SER I 217 -13.39 -21.64 -41.83
N LEU I 218 -14.69 -21.57 -41.50
CA LEU I 218 -15.67 -22.44 -42.14
C LEU I 218 -15.80 -22.13 -43.62
N VAL I 219 -15.91 -20.84 -43.98
CA VAL I 219 -16.08 -20.49 -45.38
C VAL I 219 -14.82 -20.81 -46.17
N SER I 220 -13.65 -20.63 -45.57
CA SER I 220 -12.41 -21.01 -46.23
C SER I 220 -12.37 -22.50 -46.52
N LEU I 221 -12.79 -23.32 -45.55
CA LEU I 221 -12.87 -24.76 -45.77
C LEU I 221 -13.89 -25.08 -46.85
N ALA I 222 -15.02 -24.38 -46.86
CA ALA I 222 -16.03 -24.63 -47.87
C ALA I 222 -15.50 -24.33 -49.28
N LEU I 223 -14.76 -23.23 -49.42
CA LEU I 223 -14.19 -22.90 -50.73
C LEU I 223 -13.19 -23.96 -51.18
N ASN I 224 -12.37 -24.46 -50.25
CA ASN I 224 -11.42 -25.51 -50.61
C ASN I 224 -12.14 -26.76 -51.07
N ILE I 225 -13.23 -27.14 -50.38
CA ILE I 225 -14.00 -28.30 -50.78
C ILE I 225 -14.62 -28.09 -52.16
N ILE I 226 -15.11 -26.87 -52.41
CA ILE I 226 -15.71 -26.57 -53.71
C ILE I 226 -14.67 -26.73 -54.82
N GLU I 227 -13.47 -26.22 -54.60
CA GLU I 227 -12.41 -26.35 -55.61
C GLU I 227 -12.07 -27.82 -55.85
N LEU I 228 -12.02 -28.62 -54.79
CA LEU I 228 -11.74 -30.04 -54.95
C LEU I 228 -12.81 -30.72 -55.80
N PHE I 229 -14.08 -30.41 -55.54
CA PHE I 229 -15.15 -30.99 -56.35
C PHE I 229 -15.07 -30.48 -57.79
N TYR I 230 -14.72 -29.20 -57.97
CA TYR I 230 -14.58 -28.66 -59.31
C TYR I 230 -13.49 -29.39 -60.09
N VAL I 231 -12.36 -29.66 -59.45
CA VAL I 231 -11.28 -30.38 -60.12
C VAL I 231 -11.71 -31.81 -60.42
N PHE I 232 -12.38 -32.47 -59.48
CA PHE I 232 -12.81 -33.84 -59.71
C PHE I 232 -13.78 -33.93 -60.87
N PHE I 233 -14.70 -32.97 -60.98
CA PHE I 233 -15.57 -32.92 -62.14
C PHE I 233 -14.76 -32.68 -63.41
N LYS I 234 -13.78 -31.79 -63.35
CA LYS I 234 -12.91 -31.56 -64.51
C LYS I 234 -12.03 -32.76 -64.81
N GLY I 235 -11.77 -33.62 -63.82
CA GLY I 235 -10.95 -34.79 -64.02
C GLY I 235 -11.69 -35.94 -64.68
N GLY J 2 7.99 -1.44 -66.24
CA GLY J 2 6.86 -0.81 -65.57
C GLY J 2 5.52 -1.09 -66.25
N ASP J 3 4.48 -1.22 -65.43
CA ASP J 3 3.12 -1.42 -65.91
C ASP J 3 2.22 -0.29 -65.41
N TRP J 4 2.76 0.93 -65.38
CA TRP J 4 1.99 2.08 -64.91
C TRP J 4 0.84 2.39 -65.86
N SER J 5 1.07 2.26 -67.17
CA SER J 5 -0.01 2.47 -68.13
C SER J 5 -1.12 1.44 -67.95
N ALA J 6 -0.74 0.18 -67.70
CA ALA J 6 -1.73 -0.85 -67.43
C ALA J 6 -2.54 -0.53 -66.18
N LEU J 7 -1.86 -0.06 -65.12
CA LEU J 7 -2.56 0.33 -63.91
C LEU J 7 -3.50 1.50 -64.18
N GLY J 8 -3.05 2.48 -64.96
CA GLY J 8 -3.88 3.64 -65.24
C GLY J 8 -5.13 3.28 -66.02
N LYS J 9 -4.98 2.48 -67.07
CA LYS J 9 -6.15 2.07 -67.85
C LYS J 9 -7.08 1.18 -67.04
N LEU J 10 -6.52 0.34 -66.17
CA LEU J 10 -7.37 -0.47 -65.29
C LEU J 10 -8.20 0.41 -64.38
N LEU J 11 -7.59 1.45 -63.82
CA LEU J 11 -8.33 2.38 -62.98
C LEU J 11 -9.43 3.09 -63.77
N ASP J 12 -9.12 3.46 -65.02
CA ASP J 12 -10.10 4.18 -65.83
C ASP J 12 -11.33 3.33 -66.12
N LYS J 13 -11.13 2.08 -66.55
CA LYS J 13 -12.28 1.24 -66.85
C LYS J 13 -13.01 0.79 -65.60
N VAL J 14 -12.33 0.75 -64.45
CA VAL J 14 -13.03 0.49 -63.19
C VAL J 14 -13.93 1.66 -62.84
N GLN J 15 -13.42 2.88 -62.96
CA GLN J 15 -14.18 4.06 -62.57
C GLN J 15 -15.13 4.55 -63.66
N ALA J 16 -15.10 3.93 -64.85
CA ALA J 16 -15.93 4.39 -65.95
C ALA J 16 -17.43 4.23 -65.66
N TYR J 17 -17.79 3.38 -64.70
CA TYR J 17 -19.19 3.13 -64.37
C TYR J 17 -19.67 3.96 -63.18
N SER J 18 -19.12 5.15 -62.99
CA SER J 18 -19.44 5.99 -61.85
C SER J 18 -19.66 7.43 -62.27
N THR J 19 -20.32 8.19 -61.40
CA THR J 19 -20.63 9.59 -61.65
C THR J 19 -19.34 10.41 -61.72
N ALA J 20 -19.45 11.58 -62.36
CA ALA J 20 -18.28 12.42 -62.58
C ALA J 20 -17.62 12.81 -61.26
N GLY J 21 -18.41 13.23 -60.28
CA GLY J 21 -17.88 13.60 -58.99
C GLY J 21 -18.04 12.52 -57.93
N GLY J 22 -18.84 11.51 -58.24
CA GLY J 22 -19.15 10.50 -57.24
C GLY J 22 -17.94 9.69 -56.81
N LYS J 23 -17.15 9.23 -57.78
CA LYS J 23 -16.04 8.33 -57.47
C LYS J 23 -14.96 9.05 -56.67
N VAL J 24 -14.63 10.29 -57.04
CA VAL J 24 -13.63 11.04 -56.30
C VAL J 24 -14.10 11.32 -54.88
N TRP J 25 -15.38 11.70 -54.73
CA TRP J 25 -15.91 11.95 -53.40
C TRP J 25 -15.85 10.69 -52.51
N LEU J 26 -16.20 9.54 -53.08
CA LEU J 26 -16.11 8.30 -52.33
C LEU J 26 -14.66 7.99 -51.94
N SER J 27 -13.73 8.17 -52.87
CA SER J 27 -12.33 7.85 -52.59
C SER J 27 -11.77 8.75 -51.51
N VAL J 28 -12.03 10.05 -51.60
CA VAL J 28 -11.50 10.96 -50.59
C VAL J 28 -12.16 10.72 -49.25
N LEU J 29 -13.45 10.37 -49.25
CA LEU J 29 -14.14 10.03 -48.01
C LEU J 29 -13.50 8.81 -47.37
N PHE J 30 -13.20 7.79 -48.17
CA PHE J 30 -12.63 6.55 -47.63
C PHE J 30 -11.25 6.81 -47.03
N ILE J 31 -10.39 7.53 -47.75
CA ILE J 31 -9.05 7.78 -47.25
C ILE J 31 -9.10 8.70 -46.04
N PHE J 32 -10.01 9.67 -46.05
CA PHE J 32 -10.21 10.55 -44.90
C PHE J 32 -10.57 9.74 -43.67
N ARG J 33 -11.54 8.83 -43.81
CA ARG J 33 -12.00 8.06 -42.66
C ARG J 33 -10.91 7.15 -42.13
N ILE J 34 -10.20 6.44 -43.02
CA ILE J 34 -9.27 5.41 -42.57
C ILE J 34 -8.06 6.04 -41.89
N LEU J 35 -7.54 7.14 -42.44
CA LEU J 35 -6.39 7.78 -41.82
C LEU J 35 -6.78 8.44 -40.51
N LEU J 36 -8.01 8.96 -40.43
CA LEU J 36 -8.50 9.48 -39.15
C LEU J 36 -8.55 8.38 -38.11
N LEU J 37 -9.07 7.21 -38.49
CA LEU J 37 -9.15 6.10 -37.55
C LEU J 37 -7.76 5.63 -37.16
N GLY J 38 -6.83 5.58 -38.10
CA GLY J 38 -5.49 5.10 -37.81
C GLY J 38 -4.74 6.02 -36.85
N THR J 39 -4.96 7.32 -36.97
CA THR J 39 -4.17 8.29 -36.21
C THR J 39 -4.87 8.80 -34.96
N ALA J 40 -6.12 9.23 -35.08
CA ALA J 40 -6.76 9.95 -33.98
C ALA J 40 -7.30 9.00 -32.91
N VAL J 41 -8.24 8.13 -33.28
CA VAL J 41 -8.97 7.37 -32.28
C VAL J 41 -8.13 6.27 -31.66
N GLU J 42 -7.03 5.87 -32.30
CA GLU J 42 -6.22 4.79 -31.75
C GLU J 42 -5.69 5.15 -30.36
N SER J 43 -5.14 6.35 -30.22
CA SER J 43 -4.67 6.79 -28.91
C SER J 43 -5.83 7.00 -27.95
N ALA J 44 -6.96 7.48 -28.46
CA ALA J 44 -8.11 7.75 -27.60
C ALA J 44 -8.59 6.50 -26.90
N TRP J 45 -8.61 5.37 -27.61
CA TRP J 45 -8.97 4.09 -26.99
C TRP J 45 -7.76 3.32 -26.48
N GLY J 46 -6.61 3.98 -26.36
CA GLY J 46 -5.42 3.27 -25.88
C GLY J 46 -5.55 2.80 -24.45
N ASP J 47 -6.24 3.55 -23.61
CA ASP J 47 -6.32 3.29 -22.18
C ASP J 47 -7.76 3.07 -21.75
N GLU J 48 -8.53 2.33 -22.55
CA GLU J 48 -9.92 2.08 -22.21
C GLU J 48 -10.06 1.20 -20.97
N GLN J 49 -9.06 0.35 -20.71
CA GLN J 49 -9.12 -0.55 -19.56
C GLN J 49 -8.34 0.00 -18.37
N SER J 50 -7.12 0.48 -18.59
CA SER J 50 -6.29 0.94 -17.49
C SER J 50 -6.95 2.11 -16.76
N ALA J 51 -7.59 3.01 -17.50
CA ALA J 51 -8.26 4.15 -16.89
C ALA J 51 -9.65 3.81 -16.39
N PHE J 52 -10.11 2.57 -16.54
CA PHE J 52 -11.42 2.18 -16.04
C PHE J 52 -11.36 1.96 -14.53
N ARG J 53 -12.11 2.75 -13.79
CA ARG J 53 -12.09 2.73 -12.32
C ARG J 53 -13.52 2.71 -11.80
N CYS J 54 -13.87 1.63 -11.09
CA CYS J 54 -15.17 1.48 -10.47
C CYS J 54 -15.05 1.77 -8.98
N ASN J 55 -16.16 2.20 -8.38
CA ASN J 55 -16.19 2.51 -6.94
C ASN J 55 -16.71 1.31 -6.16
N THR J 56 -15.84 0.32 -6.02
CA THR J 56 -16.11 -0.77 -5.08
C THR J 56 -14.79 -1.43 -4.68
N GLN J 57 -14.79 -1.93 -3.45
CA GLN J 57 -13.65 -2.69 -2.92
C GLN J 57 -13.71 -4.15 -3.31
N GLN J 58 -14.75 -4.56 -4.02
CA GLN J 58 -14.87 -5.93 -4.47
C GLN J 58 -13.86 -6.18 -5.57
N PRO J 59 -12.89 -7.07 -5.37
CA PRO J 59 -12.02 -7.46 -6.47
C PRO J 59 -12.82 -8.25 -7.49
N GLY J 60 -12.48 -8.08 -8.76
CA GLY J 60 -13.24 -8.73 -9.79
C GLY J 60 -14.47 -7.98 -10.24
N CYS J 61 -14.72 -6.78 -9.72
CA CYS J 61 -15.88 -6.01 -10.17
C CYS J 61 -15.55 -5.11 -11.36
N GLU J 62 -14.30 -4.64 -11.48
CA GLU J 62 -13.94 -3.70 -12.54
C GLU J 62 -14.29 -4.25 -13.91
N ASN J 63 -13.57 -5.29 -14.33
CA ASN J 63 -13.65 -5.75 -15.71
C ASN J 63 -15.03 -6.33 -16.03
N VAL J 64 -15.68 -7.00 -15.09
CA VAL J 64 -17.01 -7.52 -15.38
C VAL J 64 -17.98 -6.37 -15.61
N CYS J 65 -17.85 -5.30 -14.84
CA CYS J 65 -18.62 -4.09 -15.13
C CYS J 65 -18.17 -3.44 -16.41
N TYR J 66 -16.86 -3.40 -16.65
CA TYR J 66 -16.35 -2.88 -17.91
C TYR J 66 -16.85 -3.72 -19.08
N ASP J 67 -16.79 -5.04 -18.93
CA ASP J 67 -17.26 -5.93 -19.99
C ASP J 67 -18.74 -5.75 -20.26
N LYS J 68 -19.53 -5.63 -19.19
CA LYS J 68 -20.96 -5.35 -19.36
C LYS J 68 -21.15 -3.98 -20.00
N SER J 69 -20.29 -3.02 -19.65
CA SER J 69 -20.38 -1.70 -20.24
C SER J 69 -20.03 -1.72 -21.72
N PHE J 70 -18.99 -2.49 -22.10
CA PHE J 70 -18.43 -2.46 -23.44
C PHE J 70 -18.42 -3.84 -24.06
N PRO J 71 -19.53 -4.29 -24.64
CA PRO J 71 -19.50 -5.57 -25.35
C PRO J 71 -18.46 -5.61 -26.43
N ILE J 72 -18.28 -4.51 -27.16
CA ILE J 72 -17.31 -4.42 -28.23
C ILE J 72 -16.67 -3.04 -28.20
N SER J 73 -15.35 -2.99 -28.34
CA SER J 73 -14.69 -1.70 -28.33
C SER J 73 -14.97 -0.93 -29.63
N HIS J 74 -15.11 0.38 -29.49
CA HIS J 74 -15.53 1.19 -30.63
C HIS J 74 -14.51 1.16 -31.76
N VAL J 75 -13.22 1.20 -31.42
CA VAL J 75 -12.20 1.20 -32.45
C VAL J 75 -12.24 -0.11 -33.23
N ARG J 76 -12.32 -1.24 -32.53
CA ARG J 76 -12.42 -2.53 -33.20
C ARG J 76 -13.71 -2.64 -34.01
N PHE J 77 -14.81 -2.11 -33.45
CA PHE J 77 -16.07 -2.13 -34.17
C PHE J 77 -16.00 -1.32 -35.46
N TRP J 78 -15.37 -0.15 -35.41
CA TRP J 78 -15.21 0.65 -36.61
C TRP J 78 -14.27 -0.02 -37.60
N VAL J 79 -13.23 -0.69 -37.10
CA VAL J 79 -12.36 -1.46 -37.99
C VAL J 79 -13.15 -2.53 -38.70
N LEU J 80 -14.02 -3.24 -37.97
CA LEU J 80 -14.91 -4.21 -38.59
C LEU J 80 -15.83 -3.54 -39.60
N GLN J 81 -16.34 -2.36 -39.27
CA GLN J 81 -17.23 -1.66 -40.19
C GLN J 81 -16.52 -1.30 -41.48
N ILE J 82 -15.33 -0.69 -41.37
CA ILE J 82 -14.64 -0.22 -42.57
C ILE J 82 -14.15 -1.40 -43.40
N ILE J 83 -13.70 -2.47 -42.75
CA ILE J 83 -13.22 -3.63 -43.53
C ILE J 83 -14.38 -4.29 -44.25
N PHE J 84 -15.55 -4.36 -43.62
CA PHE J 84 -16.72 -4.94 -44.28
C PHE J 84 -17.19 -4.08 -45.44
N VAL J 85 -17.11 -2.75 -45.28
CA VAL J 85 -17.48 -1.86 -46.37
C VAL J 85 -16.49 -1.97 -47.52
N SER J 86 -15.21 -2.14 -47.21
CA SER J 86 -14.19 -2.17 -48.26
C SER J 86 -14.21 -3.46 -49.07
N VAL J 87 -14.70 -4.56 -48.48
CA VAL J 87 -14.66 -5.85 -49.17
C VAL J 87 -15.37 -5.82 -50.53
N PRO J 88 -16.59 -5.28 -50.66
CA PRO J 88 -17.23 -5.26 -51.99
C PRO J 88 -16.40 -4.56 -53.06
N THR J 89 -15.73 -3.47 -52.70
CA THR J 89 -14.89 -2.78 -53.68
C THR J 89 -13.75 -3.66 -54.15
N LEU J 90 -13.08 -4.34 -53.21
CA LEU J 90 -12.00 -5.23 -53.59
C LEU J 90 -12.50 -6.39 -54.44
N LEU J 91 -13.67 -6.92 -54.11
CA LEU J 91 -14.27 -7.98 -54.92
C LEU J 91 -14.55 -7.49 -56.34
N TYR J 92 -15.10 -6.29 -56.47
CA TYR J 92 -15.39 -5.76 -57.79
C TYR J 92 -14.11 -5.52 -58.59
N LEU J 93 -13.08 -4.97 -57.93
CA LEU J 93 -11.82 -4.69 -58.62
C LEU J 93 -11.18 -5.97 -59.14
N ALA J 94 -11.08 -6.99 -58.30
CA ALA J 94 -10.49 -8.25 -58.74
C ALA J 94 -11.33 -8.88 -59.85
N HIS J 95 -12.65 -8.83 -59.71
CA HIS J 95 -13.52 -9.47 -60.69
C HIS J 95 -13.40 -8.81 -62.07
N VAL J 96 -13.39 -7.47 -62.11
CA VAL J 96 -13.24 -6.80 -63.40
C VAL J 96 -11.83 -7.01 -63.94
N PHE J 97 -10.83 -7.09 -63.06
CA PHE J 97 -9.47 -7.38 -63.52
C PHE J 97 -9.39 -8.76 -64.17
N TYR J 98 -10.03 -9.75 -63.57
CA TYR J 98 -10.05 -11.09 -64.17
C TYR J 98 -10.83 -11.09 -65.47
N VAL J 99 -11.92 -10.31 -65.54
CA VAL J 99 -12.68 -10.21 -66.77
C VAL J 99 -11.83 -9.61 -67.88
N MET J 100 -11.08 -8.56 -67.55
CA MET J 100 -10.20 -7.95 -68.55
C MET J 100 -9.12 -8.91 -69.00
N ARG J 101 -8.51 -9.64 -68.06
CA ARG J 101 -7.45 -10.58 -68.43
C ARG J 101 -7.97 -11.69 -69.33
N LYS J 102 -9.16 -12.23 -69.00
CA LYS J 102 -9.74 -13.27 -69.85
C LYS J 102 -10.14 -12.70 -71.20
N GLU J 103 -10.67 -11.48 -71.23
CA GLU J 103 -11.00 -10.84 -72.50
C GLU J 103 -9.75 -10.60 -73.34
N GLU J 104 -8.61 -10.36 -72.69
CA GLU J 104 -7.37 -10.07 -73.43
C GLU J 104 -6.96 -11.27 -74.28
N LYS J 105 -7.07 -12.47 -73.74
CA LYS J 105 -6.68 -13.68 -74.47
C LYS J 105 -7.81 -14.11 -75.41
N LEU J 151 -21.09 -6.82 -66.19
CA LEU J 151 -20.40 -6.33 -65.01
C LEU J 151 -21.24 -5.31 -64.26
N LEU J 152 -22.19 -4.69 -64.96
CA LEU J 152 -23.06 -3.70 -64.34
C LEU J 152 -23.89 -4.33 -63.23
N ARG J 153 -24.38 -5.55 -63.46
CA ARG J 153 -25.12 -6.25 -62.43
C ARG J 153 -24.26 -6.48 -61.19
N THR J 154 -23.01 -6.88 -61.39
CA THR J 154 -22.10 -7.02 -60.26
C THR J 154 -21.85 -5.68 -59.58
N TYR J 155 -21.78 -4.61 -60.36
CA TYR J 155 -21.57 -3.28 -59.79
C TYR J 155 -22.73 -2.90 -58.89
N ILE J 156 -23.97 -3.16 -59.33
CA ILE J 156 -25.13 -2.86 -58.50
C ILE J 156 -25.13 -3.71 -57.24
N ILE J 157 -24.79 -5.00 -57.38
CA ILE J 157 -24.74 -5.89 -56.22
C ILE J 157 -23.71 -5.39 -55.22
N SER J 158 -22.54 -4.98 -55.70
CA SER J 158 -21.50 -4.50 -54.81
C SER J 158 -21.95 -3.26 -54.04
N ILE J 159 -22.56 -2.31 -54.75
CA ILE J 159 -23.04 -1.10 -54.09
C ILE J 159 -24.13 -1.43 -53.09
N LEU J 160 -25.07 -2.29 -53.49
CA LEU J 160 -26.18 -2.64 -52.61
C LEU J 160 -25.68 -3.33 -51.34
N PHE J 161 -24.77 -4.29 -51.48
CA PHE J 161 -24.21 -4.95 -50.30
C PHE J 161 -23.44 -3.97 -49.43
N LYS J 162 -22.70 -3.05 -50.05
CA LYS J 162 -21.96 -2.06 -49.28
C LYS J 162 -22.91 -1.21 -48.44
N SER J 163 -23.99 -0.72 -49.06
CA SER J 163 -24.96 0.08 -48.32
C SER J 163 -25.64 -0.72 -47.22
N ILE J 164 -26.01 -1.97 -47.53
CA ILE J 164 -26.70 -2.80 -46.55
C ILE J 164 -25.80 -3.09 -45.36
N PHE J 165 -24.55 -3.48 -45.63
CA PHE J 165 -23.61 -3.71 -44.53
C PHE J 165 -23.38 -2.44 -43.73
N GLU J 166 -23.29 -1.29 -44.41
CA GLU J 166 -23.03 -0.04 -43.71
C GLU J 166 -24.18 0.33 -42.79
N VAL J 167 -25.42 0.30 -43.30
CA VAL J 167 -26.55 0.68 -42.47
C VAL J 167 -26.75 -0.33 -41.34
N ALA J 168 -26.48 -1.60 -41.58
CA ALA J 168 -26.57 -2.60 -40.52
C ALA J 168 -25.57 -2.31 -39.40
N PHE J 169 -24.33 -1.98 -39.77
CA PHE J 169 -23.34 -1.63 -38.76
C PHE J 169 -23.77 -0.40 -37.97
N LEU J 170 -24.32 0.61 -38.66
CA LEU J 170 -24.78 1.80 -37.97
C LEU J 170 -25.92 1.47 -37.01
N LEU J 171 -26.87 0.65 -37.46
CA LEU J 171 -28.03 0.34 -36.63
C LEU J 171 -27.63 -0.47 -35.40
N ILE J 172 -26.77 -1.47 -35.57
CA ILE J 172 -26.38 -2.30 -34.44
C ILE J 172 -25.55 -1.49 -33.46
N GLN J 173 -24.74 -0.56 -33.96
CA GLN J 173 -23.97 0.31 -33.08
C GLN J 173 -24.90 1.19 -32.26
N TRP J 174 -25.95 1.73 -32.88
CA TRP J 174 -26.93 2.52 -32.14
C TRP J 174 -27.65 1.67 -31.10
N TYR J 175 -27.98 0.42 -31.46
CA TYR J 175 -28.69 -0.45 -30.52
C TYR J 175 -27.82 -0.76 -29.31
N ILE J 176 -26.52 -0.97 -29.52
CA ILE J 176 -25.65 -1.38 -28.43
C ILE J 176 -25.24 -0.19 -27.58
N TYR J 177 -24.56 0.79 -28.19
CA TYR J 177 -24.00 1.90 -27.43
C TYR J 177 -24.75 3.21 -27.59
N GLY J 178 -25.59 3.33 -28.62
CA GLY J 178 -26.15 4.64 -28.83
C GLY J 178 -25.08 5.58 -29.37
N PHE J 179 -25.33 6.88 -29.21
CA PHE J 179 -24.44 7.91 -29.72
C PHE J 179 -23.93 8.82 -28.60
N SER J 180 -23.85 8.29 -27.38
CA SER J 180 -23.39 9.07 -26.25
C SER J 180 -22.80 8.13 -25.20
N LEU J 181 -21.86 8.66 -24.42
CA LEU J 181 -21.20 7.91 -23.36
C LEU J 181 -21.29 8.71 -22.07
N SER J 182 -22.11 8.24 -21.14
CA SER J 182 -22.20 8.89 -19.83
C SER J 182 -20.91 8.70 -19.06
N ALA J 183 -20.47 9.75 -18.37
CA ALA J 183 -19.25 9.68 -17.59
C ALA J 183 -19.39 8.70 -16.44
N VAL J 184 -20.59 8.53 -15.91
CA VAL J 184 -20.86 7.63 -14.79
C VAL J 184 -21.76 6.51 -15.29
N TYR J 185 -21.32 5.27 -15.08
CA TYR J 185 -22.07 4.10 -15.54
C TYR J 185 -22.41 3.24 -14.33
N THR J 186 -23.69 2.96 -14.15
CA THR J 186 -24.12 2.02 -13.14
C THR J 186 -23.98 0.60 -13.68
N CYS J 187 -23.69 -0.34 -12.78
CA CYS J 187 -23.37 -1.69 -13.19
C CYS J 187 -24.05 -2.70 -12.29
N LYS J 188 -24.71 -3.68 -12.89
CA LYS J 188 -25.29 -4.81 -12.19
C LYS J 188 -24.55 -6.07 -12.62
N ARG J 189 -23.95 -6.77 -11.67
CA ARG J 189 -23.26 -8.01 -11.98
C ARG J 189 -23.22 -8.87 -10.73
N ASP J 190 -23.03 -10.17 -10.93
CA ASP J 190 -22.99 -11.10 -9.80
C ASP J 190 -21.84 -10.82 -8.84
N PRO J 191 -20.59 -10.67 -9.27
CA PRO J 191 -19.52 -10.40 -8.28
C PRO J 191 -19.70 -9.11 -7.54
N CYS J 192 -20.20 -8.07 -8.20
CA CYS J 192 -20.38 -6.78 -7.53
C CYS J 192 -21.64 -6.83 -6.68
N PRO J 193 -21.58 -6.42 -5.41
CA PRO J 193 -22.79 -6.45 -4.58
C PRO J 193 -23.81 -5.46 -5.10
N HIS J 194 -24.92 -5.97 -5.61
CA HIS J 194 -25.99 -5.14 -6.16
C HIS J 194 -25.44 -4.21 -7.24
N GLN J 195 -25.88 -2.95 -7.23
CA GLN J 195 -25.43 -1.97 -8.20
C GLN J 195 -24.11 -1.37 -7.73
N VAL J 196 -23.25 -1.01 -8.70
CA VAL J 196 -22.03 -0.28 -8.42
C VAL J 196 -21.85 0.80 -9.48
N ASP J 197 -21.03 1.80 -9.16
CA ASP J 197 -20.71 2.88 -10.09
C ASP J 197 -19.35 2.67 -10.71
N CYS J 198 -19.23 3.01 -11.99
CA CYS J 198 -17.96 3.00 -12.71
C CYS J 198 -17.86 4.27 -13.54
N PHE J 199 -16.64 4.61 -13.92
CA PHE J 199 -16.38 5.86 -14.62
C PHE J 199 -15.54 5.61 -15.86
N LEU J 200 -15.99 6.16 -16.98
CA LEU J 200 -15.34 5.91 -18.26
C LEU J 200 -14.09 6.78 -18.40
N SER J 201 -13.30 6.49 -19.43
CA SER J 201 -11.97 7.11 -19.54
C SER J 201 -12.05 8.51 -20.14
N ARG J 202 -12.55 8.62 -21.36
CA ARG J 202 -12.68 9.91 -22.05
C ARG J 202 -14.03 9.98 -22.76
N PRO J 203 -15.12 10.11 -22.00
CA PRO J 203 -16.44 10.15 -22.64
C PRO J 203 -16.62 11.27 -23.65
N THR J 204 -16.15 12.49 -23.37
CA THR J 204 -16.36 13.56 -24.34
C THR J 204 -15.58 13.31 -25.62
N GLU J 205 -14.31 12.96 -25.50
CA GLU J 205 -13.51 12.68 -26.68
C GLU J 205 -14.07 11.49 -27.45
N LYS J 206 -14.52 10.46 -26.74
CA LYS J 206 -15.15 9.31 -27.40
C LYS J 206 -16.46 9.71 -28.05
N THR J 207 -17.28 10.53 -27.38
CA THR J 207 -18.53 10.97 -28.00
C THR J 207 -18.26 11.81 -29.23
N ILE J 208 -17.26 12.69 -29.17
CA ILE J 208 -16.94 13.54 -30.32
C ILE J 208 -16.54 12.68 -31.50
N PHE J 209 -15.68 11.68 -31.27
CA PHE J 209 -15.28 10.80 -32.35
C PHE J 209 -16.42 9.90 -32.80
N ILE J 210 -17.29 9.49 -31.88
CA ILE J 210 -18.48 8.75 -32.26
C ILE J 210 -19.35 9.58 -33.21
N ILE J 211 -19.50 10.87 -32.90
CA ILE J 211 -20.25 11.76 -33.78
C ILE J 211 -19.58 11.84 -35.15
N PHE J 212 -18.27 12.01 -35.18
CA PHE J 212 -17.57 12.11 -36.45
C PHE J 212 -17.70 10.84 -37.26
N MET J 213 -17.57 9.67 -36.61
CA MET J 213 -17.79 8.42 -37.32
C MET J 213 -19.23 8.33 -37.83
N LEU J 214 -20.17 8.85 -37.04
CA LEU J 214 -21.57 8.83 -37.46
C LEU J 214 -21.78 9.67 -38.71
N VAL J 215 -21.28 10.90 -38.72
CA VAL J 215 -21.53 11.79 -39.85
C VAL J 215 -20.80 11.27 -41.09
N VAL J 216 -19.60 10.70 -40.91
CA VAL J 216 -18.91 10.07 -42.02
C VAL J 216 -19.73 8.90 -42.55
N SER J 217 -20.31 8.11 -41.65
CA SER J 217 -21.17 7.02 -42.07
C SER J 217 -22.37 7.52 -42.87
N LEU J 218 -23.00 8.59 -42.39
CA LEU J 218 -24.20 9.10 -43.05
C LEU J 218 -23.90 9.61 -44.45
N VAL J 219 -22.83 10.40 -44.60
CA VAL J 219 -22.52 10.96 -45.91
C VAL J 219 -22.08 9.85 -46.87
N SER J 220 -21.37 8.85 -46.37
CA SER J 220 -21.00 7.72 -47.21
C SER J 220 -22.24 6.99 -47.72
N LEU J 221 -23.22 6.78 -46.83
CA LEU J 221 -24.47 6.16 -47.25
C LEU J 221 -25.20 7.04 -48.25
N ALA J 222 -25.18 8.36 -48.04
CA ALA J 222 -25.85 9.27 -48.97
C ALA J 222 -25.22 9.19 -50.36
N LEU J 223 -23.88 9.14 -50.42
CA LEU J 223 -23.22 9.03 -51.71
C LEU J 223 -23.58 7.74 -52.42
N ASN J 224 -23.64 6.63 -51.67
CA ASN J 224 -24.02 5.36 -52.27
C ASN J 224 -25.44 5.42 -52.83
N ILE J 225 -26.36 6.04 -52.10
CA ILE J 225 -27.73 6.18 -52.58
C ILE J 225 -27.76 7.04 -53.83
N ILE J 226 -26.97 8.11 -53.85
CA ILE J 226 -26.92 8.98 -55.02
C ILE J 226 -26.45 8.20 -56.25
N GLU J 227 -25.41 7.40 -56.08
CA GLU J 227 -24.91 6.60 -57.21
C GLU J 227 -25.96 5.61 -57.69
N LEU J 228 -26.70 5.00 -56.77
CA LEU J 228 -27.76 4.08 -57.17
C LEU J 228 -28.83 4.78 -57.99
N PHE J 229 -29.25 5.97 -57.55
CA PHE J 229 -30.22 6.73 -58.32
C PHE J 229 -29.64 7.15 -59.68
N TYR J 230 -28.37 7.53 -59.70
CA TYR J 230 -27.74 7.90 -60.96
C TYR J 230 -27.74 6.74 -61.95
N VAL J 231 -27.42 5.53 -61.47
CA VAL J 231 -27.44 4.36 -62.35
C VAL J 231 -28.86 4.07 -62.81
N PHE J 232 -29.83 4.15 -61.91
CA PHE J 232 -31.21 3.86 -62.29
C PHE J 232 -31.70 4.84 -63.34
N PHE J 233 -31.36 6.12 -63.21
CA PHE J 233 -31.68 7.08 -64.26
C PHE J 233 -30.97 6.73 -65.56
N LYS J 234 -29.70 6.32 -65.47
CA LYS J 234 -28.98 5.89 -66.67
C LYS J 234 -29.52 4.58 -67.23
N GLY J 235 -30.19 3.78 -66.41
CA GLY J 235 -30.76 2.52 -66.87
C GLY J 235 -32.08 2.69 -67.60
N GLY K 2 7.65 3.47 -66.20
CA GLY K 2 7.54 4.64 -65.34
C GLY K 2 6.67 5.75 -65.90
N ASP K 3 5.96 6.43 -65.01
CA ASP K 3 5.13 7.57 -65.36
C ASP K 3 5.59 8.81 -64.61
N TRP K 4 6.91 8.96 -64.46
CA TRP K 4 7.46 10.11 -63.75
C TRP K 4 7.20 11.41 -64.52
N SER K 5 7.30 11.36 -65.85
CA SER K 5 6.99 12.54 -66.65
C SER K 5 5.52 12.93 -66.51
N ALA K 6 4.63 11.94 -66.48
CA ALA K 6 3.21 12.24 -66.26
C ALA K 6 2.98 12.87 -64.90
N LEU K 7 3.66 12.35 -63.86
CA LEU K 7 3.54 12.95 -62.54
C LEU K 7 4.08 14.37 -62.53
N GLY K 8 5.20 14.61 -63.21
CA GLY K 8 5.78 15.94 -63.23
C GLY K 8 4.88 16.96 -63.91
N LYS K 9 4.35 16.59 -65.08
CA LYS K 9 3.46 17.51 -65.79
C LYS K 9 2.17 17.73 -65.02
N LEU K 10 1.67 16.69 -64.34
CA LEU K 10 0.48 16.85 -63.50
C LEU K 10 0.74 17.86 -62.39
N LEU K 11 1.90 17.77 -61.75
CA LEU K 11 2.25 18.72 -60.71
C LEU K 11 2.34 20.13 -61.28
N ASP K 12 2.91 20.28 -62.48
CA ASP K 12 3.08 21.59 -63.08
C ASP K 12 1.74 22.27 -63.35
N LYS K 13 0.81 21.54 -63.98
CA LYS K 13 -0.49 22.14 -64.27
C LYS K 13 -1.33 22.34 -63.03
N VAL K 14 -1.10 21.54 -61.98
CA VAL K 14 -1.76 21.81 -60.70
C VAL K 14 -1.27 23.10 -60.10
N GLN K 15 0.05 23.30 -60.09
CA GLN K 15 0.65 24.46 -59.46
C GLN K 15 0.64 25.68 -60.36
N ALA K 16 0.21 25.56 -61.62
CA ALA K 16 0.25 26.68 -62.54
C ALA K 16 -0.68 27.82 -62.13
N TYR K 17 -1.65 27.55 -61.26
CA TYR K 17 -2.62 28.56 -60.83
C TYR K 17 -2.24 29.18 -59.49
N SER K 18 -0.95 29.27 -59.19
CA SER K 18 -0.49 29.78 -57.91
C SER K 18 0.66 30.76 -58.09
N THR K 19 0.91 31.55 -57.06
CA THR K 19 1.96 32.56 -57.07
C THR K 19 3.33 31.89 -57.15
N ALA K 20 4.32 32.67 -57.60
CA ALA K 20 5.66 32.14 -57.81
C ALA K 20 6.24 31.55 -56.53
N GLY K 21 6.13 32.27 -55.42
CA GLY K 21 6.63 31.79 -54.15
C GLY K 21 5.54 31.21 -53.25
N GLY K 22 4.29 31.44 -53.62
CA GLY K 22 3.19 31.03 -52.75
C GLY K 22 3.10 29.52 -52.57
N LYS K 23 3.18 28.78 -53.68
CA LYS K 23 2.97 27.33 -53.62
C LYS K 23 4.08 26.64 -52.84
N VAL K 24 5.33 27.04 -53.06
CA VAL K 24 6.44 26.45 -52.33
C VAL K 24 6.33 26.76 -50.84
N TRP K 25 5.98 28.00 -50.50
CA TRP K 25 5.82 28.36 -49.10
C TRP K 25 4.73 27.55 -48.42
N LEU K 26 3.60 27.35 -49.11
CA LEU K 26 2.54 26.53 -48.56
C LEU K 26 2.99 25.08 -48.37
N SER K 27 3.69 24.53 -49.36
CA SER K 27 4.12 23.14 -49.28
C SER K 27 5.10 22.93 -48.14
N VAL K 28 6.09 23.82 -48.02
CA VAL K 28 7.07 23.67 -46.94
C VAL K 28 6.42 23.87 -45.60
N LEU K 29 5.46 24.80 -45.51
CA LEU K 29 4.72 25.01 -44.27
C LEU K 29 3.96 23.75 -43.88
N PHE K 30 3.30 23.12 -44.85
CA PHE K 30 2.51 21.93 -44.56
C PHE K 30 3.40 20.79 -44.07
N ILE K 31 4.50 20.53 -44.77
CA ILE K 31 5.38 19.43 -44.38
C ILE K 31 6.06 19.74 -43.05
N PHE K 32 6.42 21.01 -42.84
CA PHE K 32 6.97 21.42 -41.55
C PHE K 32 6.01 21.11 -40.42
N ARG K 33 4.74 21.51 -40.58
CA ARG K 33 3.76 21.33 -39.51
C ARG K 33 3.51 19.85 -39.24
N ILE K 34 3.34 19.05 -40.30
CA ILE K 34 2.91 17.67 -40.10
C ILE K 34 4.03 16.84 -39.47
N LEU K 35 5.27 17.03 -39.91
CA LEU K 35 6.37 16.27 -39.33
C LEU K 35 6.64 16.72 -37.89
N LEU K 36 6.45 18.02 -37.61
CA LEU K 36 6.53 18.48 -36.23
C LEU K 36 5.49 17.80 -35.36
N LEU K 37 4.25 17.72 -35.85
CA LEU K 37 3.19 17.08 -35.08
C LEU K 37 3.49 15.59 -34.90
N GLY K 38 4.00 14.94 -35.94
CA GLY K 38 4.26 13.51 -35.86
C GLY K 38 5.36 13.18 -34.86
N THR K 39 6.38 14.03 -34.76
CA THR K 39 7.56 13.73 -33.97
C THR K 39 7.54 14.37 -32.58
N ALA K 40 7.26 15.66 -32.51
CA ALA K 40 7.47 16.39 -31.25
C ALA K 40 6.31 16.19 -30.28
N VAL K 41 5.10 16.63 -30.67
CA VAL K 41 4.00 16.69 -29.72
C VAL K 41 3.46 15.32 -29.36
N GLU K 42 3.74 14.29 -30.17
CA GLU K 42 3.19 12.97 -29.87
C GLU K 42 3.67 12.47 -28.51
N SER K 43 4.97 12.59 -28.25
CA SER K 43 5.49 12.19 -26.95
C SER K 43 5.01 13.12 -25.85
N ALA K 44 4.86 14.41 -26.17
CA ALA K 44 4.45 15.38 -25.15
C ALA K 44 3.08 15.05 -24.60
N TRP K 45 2.16 14.60 -25.46
CA TRP K 45 0.84 14.18 -24.99
C TRP K 45 0.77 12.68 -24.73
N GLY K 46 1.92 12.01 -24.64
CA GLY K 46 1.89 10.58 -24.40
C GLY K 46 1.32 10.20 -23.04
N ASP K 47 1.55 11.03 -22.04
CA ASP K 47 1.18 10.73 -20.66
C ASP K 47 0.21 11.77 -20.11
N GLU K 48 -0.75 12.19 -20.93
CA GLU K 48 -1.71 13.19 -20.49
C GLU K 48 -2.62 12.66 -19.38
N GLN K 49 -2.84 11.35 -19.35
CA GLN K 49 -3.73 10.75 -18.35
C GLN K 49 -2.95 10.17 -17.17
N SER K 50 -1.88 9.42 -17.45
CA SER K 50 -1.14 8.76 -16.39
C SER K 50 -0.54 9.78 -15.43
N ALA K 51 -0.04 10.90 -15.96
CA ALA K 51 0.54 11.93 -15.13
C ALA K 51 -0.50 12.88 -14.54
N PHE K 52 -1.78 12.66 -14.82
CA PHE K 52 -2.83 13.50 -14.25
C PHE K 52 -3.10 13.08 -12.80
N ARG K 53 -2.86 14.00 -11.87
CA ARG K 53 -2.97 13.72 -10.44
C ARG K 53 -3.76 14.85 -9.78
N CYS K 54 -4.92 14.49 -9.20
CA CYS K 54 -5.75 15.42 -8.47
C CYS K 54 -5.55 15.21 -6.97
N ASN K 55 -5.81 16.27 -6.20
CA ASN K 55 -5.65 16.22 -4.74
C ASN K 55 -7.01 15.92 -4.09
N THR K 56 -7.42 14.67 -4.19
CA THR K 56 -8.54 14.20 -3.40
C THR K 56 -8.46 12.69 -3.23
N GLN K 57 -8.97 12.22 -2.11
CA GLN K 57 -9.06 10.80 -1.81
C GLN K 57 -10.32 10.17 -2.40
N GLN K 58 -11.15 10.97 -3.05
CA GLN K 58 -12.35 10.46 -3.67
C GLN K 58 -11.97 9.66 -4.90
N PRO K 59 -12.23 8.36 -4.93
CA PRO K 59 -12.05 7.60 -6.17
C PRO K 59 -13.07 8.06 -7.20
N GLY K 60 -12.66 8.07 -8.46
CA GLY K 60 -13.53 8.56 -9.49
C GLY K 60 -13.48 10.06 -9.69
N CYS K 61 -12.62 10.77 -8.98
CA CYS K 61 -12.53 12.22 -9.19
C CYS K 61 -11.51 12.59 -10.26
N GLU K 62 -10.47 11.78 -10.45
CA GLU K 62 -9.40 12.13 -11.39
C GLU K 62 -9.95 12.36 -12.78
N ASN K 63 -10.43 11.31 -13.42
CA ASN K 63 -10.78 11.38 -14.84
C ASN K 63 -11.96 12.31 -15.09
N VAL K 64 -12.94 12.37 -14.19
CA VAL K 64 -14.05 13.29 -14.42
C VAL K 64 -13.55 14.74 -14.37
N CYS K 65 -12.61 15.02 -13.47
CA CYS K 65 -11.97 16.33 -13.50
C CYS K 65 -11.09 16.49 -14.71
N TYR K 66 -10.36 15.43 -15.08
CA TYR K 66 -9.57 15.46 -16.30
C TYR K 66 -10.46 15.66 -17.52
N ASP K 67 -11.56 14.93 -17.57
CA ASP K 67 -12.49 15.05 -18.69
C ASP K 67 -13.07 16.45 -18.77
N LYS K 68 -13.46 17.01 -17.62
CA LYS K 68 -13.95 18.38 -17.60
C LYS K 68 -12.83 19.34 -18.00
N SER K 69 -11.60 19.03 -17.61
CA SER K 69 -10.47 19.86 -17.99
C SER K 69 -10.20 19.80 -19.49
N PHE K 70 -10.30 18.60 -20.08
CA PHE K 70 -9.89 18.35 -21.45
C PHE K 70 -11.02 17.76 -22.27
N PRO K 71 -11.93 18.58 -22.79
CA PRO K 71 -12.97 18.03 -23.68
C PRO K 71 -12.38 17.30 -24.86
N ILE K 72 -11.29 17.81 -25.43
CA ILE K 72 -10.65 17.21 -26.58
C ILE K 72 -9.13 17.36 -26.41
N SER K 73 -8.40 16.29 -26.67
CA SER K 73 -6.95 16.36 -26.55
C SER K 73 -6.37 17.20 -27.69
N HIS K 74 -5.32 17.96 -27.35
CA HIS K 74 -4.76 18.91 -28.31
C HIS K 74 -4.18 18.21 -29.53
N VAL K 75 -3.51 17.07 -29.33
CA VAL K 75 -2.91 16.37 -30.45
C VAL K 75 -3.99 15.88 -31.40
N ARG K 76 -5.05 15.28 -30.86
CA ARG K 76 -6.16 14.83 -31.70
C ARG K 76 -6.85 16.00 -32.37
N PHE K 77 -7.01 17.11 -31.64
CA PHE K 77 -7.64 18.29 -32.22
C PHE K 77 -6.82 18.84 -33.38
N TRP K 78 -5.49 18.90 -33.22
CA TRP K 78 -4.65 19.35 -34.30
C TRP K 78 -4.65 18.38 -35.47
N VAL K 79 -4.73 17.07 -35.19
CA VAL K 79 -4.87 16.09 -36.26
C VAL K 79 -6.15 16.34 -37.04
N LEU K 80 -7.24 16.62 -36.33
CA LEU K 80 -8.49 16.98 -36.98
C LEU K 80 -8.33 18.28 -37.78
N GLN K 81 -7.61 19.24 -37.24
CA GLN K 81 -7.40 20.51 -37.94
C GLN K 81 -6.64 20.29 -39.23
N ILE K 82 -5.51 19.57 -39.16
CA ILE K 82 -4.68 19.41 -40.35
C ILE K 82 -5.36 18.54 -41.40
N ILE K 83 -6.10 17.51 -40.96
CA ILE K 83 -6.77 16.66 -41.93
C ILE K 83 -7.90 17.43 -42.62
N PHE K 84 -8.59 18.30 -41.89
CA PHE K 84 -9.65 19.10 -42.50
C PHE K 84 -9.07 20.13 -43.46
N VAL K 85 -7.91 20.69 -43.13
CA VAL K 85 -7.26 21.63 -44.03
C VAL K 85 -6.77 20.93 -45.28
N SER K 86 -6.28 19.69 -45.14
CA SER K 86 -5.70 18.99 -46.28
C SER K 86 -6.76 18.51 -47.26
N VAL K 87 -7.98 18.27 -46.79
CA VAL K 87 -9.02 17.70 -47.66
C VAL K 87 -9.27 18.54 -48.92
N PRO K 88 -9.42 19.88 -48.84
CA PRO K 88 -9.64 20.64 -50.08
C PRO K 88 -8.54 20.48 -51.12
N THR K 89 -7.28 20.39 -50.67
CA THR K 89 -6.19 20.19 -51.63
C THR K 89 -6.33 18.85 -52.34
N LEU K 90 -6.64 17.79 -51.59
CA LEU K 90 -6.81 16.48 -52.20
C LEU K 90 -7.99 16.47 -53.15
N LEU K 91 -9.08 17.15 -52.78
CA LEU K 91 -10.22 17.25 -53.66
C LEU K 91 -9.85 17.96 -54.96
N TYR K 92 -9.11 19.07 -54.86
CA TYR K 92 -8.70 19.79 -56.05
C TYR K 92 -7.79 18.95 -56.94
N LEU K 93 -6.84 18.25 -56.32
CA LEU K 93 -5.90 17.43 -57.09
C LEU K 93 -6.62 16.34 -57.86
N ALA K 94 -7.50 15.60 -57.19
CA ALA K 94 -8.24 14.55 -57.86
C ALA K 94 -9.13 15.13 -58.96
N HIS K 95 -9.79 16.25 -58.68
CA HIS K 95 -10.71 16.83 -59.64
C HIS K 95 -9.98 17.27 -60.91
N VAL K 96 -8.84 17.94 -60.76
CA VAL K 96 -8.09 18.37 -61.94
C VAL K 96 -7.51 17.16 -62.66
N PHE K 97 -7.12 16.13 -61.91
CA PHE K 97 -6.64 14.90 -62.54
C PHE K 97 -7.71 14.25 -63.39
N TYR K 98 -8.95 14.19 -62.88
CA TYR K 98 -10.05 13.63 -63.66
C TYR K 98 -10.37 14.52 -64.86
N VAL K 99 -10.26 15.83 -64.70
CA VAL K 99 -10.48 16.75 -65.82
C VAL K 99 -9.45 16.50 -66.91
N MET K 100 -8.18 16.33 -66.52
CA MET K 100 -7.14 16.07 -67.50
C MET K 100 -7.36 14.73 -68.20
N ARG K 101 -7.74 13.69 -67.45
CA ARG K 101 -7.97 12.39 -68.05
C ARG K 101 -9.13 12.43 -69.05
N LYS K 102 -10.22 13.10 -68.67
CA LYS K 102 -11.34 13.23 -69.60
C LYS K 102 -10.98 14.07 -70.80
N GLU K 103 -10.20 15.14 -70.60
CA GLU K 103 -9.73 15.94 -71.72
C GLU K 103 -8.83 15.14 -72.65
N GLU K 104 -8.07 14.18 -72.09
CA GLU K 104 -7.15 13.40 -72.91
C GLU K 104 -7.89 12.59 -73.96
N LYS K 105 -9.02 11.98 -73.59
CA LYS K 105 -9.80 11.19 -74.53
C LYS K 105 -10.68 12.08 -75.39
N LEU K 151 -11.96 25.50 -63.87
CA LEU K 151 -11.26 24.96 -62.70
C LEU K 151 -10.88 26.07 -61.73
N LEU K 152 -10.79 27.29 -62.23
CA LEU K 152 -10.44 28.42 -61.38
C LEU K 152 -11.49 28.63 -60.30
N ARG K 153 -12.77 28.47 -60.65
CA ARG K 153 -13.82 28.58 -59.66
C ARG K 153 -13.66 27.54 -58.56
N THR K 154 -13.34 26.30 -58.95
CA THR K 154 -13.08 25.27 -57.95
C THR K 154 -11.85 25.61 -57.11
N TYR K 155 -10.84 26.22 -57.74
CA TYR K 155 -9.65 26.62 -57.01
C TYR K 155 -9.98 27.65 -55.94
N ILE K 156 -10.80 28.64 -56.28
CA ILE K 156 -11.21 29.64 -55.30
C ILE K 156 -12.02 29.00 -54.19
N ILE K 157 -12.94 28.09 -54.55
CA ILE K 157 -13.76 27.43 -53.54
C ILE K 157 -12.88 26.63 -52.59
N SER K 158 -11.89 25.91 -53.13
CA SER K 158 -11.00 25.12 -52.29
C SER K 158 -10.23 25.99 -51.31
N ILE K 159 -9.68 27.11 -51.80
CA ILE K 159 -8.94 28.01 -50.92
C ILE K 159 -9.86 28.61 -49.88
N LEU K 160 -11.05 29.05 -50.29
CA LEU K 160 -11.98 29.66 -49.36
C LEU K 160 -12.39 28.69 -48.26
N PHE K 161 -12.73 27.45 -48.63
CA PHE K 161 -13.10 26.45 -47.64
C PHE K 161 -11.93 26.15 -46.72
N LYS K 162 -10.72 26.08 -47.27
CA LYS K 162 -9.54 25.83 -46.45
C LYS K 162 -9.36 26.93 -45.40
N SER K 163 -9.46 28.19 -45.82
CA SER K 163 -9.33 29.28 -44.88
C SER K 163 -10.44 29.27 -43.84
N ILE K 164 -11.68 29.01 -44.28
CA ILE K 164 -12.82 29.02 -43.37
C ILE K 164 -12.69 27.92 -42.33
N PHE K 165 -12.34 26.71 -42.78
CA PHE K 165 -12.14 25.61 -41.83
C PHE K 165 -10.99 25.92 -40.89
N GLU K 166 -9.92 26.53 -41.40
CA GLU K 166 -8.76 26.82 -40.56
C GLU K 166 -9.11 27.84 -39.48
N VAL K 167 -9.74 28.95 -39.85
CA VAL K 167 -10.06 29.97 -38.86
C VAL K 167 -11.10 29.45 -37.87
N ALA K 168 -12.02 28.61 -38.33
CA ALA K 168 -13.00 28.03 -37.42
C ALA K 168 -12.32 27.14 -36.39
N PHE K 169 -11.37 26.31 -36.83
CA PHE K 169 -10.62 25.48 -35.89
C PHE K 169 -9.86 26.33 -34.89
N LEU K 170 -9.23 27.40 -35.36
CA LEU K 170 -8.50 28.29 -34.46
C LEU K 170 -9.44 28.93 -33.45
N LEU K 171 -10.60 29.41 -33.90
CA LEU K 171 -11.52 30.09 -33.01
C LEU K 171 -12.08 29.15 -31.96
N ILE K 172 -12.50 27.95 -32.37
CA ILE K 172 -13.08 27.01 -31.41
C ILE K 172 -12.02 26.54 -30.42
N GLN K 173 -10.77 26.41 -30.86
CA GLN K 173 -9.70 26.05 -29.95
C GLN K 173 -9.48 27.14 -28.92
N TRP K 174 -9.52 28.41 -29.34
CA TRP K 174 -9.41 29.51 -28.40
C TRP K 174 -10.57 29.52 -27.42
N TYR K 175 -11.79 29.25 -27.92
CA TYR K 175 -12.96 29.25 -27.05
C TYR K 175 -12.87 28.16 -25.99
N ILE K 176 -12.36 26.99 -26.36
CA ILE K 176 -12.35 25.86 -25.45
C ILE K 176 -11.17 25.97 -24.48
N TYR K 177 -9.94 25.97 -25.01
CA TYR K 177 -8.75 25.93 -24.16
C TYR K 177 -8.02 27.25 -24.05
N GLY K 178 -8.27 28.19 -24.95
CA GLY K 178 -7.42 29.37 -24.92
C GLY K 178 -6.04 29.01 -25.42
N PHE K 179 -5.07 29.85 -25.05
CA PHE K 179 -3.69 29.70 -25.49
C PHE K 179 -2.74 29.52 -24.31
N SER K 180 -3.23 28.99 -23.20
CA SER K 180 -2.41 28.79 -22.02
C SER K 180 -2.97 27.66 -21.19
N LEU K 181 -2.10 26.99 -20.45
CA LEU K 181 -2.47 25.89 -19.58
C LEU K 181 -1.93 26.15 -18.19
N SER K 182 -2.81 26.45 -17.25
CA SER K 182 -2.40 26.64 -15.86
C SER K 182 -1.95 25.31 -15.27
N ALA K 183 -0.87 25.37 -14.48
CA ALA K 183 -0.36 24.15 -13.86
C ALA K 183 -1.34 23.59 -12.85
N VAL K 184 -2.15 24.44 -12.22
CA VAL K 184 -3.13 24.03 -11.22
C VAL K 184 -4.52 24.32 -11.78
N TYR K 185 -5.38 23.31 -11.81
CA TYR K 185 -6.72 23.42 -12.34
C TYR K 185 -7.72 23.08 -11.25
N THR K 186 -8.62 24.02 -10.97
CA THR K 186 -9.73 23.73 -10.07
C THR K 186 -10.83 22.99 -10.82
N CYS K 187 -11.54 22.13 -10.11
CA CYS K 187 -12.50 21.24 -10.74
C CYS K 187 -13.78 21.17 -9.92
N LYS K 188 -14.92 21.35 -10.60
CA LYS K 188 -16.22 21.15 -10.00
C LYS K 188 -16.89 19.96 -10.69
N ARG K 189 -17.24 18.94 -9.92
CA ARG K 189 -17.93 17.79 -10.48
C ARG K 189 -18.73 17.12 -9.37
N ASP K 190 -19.73 16.34 -9.79
CA ASP K 190 -20.58 15.66 -8.82
C ASP K 190 -19.81 14.66 -7.94
N PRO K 191 -19.01 13.74 -8.48
CA PRO K 191 -18.31 12.81 -7.59
C PRO K 191 -17.33 13.49 -6.64
N CYS K 192 -16.67 14.54 -7.09
CA CYS K 192 -15.71 15.23 -6.23
C CYS K 192 -16.45 16.14 -5.27
N PRO K 193 -16.17 16.08 -3.97
CA PRO K 193 -16.88 16.95 -3.02
C PRO K 193 -16.51 18.40 -3.28
N HIS K 194 -17.50 19.17 -3.74
CA HIS K 194 -17.30 20.59 -4.05
C HIS K 194 -16.14 20.77 -5.04
N GLN K 195 -15.31 21.76 -4.79
CA GLN K 195 -14.16 22.03 -5.66
C GLN K 195 -12.99 21.13 -5.25
N VAL K 196 -12.18 20.75 -6.24
CA VAL K 196 -10.95 20.02 -5.99
C VAL K 196 -9.86 20.59 -6.89
N ASP K 197 -8.60 20.34 -6.52
CA ASP K 197 -7.45 20.76 -7.31
C ASP K 197 -6.88 19.59 -8.09
N CYS K 198 -6.44 19.88 -9.32
CA CYS K 198 -5.75 18.91 -10.15
C CYS K 198 -4.56 19.60 -10.80
N PHE K 199 -3.61 18.80 -11.25
CA PHE K 199 -2.35 19.32 -11.78
C PHE K 199 -2.05 18.69 -13.13
N LEU K 200 -1.71 19.53 -14.10
CA LEU K 200 -1.51 19.06 -15.47
C LEU K 200 -0.12 18.45 -15.62
N SER K 201 0.12 17.80 -16.75
CA SER K 201 1.33 17.01 -16.92
C SER K 201 2.53 17.88 -17.29
N ARG K 202 2.46 18.56 -18.43
CA ARG K 202 3.54 19.43 -18.90
C ARG K 202 2.95 20.72 -19.44
N PRO K 203 2.46 21.59 -18.56
CA PRO K 203 1.84 22.84 -19.05
C PRO K 203 2.78 23.73 -19.86
N THR K 204 4.04 23.88 -19.46
CA THR K 204 4.93 24.75 -20.23
C THR K 204 5.20 24.18 -21.62
N GLU K 205 5.55 22.90 -21.68
CA GLU K 205 5.80 22.28 -22.97
C GLU K 205 4.55 22.30 -23.84
N LYS K 206 3.39 22.04 -23.24
CA LYS K 206 2.14 22.11 -23.98
C LYS K 206 1.85 23.53 -24.43
N THR K 207 2.08 24.52 -23.57
CA THR K 207 1.85 25.91 -23.98
C THR K 207 2.79 26.30 -25.10
N ILE K 208 4.06 25.89 -25.01
CA ILE K 208 5.02 26.22 -26.06
C ILE K 208 4.58 25.65 -27.39
N PHE K 209 4.15 24.39 -27.39
CA PHE K 209 3.68 23.78 -28.63
C PHE K 209 2.36 24.38 -29.08
N ILE K 210 1.50 24.76 -28.14
CA ILE K 210 0.27 25.47 -28.51
C ILE K 210 0.61 26.77 -29.22
N ILE K 211 1.61 27.49 -28.72
CA ILE K 211 2.04 28.72 -29.37
C ILE K 211 2.55 28.44 -30.77
N PHE K 212 3.38 27.39 -30.92
CA PHE K 212 3.91 27.06 -32.23
C PHE K 212 2.81 26.67 -33.20
N MET K 213 1.85 25.87 -32.74
CA MET K 213 0.71 25.55 -33.60
C MET K 213 -0.07 26.80 -33.96
N LEU K 214 -0.17 27.74 -33.01
CA LEU K 214 -0.88 28.99 -33.28
C LEU K 214 -0.19 29.80 -34.37
N VAL K 215 1.13 29.98 -34.24
CA VAL K 215 1.84 30.82 -35.21
C VAL K 215 1.87 30.15 -36.58
N VAL K 216 1.98 28.82 -36.60
CA VAL K 216 1.87 28.10 -37.87
C VAL K 216 0.49 28.30 -38.47
N SER K 217 -0.54 28.26 -37.63
CA SER K 217 -1.90 28.49 -38.12
C SER K 217 -2.03 29.90 -38.71
N LEU K 218 -1.48 30.90 -38.01
CA LEU K 218 -1.61 32.28 -38.46
C LEU K 218 -0.92 32.51 -39.79
N VAL K 219 0.32 32.01 -39.94
CA VAL K 219 1.04 32.25 -41.18
C VAL K 219 0.41 31.49 -42.33
N SER K 220 -0.13 30.29 -42.06
CA SER K 220 -0.84 29.56 -43.09
C SER K 220 -2.07 30.33 -43.56
N LEU K 221 -2.82 30.91 -42.62
CA LEU K 221 -3.97 31.73 -43.00
C LEU K 221 -3.52 32.96 -43.77
N ALA K 222 -2.40 33.57 -43.37
CA ALA K 222 -1.91 34.74 -44.08
C ALA K 222 -1.54 34.39 -45.53
N LEU K 223 -0.89 33.25 -45.74
CA LEU K 223 -0.55 32.85 -47.10
C LEU K 223 -1.80 32.62 -47.94
N ASN K 224 -2.83 31.99 -47.36
CA ASN K 224 -4.07 31.78 -48.10
C ASN K 224 -4.70 33.11 -48.49
N ILE K 225 -4.71 34.08 -47.58
CA ILE K 225 -5.26 35.39 -47.88
C ILE K 225 -4.44 36.06 -48.99
N ILE K 226 -3.12 35.92 -48.94
CA ILE K 226 -2.27 36.51 -49.97
C ILE K 226 -2.60 35.93 -51.33
N GLU K 227 -2.77 34.60 -51.40
CA GLU K 227 -3.11 33.97 -52.68
C GLU K 227 -4.46 34.45 -53.19
N LEU K 228 -5.43 34.62 -52.29
CA LEU K 228 -6.74 35.12 -52.70
C LEU K 228 -6.63 36.52 -53.30
N PHE K 229 -5.86 37.39 -52.65
CA PHE K 229 -5.66 38.74 -53.19
C PHE K 229 -4.91 38.68 -54.52
N TYR K 230 -3.93 37.79 -54.63
CA TYR K 230 -3.19 37.64 -55.88
C TYR K 230 -4.12 37.22 -57.02
N VAL K 231 -5.02 36.28 -56.76
CA VAL K 231 -5.96 35.85 -57.79
C VAL K 231 -6.92 36.98 -58.14
N PHE K 232 -7.41 37.71 -57.13
CA PHE K 232 -8.34 38.80 -57.40
C PHE K 232 -7.69 39.88 -58.25
N PHE K 233 -6.42 40.20 -57.97
CA PHE K 233 -5.70 41.13 -58.83
C PHE K 233 -5.54 40.57 -60.23
N LYS K 234 -5.24 39.27 -60.34
CA LYS K 234 -5.15 38.63 -61.65
C LYS K 234 -6.51 38.53 -62.34
N GLY K 235 -7.60 38.57 -61.58
CA GLY K 235 -8.93 38.50 -62.15
C GLY K 235 -9.41 39.82 -62.71
N GLY L 2 16.02 4.04 -64.67
CA GLY L 2 16.84 3.39 -63.67
C GLY L 2 18.33 3.68 -63.82
N ASP L 3 19.01 3.78 -62.68
CA ASP L 3 20.46 3.97 -62.64
C ASP L 3 21.13 2.82 -61.90
N TRP L 4 20.62 1.61 -62.11
CA TRP L 4 21.18 0.43 -61.45
C TRP L 4 22.60 0.15 -61.94
N SER L 5 22.84 0.34 -63.25
CA SER L 5 24.20 0.15 -63.77
C SER L 5 25.16 1.18 -63.17
N ALA L 6 24.71 2.42 -63.02
CA ALA L 6 25.54 3.43 -62.38
C ALA L 6 25.85 3.06 -60.93
N LEU L 7 24.85 2.55 -60.20
CA LEU L 7 25.08 2.11 -58.84
C LEU L 7 26.06 0.94 -58.81
N GLY L 8 25.92 -0.01 -59.73
CA GLY L 8 26.81 -1.16 -59.75
C GLY L 8 28.25 -0.77 -60.02
N LYS L 9 28.47 0.08 -61.03
CA LYS L 9 29.83 0.50 -61.33
C LYS L 9 30.42 1.35 -60.21
N LEU L 10 29.58 2.15 -59.55
CA LEU L 10 30.05 2.93 -58.40
C LEU L 10 30.53 2.01 -57.29
N LEU L 11 29.76 0.95 -57.02
CA LEU L 11 30.17 -0.02 -56.01
C LEU L 11 31.47 -0.70 -56.40
N ASP L 12 31.63 -1.02 -57.69
CA ASP L 12 32.83 -1.72 -58.13
C ASP L 12 34.09 -0.87 -57.93
N LYS L 13 34.04 0.39 -58.36
CA LYS L 13 35.22 1.25 -58.20
C LYS L 13 35.46 1.64 -56.75
N VAL L 14 34.41 1.64 -55.92
CA VAL L 14 34.63 1.84 -54.48
C VAL L 14 35.36 0.65 -53.88
N GLN L 15 34.93 -0.56 -54.22
CA GLN L 15 35.50 -1.77 -53.64
C GLN L 15 36.77 -2.21 -54.35
N ALA L 16 37.17 -1.55 -55.44
CA ALA L 16 38.35 -1.97 -56.19
C ALA L 16 39.64 -1.81 -55.39
N TYR L 17 39.64 -1.02 -54.33
CA TYR L 17 40.83 -0.79 -53.52
C TYR L 17 40.86 -1.67 -52.27
N SER L 18 40.28 -2.86 -52.34
CA SER L 18 40.19 -3.75 -51.18
C SER L 18 40.56 -5.17 -51.56
N THR L 19 40.87 -5.97 -50.55
CA THR L 19 41.26 -7.35 -50.73
C THR L 19 40.09 -8.18 -51.27
N ALA L 20 40.42 -9.31 -51.89
CA ALA L 20 39.41 -10.15 -52.53
C ALA L 20 38.33 -10.57 -51.55
N GLY L 21 38.73 -11.04 -50.37
CA GLY L 21 37.77 -11.46 -49.36
C GLY L 21 37.54 -10.43 -48.27
N GLY L 22 38.40 -9.40 -48.24
CA GLY L 22 38.33 -8.44 -47.16
C GLY L 22 37.03 -7.63 -47.15
N LYS L 23 36.63 -7.12 -48.32
CA LYS L 23 35.47 -6.24 -48.38
C LYS L 23 34.19 -6.98 -48.04
N VAL L 24 34.03 -8.20 -48.55
CA VAL L 24 32.83 -8.98 -48.25
C VAL L 24 32.78 -9.31 -46.76
N TRP L 25 33.92 -9.70 -46.19
CA TRP L 25 33.95 -10.01 -44.76
C TRP L 25 33.58 -8.80 -43.91
N LEU L 26 34.10 -7.62 -44.27
CA LEU L 26 33.72 -6.41 -43.55
C LEU L 26 32.24 -6.10 -43.68
N SER L 27 31.69 -6.24 -44.89
CA SER L 27 30.29 -5.92 -45.11
C SER L 27 29.38 -6.85 -44.33
N VAL L 28 29.66 -8.17 -44.38
CA VAL L 28 28.82 -9.12 -43.65
C VAL L 28 28.97 -8.92 -42.16
N LEU L 29 30.18 -8.58 -41.69
CA LEU L 29 30.37 -8.29 -40.28
C LEU L 29 29.53 -7.10 -39.85
N PHE L 30 29.54 -6.04 -40.66
CA PHE L 30 28.81 -4.83 -40.32
C PHE L 30 27.31 -5.10 -40.25
N ILE L 31 26.77 -5.77 -41.26
CA ILE L 31 25.32 -6.04 -41.27
C ILE L 31 24.96 -7.02 -40.16
N PHE L 32 25.83 -7.99 -39.89
CA PHE L 32 25.62 -8.91 -38.78
C PHE L 32 25.51 -8.15 -37.47
N ARG L 33 26.46 -7.25 -37.21
CA ARG L 33 26.48 -6.52 -35.95
C ARG L 33 25.26 -5.62 -35.80
N ILE L 34 24.92 -4.88 -36.86
CA ILE L 34 23.88 -3.87 -36.72
C ILE L 34 22.51 -4.51 -36.54
N LEU L 35 22.23 -5.58 -37.28
CA LEU L 35 20.93 -6.23 -37.13
C LEU L 35 20.83 -6.95 -35.79
N LEU L 36 21.97 -7.48 -35.30
CA LEU L 36 21.98 -8.06 -33.96
C LEU L 36 21.65 -6.99 -32.92
N LEU L 37 22.27 -5.82 -33.05
CA LEU L 37 21.99 -4.74 -32.10
C LEU L 37 20.55 -4.27 -32.20
N GLY L 38 20.02 -4.19 -33.42
CA GLY L 38 18.66 -3.72 -33.59
C GLY L 38 17.62 -4.66 -33.00
N THR L 39 17.87 -5.97 -33.08
CA THR L 39 16.88 -6.96 -32.69
C THR L 39 17.10 -7.52 -31.29
N ALA L 40 18.32 -7.95 -30.98
CA ALA L 40 18.54 -8.72 -29.75
C ALA L 40 18.65 -7.81 -28.52
N VAL L 41 19.66 -6.95 -28.50
CA VAL L 41 19.99 -6.23 -27.28
C VAL L 41 18.97 -5.14 -26.96
N GLU L 42 18.16 -4.72 -27.93
CA GLU L 42 17.19 -3.65 -27.66
C GLU L 42 16.22 -4.06 -26.56
N SER L 43 15.67 -5.27 -26.67
CA SER L 43 14.76 -5.75 -25.63
C SER L 43 15.52 -6.00 -24.33
N ALA L 44 16.76 -6.47 -24.43
CA ALA L 44 17.53 -6.79 -23.23
C ALA L 44 17.72 -5.56 -22.35
N TRP L 45 17.98 -4.40 -22.96
CA TRP L 45 18.10 -3.16 -22.21
C TRP L 45 16.78 -2.41 -22.12
N GLY L 46 15.65 -3.05 -22.44
CA GLY L 46 14.38 -2.36 -22.39
C GLY L 46 13.98 -1.94 -20.99
N ASP L 47 14.34 -2.74 -19.99
CA ASP L 47 13.91 -2.53 -18.61
C ASP L 47 15.10 -2.33 -17.69
N GLU L 48 16.11 -1.58 -18.14
CA GLU L 48 17.29 -1.35 -17.32
C GLU L 48 16.97 -0.51 -16.08
N GLN L 49 15.94 0.32 -16.15
CA GLN L 49 15.57 1.18 -15.03
C GLN L 49 14.43 0.60 -14.20
N SER L 50 13.38 0.12 -14.86
CA SER L 50 12.22 -0.37 -14.14
C SER L 50 12.58 -1.57 -13.27
N ALA L 51 13.44 -2.45 -13.78
CA ALA L 51 13.87 -3.61 -13.02
C ALA L 51 15.00 -3.31 -12.05
N PHE L 52 15.46 -2.06 -11.98
CA PHE L 52 16.51 -1.71 -11.04
C PHE L 52 15.92 -1.53 -9.64
N ARG L 53 16.36 -2.36 -8.71
CA ARG L 53 15.82 -2.40 -7.34
C ARG L 53 16.98 -2.41 -6.35
N CYS L 54 17.05 -1.36 -5.52
CA CYS L 54 18.06 -1.25 -4.47
C CYS L 54 17.42 -1.60 -3.13
N ASN L 55 18.25 -2.05 -2.20
CA ASN L 55 17.78 -2.43 -0.86
C ASN L 55 17.97 -1.26 0.11
N THR L 56 17.10 -0.26 -0.03
CA THR L 56 17.01 0.77 0.98
C THR L 56 15.64 1.43 0.93
N GLN L 57 15.19 1.89 2.08
CA GLN L 57 13.95 2.62 2.22
C GLN L 57 14.11 4.11 1.92
N GLN L 58 15.34 4.53 1.65
CA GLN L 58 15.60 5.92 1.33
C GLN L 58 15.04 6.22 -0.05
N PRO L 59 14.06 7.10 -0.17
CA PRO L 59 13.63 7.55 -1.49
C PRO L 59 14.74 8.37 -2.13
N GLY L 60 14.86 8.26 -3.45
CA GLY L 60 15.94 8.94 -4.11
C GLY L 60 17.25 8.19 -4.13
N CYS L 61 17.30 6.97 -3.61
CA CYS L 61 18.54 6.22 -3.65
C CYS L 61 18.67 5.36 -4.91
N GLU L 62 17.55 4.92 -5.49
CA GLU L 62 17.60 4.01 -6.63
C GLU L 62 18.40 4.62 -7.78
N ASN L 63 17.87 5.67 -8.38
CA ASN L 63 18.43 6.20 -9.62
C ASN L 63 19.82 6.77 -9.42
N VAL L 64 20.10 7.40 -8.27
CA VAL L 64 21.44 7.92 -8.06
C VAL L 64 22.44 6.78 -7.97
N CYS L 65 22.05 5.67 -7.35
CA CYS L 65 22.88 4.48 -7.39
C CYS L 65 22.92 3.88 -8.78
N TYR L 66 21.77 3.86 -9.47
CA TYR L 66 21.74 3.40 -10.84
C TYR L 66 22.62 4.28 -11.72
N ASP L 67 22.51 5.59 -11.55
CA ASP L 67 23.30 6.52 -12.35
C ASP L 67 24.79 6.33 -12.08
N LYS L 68 25.15 6.17 -10.81
CA LYS L 68 26.55 5.88 -10.48
C LYS L 68 26.97 4.54 -11.06
N SER L 69 26.05 3.57 -11.07
CA SER L 69 26.35 2.27 -11.64
C SER L 69 26.54 2.37 -13.15
N PHE L 70 25.70 3.15 -13.84
CA PHE L 70 25.64 3.17 -15.29
C PHE L 70 25.84 4.59 -15.83
N PRO L 71 27.09 5.05 -15.96
CA PRO L 71 27.30 6.36 -16.58
C PRO L 71 26.70 6.45 -17.96
N ILE L 72 26.80 5.38 -18.75
CA ILE L 72 26.27 5.34 -20.10
C ILE L 72 25.67 3.96 -20.34
N SER L 73 24.49 3.92 -20.94
CA SER L 73 23.86 2.64 -21.22
C SER L 73 24.60 1.93 -22.36
N HIS L 74 24.70 0.60 -22.24
CA HIS L 74 25.50 -0.17 -23.18
C HIS L 74 24.93 -0.08 -24.60
N VAL L 75 23.61 -0.13 -24.74
CA VAL L 75 23.02 -0.07 -26.06
C VAL L 75 23.31 1.27 -26.73
N ARG L 76 23.15 2.36 -25.99
CA ARG L 76 23.46 3.68 -26.54
C ARG L 76 24.95 3.81 -26.83
N PHE L 77 25.79 3.25 -25.95
CA PHE L 77 27.22 3.30 -26.17
C PHE L 77 27.61 2.54 -27.44
N TRP L 78 27.03 1.37 -27.65
CA TRP L 78 27.30 0.61 -28.87
C TRP L 78 26.76 1.33 -30.10
N VAL L 79 25.60 1.99 -29.97
CA VAL L 79 25.10 2.80 -31.08
C VAL L 79 26.08 3.90 -31.42
N LEU L 80 26.63 4.55 -30.40
CA LEU L 80 27.68 5.55 -30.63
C LEU L 80 28.90 4.91 -31.28
N GLN L 81 29.27 3.71 -30.84
CA GLN L 81 30.43 3.05 -31.41
C GLN L 81 30.22 2.74 -32.88
N ILE L 82 29.08 2.15 -33.22
CA ILE L 82 28.86 1.73 -34.60
C ILE L 82 28.68 2.94 -35.51
N ILE L 83 28.02 4.00 -35.02
CA ILE L 83 27.85 5.17 -35.86
C ILE L 83 29.18 5.87 -36.11
N PHE L 84 30.06 5.89 -35.10
CA PHE L 84 31.37 6.50 -35.29
C PHE L 84 32.23 5.67 -36.23
N VAL L 85 32.09 4.35 -36.17
CA VAL L 85 32.85 3.49 -37.09
C VAL L 85 32.32 3.66 -38.52
N SER L 86 31.01 3.83 -38.67
CA SER L 86 30.43 3.90 -40.00
C SER L 86 30.73 5.22 -40.71
N VAL L 87 30.97 6.29 -39.94
CA VAL L 87 31.16 7.61 -40.55
C VAL L 87 32.31 7.63 -41.57
N PRO L 88 33.49 7.09 -41.28
CA PRO L 88 34.56 7.13 -42.31
C PRO L 88 34.17 6.46 -43.62
N THR L 89 33.43 5.36 -43.57
CA THR L 89 33.00 4.72 -44.81
C THR L 89 32.08 5.63 -45.62
N LEU L 90 31.12 6.28 -44.94
CA LEU L 90 30.23 7.18 -45.65
C LEU L 90 30.99 8.37 -46.22
N LEU L 91 31.98 8.88 -45.47
CA LEU L 91 32.81 9.97 -45.97
C LEU L 91 33.56 9.54 -47.23
N TYR L 92 34.15 8.34 -47.20
CA TYR L 92 34.89 7.86 -48.35
C TYR L 92 33.97 7.66 -49.56
N LEU L 93 32.78 7.10 -49.33
CA LEU L 93 31.85 6.85 -50.43
C LEU L 93 31.43 8.15 -51.09
N ALA L 94 31.03 9.14 -50.30
CA ALA L 94 30.62 10.42 -50.87
C ALA L 94 31.79 11.08 -51.59
N HIS L 95 32.98 11.03 -50.99
CA HIS L 95 34.14 11.69 -51.57
C HIS L 95 34.50 11.09 -52.93
N VAL L 96 34.52 9.76 -53.03
CA VAL L 96 34.84 9.14 -54.31
C VAL L 96 33.72 9.37 -55.31
N PHE L 97 32.46 9.44 -54.83
CA PHE L 97 31.35 9.75 -55.73
C PHE L 97 31.50 11.15 -56.31
N TYR L 98 31.88 12.12 -55.48
CA TYR L 98 32.10 13.48 -55.98
C TYR L 98 33.29 13.53 -56.93
N VAL L 99 34.33 12.75 -56.64
CA VAL L 99 35.49 12.69 -57.53
C VAL L 99 35.08 12.14 -58.89
N MET L 100 34.27 11.08 -58.89
CA MET L 100 33.81 10.51 -60.16
C MET L 100 32.93 11.50 -60.93
N ARG L 101 32.03 12.20 -60.23
CA ARG L 101 31.16 13.16 -60.91
C ARG L 101 31.97 14.29 -61.52
N LYS L 102 32.95 14.82 -60.77
CA LYS L 102 33.80 15.88 -61.32
C LYS L 102 34.65 15.36 -62.46
N GLU L 103 35.16 14.13 -62.36
CA GLU L 103 35.92 13.54 -63.45
C GLU L 103 35.05 13.36 -64.69
N GLU L 104 33.75 13.08 -64.50
CA GLU L 104 32.86 12.85 -65.63
C GLU L 104 32.76 14.08 -66.53
N LYS L 105 32.67 15.26 -65.93
CA LYS L 105 32.56 16.49 -66.71
C LYS L 105 33.94 16.96 -67.17
N LEU L 151 43.18 9.21 -54.16
CA LEU L 151 42.11 8.67 -53.31
C LEU L 151 42.65 7.62 -52.35
N LEU L 152 43.78 7.02 -52.71
CA LEU L 152 44.38 6.01 -51.86
C LEU L 152 44.77 6.59 -50.50
N ARG L 153 45.29 7.82 -50.49
CA ARG L 153 45.62 8.47 -49.24
C ARG L 153 44.39 8.64 -48.38
N THR L 154 43.27 9.06 -48.99
CA THR L 154 42.02 9.17 -48.25
C THR L 154 41.56 7.80 -47.75
N TYR L 155 41.77 6.76 -48.55
CA TYR L 155 41.40 5.42 -48.14
C TYR L 155 42.17 4.99 -46.90
N ILE L 156 43.48 5.26 -46.87
CA ILE L 156 44.27 4.92 -45.70
C ILE L 156 43.82 5.73 -44.49
N ILE L 157 43.54 7.01 -44.69
CA ILE L 157 43.09 7.85 -43.59
C ILE L 157 41.77 7.34 -43.03
N SER L 158 40.84 6.95 -43.91
CA SER L 158 39.56 6.44 -43.46
C SER L 158 39.72 5.18 -42.64
N ILE L 159 40.54 4.25 -43.12
CA ILE L 159 40.77 3.01 -42.38
C ILE L 159 41.45 3.28 -41.05
N LEU L 160 42.45 4.16 -41.05
CA LEU L 160 43.17 4.46 -39.83
C LEU L 160 42.25 5.09 -38.79
N PHE L 161 41.44 6.07 -39.21
CA PHE L 161 40.51 6.69 -38.27
C PHE L 161 39.48 5.69 -37.77
N LYS L 162 39.02 4.79 -38.65
CA LYS L 162 38.07 3.77 -38.23
C LYS L 162 38.66 2.88 -37.14
N SER L 163 39.90 2.41 -37.36
CA SER L 163 40.54 1.57 -36.36
C SER L 163 40.79 2.34 -35.06
N ILE L 164 41.23 3.60 -35.17
CA ILE L 164 41.52 4.38 -33.98
C ILE L 164 40.26 4.63 -33.17
N PHE L 165 39.18 5.03 -33.84
CA PHE L 165 37.91 5.23 -33.13
C PHE L 165 37.43 3.93 -32.52
N GLU L 166 37.59 2.81 -33.23
CA GLU L 166 37.11 1.54 -32.73
C GLU L 166 37.86 1.11 -31.47
N VAL L 167 39.20 1.17 -31.51
CA VAL L 167 39.97 0.74 -30.35
C VAL L 167 39.76 1.69 -29.18
N ALA L 168 39.57 2.99 -29.45
CA ALA L 168 39.29 3.93 -28.39
C ALA L 168 37.95 3.62 -27.71
N PHE L 169 36.93 3.30 -28.50
CA PHE L 169 35.65 2.91 -27.92
C PHE L 169 35.78 1.66 -27.08
N LEU L 170 36.53 0.67 -27.57
CA LEU L 170 36.74 -0.55 -26.81
C LEU L 170 37.46 -0.26 -25.50
N LEU L 171 38.51 0.56 -25.55
CA LEU L 171 39.30 0.84 -24.35
C LEU L 171 38.48 1.59 -23.32
N ILE L 172 37.74 2.61 -23.73
CA ILE L 172 36.96 3.40 -22.78
C ILE L 172 35.85 2.55 -22.19
N GLN L 173 35.27 1.65 -22.98
CA GLN L 173 34.25 0.75 -22.47
C GLN L 173 34.84 -0.17 -21.40
N TRP L 174 36.04 -0.68 -21.64
CA TRP L 174 36.70 -1.52 -20.63
C TRP L 174 36.99 -0.71 -19.37
N TYR L 175 37.43 0.54 -19.54
CA TYR L 175 37.76 1.37 -18.38
C TYR L 175 36.52 1.64 -17.54
N ILE L 176 35.38 1.86 -18.18
CA ILE L 176 34.17 2.25 -17.46
C ILE L 176 33.49 1.03 -16.85
N TYR L 177 33.07 0.08 -17.70
CA TYR L 177 32.29 -1.05 -17.24
C TYR L 177 33.07 -2.36 -17.17
N GLY L 178 34.21 -2.45 -17.84
CA GLY L 178 34.82 -3.76 -17.90
C GLY L 178 34.02 -4.68 -18.82
N PHE L 179 34.21 -5.97 -18.63
CA PHE L 179 33.56 -6.99 -19.46
C PHE L 179 32.69 -7.92 -18.63
N SER L 180 32.18 -7.44 -17.50
CA SER L 180 31.36 -8.27 -16.63
C SER L 180 30.42 -7.37 -15.83
N LEU L 181 29.27 -7.92 -15.45
CA LEU L 181 28.29 -7.20 -14.66
C LEU L 181 27.92 -8.06 -13.45
N SER L 182 28.35 -7.63 -12.28
CA SER L 182 27.99 -8.32 -11.04
C SER L 182 26.50 -8.16 -10.77
N ALA L 183 25.86 -9.25 -10.32
CA ALA L 183 24.44 -9.19 -10.02
C ALA L 183 24.14 -8.26 -8.86
N VAL L 184 25.08 -8.12 -7.93
CA VAL L 184 24.93 -7.27 -6.75
C VAL L 184 25.95 -6.13 -6.86
N TYR L 185 25.47 -4.90 -6.77
CA TYR L 185 26.31 -3.71 -6.88
C TYR L 185 26.20 -2.90 -5.61
N THR L 186 27.34 -2.65 -4.97
CA THR L 186 27.37 -1.74 -3.83
C THR L 186 27.42 -0.30 -4.33
N CYS L 187 26.83 0.59 -3.56
CA CYS L 187 26.65 1.97 -4.00
C CYS L 187 26.97 2.94 -2.87
N LYS L 188 27.80 3.93 -3.17
CA LYS L 188 28.08 5.04 -2.26
C LYS L 188 27.53 6.31 -2.88
N ARG L 189 26.62 6.98 -2.18
CA ARG L 189 26.09 8.24 -2.65
C ARG L 189 25.60 9.05 -1.46
N ASP L 190 25.48 10.36 -1.67
CA ASP L 190 25.04 11.24 -0.60
C ASP L 190 23.64 10.92 -0.11
N PRO L 191 22.61 10.81 -0.96
CA PRO L 191 21.27 10.51 -0.42
C PRO L 191 21.19 9.18 0.29
N CYS L 192 21.89 8.16 -0.20
CA CYS L 192 21.83 6.86 0.44
C CYS L 192 22.72 6.85 1.68
N PRO L 193 22.21 6.40 2.83
CA PRO L 193 23.05 6.39 4.03
C PRO L 193 24.19 5.40 3.87
N HIS L 194 25.41 5.94 3.80
CA HIS L 194 26.61 5.11 3.63
C HIS L 194 26.49 4.23 2.39
N GLN L 195 26.90 2.98 2.51
CA GLN L 195 26.82 2.04 1.40
C GLN L 195 25.43 1.42 1.35
N VAL L 196 24.97 1.11 0.13
CA VAL L 196 23.73 0.39 -0.07
C VAL L 196 23.95 -0.66 -1.17
N ASP L 197 23.08 -1.66 -1.20
CA ASP L 197 23.12 -2.70 -2.22
C ASP L 197 22.05 -2.45 -3.27
N CYS L 198 22.40 -2.74 -4.53
CA CYS L 198 21.46 -2.70 -5.64
C CYS L 198 21.67 -3.93 -6.50
N PHE L 199 20.67 -4.26 -7.30
CA PHE L 199 20.68 -5.47 -8.10
C PHE L 199 20.33 -5.16 -9.55
N LEU L 200 21.14 -5.69 -10.46
CA LEU L 200 20.98 -5.37 -11.87
C LEU L 200 19.87 -6.22 -12.48
N SER L 201 19.48 -5.88 -13.71
CA SER L 201 18.30 -6.49 -14.31
C SER L 201 18.60 -7.87 -14.89
N ARG L 202 19.49 -7.94 -15.87
CA ARG L 202 19.87 -9.20 -16.52
C ARG L 202 21.38 -9.25 -16.70
N PRO L 203 22.14 -9.42 -15.61
CA PRO L 203 23.60 -9.44 -15.75
C PRO L 203 24.13 -10.52 -16.67
N THR L 204 23.60 -11.74 -16.63
CA THR L 204 24.13 -12.79 -17.50
C THR L 204 23.86 -12.47 -18.97
N GLU L 205 22.62 -12.11 -19.29
CA GLU L 205 22.29 -11.79 -20.66
C GLU L 205 23.09 -10.57 -21.13
N LYS L 206 23.24 -9.56 -20.27
CA LYS L 206 24.05 -8.41 -20.62
C LYS L 206 25.52 -8.79 -20.78
N THR L 207 26.05 -9.63 -19.90
CA THR L 207 27.44 -10.07 -20.06
C THR L 207 27.63 -10.85 -21.34
N ILE L 208 26.69 -11.73 -21.66
CA ILE L 208 26.79 -12.52 -22.89
C ILE L 208 26.82 -11.61 -24.10
N PHE L 209 25.93 -10.61 -24.14
CA PHE L 209 25.93 -9.69 -25.26
C PHE L 209 27.15 -8.78 -25.25
N ILE L 210 27.65 -8.43 -24.06
CA ILE L 210 28.89 -7.67 -23.97
C ILE L 210 30.02 -8.47 -24.58
N ILE L 211 30.08 -9.77 -24.30
CA ILE L 211 31.10 -10.63 -24.88
C ILE L 211 30.96 -10.66 -26.40
N PHE L 212 29.74 -10.80 -26.90
CA PHE L 212 29.54 -10.86 -28.34
C PHE L 212 29.93 -9.55 -29.00
N MET L 213 29.58 -8.42 -28.40
CA MET L 213 30.02 -7.14 -28.93
C MET L 213 31.54 -7.03 -28.89
N LEU L 214 32.16 -7.60 -27.85
CA LEU L 214 33.61 -7.56 -27.74
C LEU L 214 34.26 -8.36 -28.87
N VAL L 215 33.79 -9.59 -29.11
CA VAL L 215 34.43 -10.42 -30.11
C VAL L 215 34.18 -9.87 -31.51
N VAL L 216 33.00 -9.29 -31.74
CA VAL L 216 32.74 -8.60 -33.00
C VAL L 216 33.69 -7.43 -33.16
N SER L 217 33.90 -6.68 -32.08
CA SER L 217 34.84 -5.57 -32.13
C SER L 217 36.25 -6.05 -32.47
N LEU L 218 36.67 -7.15 -31.84
CA LEU L 218 38.03 -7.63 -32.05
C LEU L 218 38.25 -8.09 -33.49
N VAL L 219 37.31 -8.86 -34.04
CA VAL L 219 37.49 -9.37 -35.39
C VAL L 219 37.40 -8.23 -36.40
N SER L 220 36.56 -7.23 -36.15
CA SER L 220 36.51 -6.07 -37.02
C SER L 220 37.83 -5.33 -37.02
N LEU L 221 38.43 -5.16 -35.84
CA LEU L 221 39.75 -4.53 -35.78
C LEU L 221 40.80 -5.38 -36.49
N ALA L 222 40.71 -6.70 -36.35
CA ALA L 222 41.67 -7.57 -37.01
C ALA L 222 41.57 -7.44 -38.53
N LEU L 223 40.34 -7.38 -39.06
CA LEU L 223 40.18 -7.22 -40.50
C LEU L 223 40.75 -5.89 -40.98
N ASN L 224 40.53 -4.82 -40.21
CA ASN L 224 41.10 -3.53 -40.59
C ASN L 224 42.62 -3.58 -40.62
N ILE L 225 43.23 -4.23 -39.63
CA ILE L 225 44.68 -4.36 -39.60
C ILE L 225 45.16 -5.18 -40.80
N ILE L 226 44.43 -6.24 -41.14
CA ILE L 226 44.81 -7.07 -42.29
C ILE L 226 44.80 -6.24 -43.56
N GLU L 227 43.75 -5.42 -43.75
CA GLU L 227 43.67 -4.58 -44.94
C GLU L 227 44.83 -3.59 -44.99
N LEU L 228 45.19 -3.01 -43.84
CA LEU L 228 46.31 -2.08 -43.80
C LEU L 228 47.60 -2.76 -44.22
N PHE L 229 47.85 -3.97 -43.71
CA PHE L 229 49.04 -4.70 -44.12
C PHE L 229 48.98 -5.07 -45.60
N TYR L 230 47.80 -5.43 -46.09
CA TYR L 230 47.65 -5.75 -47.51
C TYR L 230 47.99 -4.55 -48.39
N VAL L 231 47.52 -3.36 -48.00
CA VAL L 231 47.84 -2.17 -48.77
C VAL L 231 49.33 -1.85 -48.69
N PHE L 232 49.92 -1.98 -47.50
CA PHE L 232 51.35 -1.69 -47.36
C PHE L 232 52.19 -2.63 -48.21
N PHE L 233 51.83 -3.91 -48.26
CA PHE L 233 52.50 -4.83 -49.17
C PHE L 233 52.29 -4.42 -50.62
N LYS L 234 51.07 -4.00 -50.96
CA LYS L 234 50.81 -3.52 -52.32
C LYS L 234 51.51 -2.20 -52.61
N GLY L 235 51.84 -1.43 -51.58
CA GLY L 235 52.52 -0.17 -51.75
C GLY L 235 54.02 -0.31 -51.98
#